data_4PFC
#
_entry.id   4PFC
#
_cell.length_a   78.944
_cell.length_b   115.823
_cell.length_c   123.966
_cell.angle_alpha   90.00
_cell.angle_beta   97.89
_cell.angle_gamma   90.00
#
_symmetry.space_group_name_H-M   'P 1 21 1'
#
loop_
_entity.id
_entity.type
_entity.pdbx_description
1 polymer 'Insulin-degrading enzyme'
2 non-polymer 'methyl [(2S)-2-(5-{5-[4-({(2S)-2-[(3S)-3-amino-2-oxopiperidin-1-yl]-2-cyclohexylacetyl}amino)phenyl]pentyl}-2-fluorophenyl)-3-(quinolin-3-yl)propyl]carbamate'
3 non-polymer 'ZINC ION'
4 water water
#
_entity_poly.entity_id   1
_entity_poly.type   'polypeptide(L)'
_entity_poly.pdbx_seq_one_letter_code
;MGHHHHHHGRAMNNPAIKRIGNHITKSPEDKREYRGLELANGIKVLLISDPTTDKSSAALDVHIGSLSDPPNIAGLSHFL
QHMLFLGTKKYPKENEYSQFLSEHAGSSNAFTSGEHTNYYFDVSHEHLEGALDRFAQFFLSPLFDESAKDREVNAVDSEH
EKNVMNDAWRLFQLEKATGNPKHPFSKFGTGNKYTLETRPNQEGIDVRQELLKFHSAYYSSNLMAVVVLGRESLDDLTNL
VVKLFSEVENKNVPLPEFPEHPFQEEHLKQLYKIVPIKDIRNLYVTFPIPDLQKYYKSNPGHYLGHLIGHEGPGSLLSEL
KSKGWVNTLVGGQKEGARGFMFFIINVDLTEEGLLHVEDIILHMFQYIQKLRAEGPQEWVFQELKDLNAVAFRFKDKERP
RGYTSKIAGILHYYPLEEVLTAEYLLEEFRPDLIEMVLDKLRPENVRVAIVSKSFEGKTDRTEEWYGTQYKQEAIPDEVI
KKWQNADLNGKFKLPTKNEFIPTNFEILPLEKEATPYPALIKDTAMSKLWFKQDDKFFLPKANLNFEFFSPFAYVDPLHS
NMAYLYLELLKDSLNEYAYAAELAGLSYDLQNTIYGMYLSVKGYNDKQPILLKKIIEKMATFEIDEKRFEIIKEAYMRSL
NNFRAEQPHQHAMYYLRLLMTEVAWTKDELKEALDDVTLPRLKAFIPQLLSRLHIEALLHGNITKQAALGIMQMVEDTLI
EHAHTKPLLPSQLVRYREVQLPDRGWFVYQQRNEVHNNSGIEIYYQTDMQSTSENMFLELFAQIISEPAFNTLRTKEQLG
YIVFSGPRRANGIQGLRFIIQSEKPPHYLESRVEAFLITMEKSIEDMTEEAFQKHIQALAIRRLDKPKKLSAESAKYWGE
IISQQYNFDRDNTEVAYLKTLTKEDIIKFYKEMLAVDAPRRHKVSVHVLAREMDSNPVVGEFPAQNDINLSQAPALPQPE
VIQNMTEFKRGLPLFPLVKPHINFMAAKL
;
_entity_poly.pdbx_strand_id   A,B
#
loop_
_chem_comp.id
_chem_comp.type
_chem_comp.name
_chem_comp.formula
2QX non-polymer 'methyl [(2S)-2-(5-{5-[4-({(2S)-2-[(3S)-3-amino-2-oxopiperidin-1-yl]-2-cyclohexylacetyl}amino)phenyl]pentyl}-2-fluorophenyl)-3-(quinolin-3-yl)propyl]carbamate' 'C44 H54 F N5 O4'
ZN non-polymer 'ZINC ION' 'Zn 2'
#
# COMPACT_ATOMS: atom_id res chain seq x y z
N ASN A 13 -50.32 -6.66 56.06
CA ASN A 13 -50.71 -8.03 56.41
C ASN A 13 -49.52 -8.87 56.93
N ASN A 14 -48.40 -8.96 56.15
CA ASN A 14 -47.20 -9.73 56.49
C ASN A 14 -46.43 -9.11 57.67
N PRO A 15 -46.20 -9.86 58.76
CA PRO A 15 -45.49 -9.29 59.93
C PRO A 15 -44.03 -8.95 59.67
N ALA A 16 -43.38 -9.69 58.73
CA ALA A 16 -41.98 -9.50 58.32
C ALA A 16 -41.76 -8.21 57.49
N ILE A 17 -42.85 -7.61 57.00
CA ILE A 17 -42.82 -6.37 56.22
C ILE A 17 -43.23 -5.22 57.13
N LYS A 18 -42.31 -4.28 57.33
CA LYS A 18 -42.54 -3.07 58.13
C LYS A 18 -43.52 -2.16 57.39
N ARG A 19 -43.28 -1.88 56.10
CA ARG A 19 -44.14 -1.00 55.27
C ARG A 19 -43.86 -1.20 53.79
N ILE A 20 -44.91 -1.14 52.95
CA ILE A 20 -44.83 -1.23 51.49
C ILE A 20 -44.93 0.22 51.01
N GLY A 21 -43.97 0.65 50.18
CA GLY A 21 -43.96 1.98 49.61
C GLY A 21 -45.18 2.25 48.76
N ASN A 22 -45.45 3.53 48.48
CA ASN A 22 -46.54 3.90 47.58
C ASN A 22 -45.99 3.69 46.12
N HIS A 23 -46.64 4.31 45.12
CA HIS A 23 -46.25 4.19 43.72
C HIS A 23 -44.79 4.65 43.48
N ILE A 24 -44.01 3.80 42.78
CA ILE A 24 -42.61 4.12 42.45
C ILE A 24 -42.62 4.89 41.15
N THR A 25 -42.38 6.22 41.21
CA THR A 25 -42.34 7.05 40.02
C THR A 25 -41.38 6.45 38.99
N LYS A 26 -41.89 6.19 37.78
CA LYS A 26 -41.11 5.58 36.73
C LYS A 26 -41.34 6.31 35.45
N SER A 27 -40.56 5.99 34.43
CA SER A 27 -40.75 6.64 33.15
C SER A 27 -41.99 6.05 32.45
N PRO A 28 -42.83 6.89 31.79
CA PRO A 28 -43.97 6.34 31.01
C PRO A 28 -43.55 5.34 29.94
N GLU A 29 -42.25 5.40 29.52
CA GLU A 29 -41.67 4.52 28.51
C GLU A 29 -41.23 3.16 29.11
N ASP A 30 -40.98 3.10 30.44
CA ASP A 30 -40.52 1.93 31.18
C ASP A 30 -41.66 0.91 31.40
N LYS A 31 -41.46 -0.32 30.90
CA LYS A 31 -42.45 -1.41 30.95
C LYS A 31 -42.30 -2.29 32.19
N ARG A 32 -41.12 -2.17 32.85
CA ARG A 32 -40.81 -2.87 34.07
C ARG A 32 -41.72 -2.41 35.21
N GLU A 33 -42.03 -3.31 36.13
CA GLU A 33 -42.88 -3.00 37.27
C GLU A 33 -42.05 -2.93 38.54
N TYR A 34 -42.42 -1.98 39.40
CA TYR A 34 -41.64 -1.69 40.58
C TYR A 34 -42.41 -1.77 41.87
N ARG A 35 -41.73 -2.27 42.92
CA ARG A 35 -42.27 -2.30 44.26
C ARG A 35 -41.21 -2.02 45.27
N GLY A 36 -41.46 -1.00 46.07
CA GLY A 36 -40.61 -0.63 47.18
C GLY A 36 -41.25 -1.09 48.48
N LEU A 37 -40.43 -1.52 49.42
CA LEU A 37 -40.86 -1.93 50.76
C LEU A 37 -39.69 -1.88 51.72
N GLU A 38 -40.00 -1.95 53.03
CA GLU A 38 -39.02 -2.03 54.08
C GLU A 38 -39.36 -3.25 54.91
N LEU A 39 -38.39 -4.13 55.14
CA LEU A 39 -38.55 -5.32 55.97
C LEU A 39 -38.51 -4.88 57.46
N ALA A 40 -39.07 -5.73 58.38
CA ALA A 40 -39.12 -5.43 59.82
C ALA A 40 -37.73 -5.34 60.48
N ASN A 41 -36.70 -5.99 59.89
CA ASN A 41 -35.33 -5.91 60.38
C ASN A 41 -34.62 -4.57 59.97
N GLY A 42 -35.29 -3.75 59.13
CA GLY A 42 -34.76 -2.46 58.71
C GLY A 42 -34.23 -2.38 57.29
N ILE A 43 -34.16 -3.52 56.58
CA ILE A 43 -33.71 -3.60 55.19
C ILE A 43 -34.68 -2.86 54.27
N LYS A 44 -34.15 -1.94 53.44
CA LYS A 44 -34.94 -1.20 52.46
C LYS A 44 -34.81 -1.95 51.14
N VAL A 45 -35.96 -2.25 50.50
CA VAL A 45 -36.03 -3.10 49.31
C VAL A 45 -36.64 -2.43 48.07
N LEU A 46 -36.08 -2.72 46.90
CA LEU A 46 -36.70 -2.42 45.62
C LEU A 46 -36.77 -3.68 44.84
N LEU A 47 -37.97 -4.00 44.39
CA LEU A 47 -38.27 -5.18 43.58
C LEU A 47 -38.59 -4.74 42.16
N ILE A 48 -37.93 -5.37 41.18
CA ILE A 48 -38.14 -5.04 39.76
C ILE A 48 -38.56 -6.25 38.99
N SER A 49 -39.80 -6.22 38.50
CA SER A 49 -40.35 -7.30 37.69
C SER A 49 -40.17 -6.95 36.21
N ASP A 50 -39.40 -7.78 35.50
CA ASP A 50 -39.17 -7.62 34.06
C ASP A 50 -39.32 -8.96 33.30
N PRO A 51 -40.56 -9.34 32.88
CA PRO A 51 -40.76 -10.61 32.12
C PRO A 51 -39.95 -10.73 30.82
N THR A 52 -39.45 -9.58 30.34
CA THR A 52 -38.63 -9.41 29.13
C THR A 52 -37.12 -9.76 29.37
N THR A 53 -36.62 -9.61 30.62
CA THR A 53 -35.20 -9.75 30.95
C THR A 53 -34.56 -11.14 30.59
N ASP A 54 -33.36 -11.12 30.00
CA ASP A 54 -32.59 -12.32 29.70
C ASP A 54 -31.78 -12.74 30.93
N LYS A 55 -31.42 -11.76 31.78
CA LYS A 55 -30.68 -11.99 33.03
C LYS A 55 -31.35 -11.36 34.24
N SER A 56 -31.43 -12.12 35.34
CA SER A 56 -32.00 -11.61 36.59
C SER A 56 -30.87 -11.18 37.49
N SER A 57 -31.16 -10.26 38.40
CA SER A 57 -30.11 -9.67 39.20
C SER A 57 -30.55 -9.28 40.57
N ALA A 58 -29.58 -9.21 41.48
CA ALA A 58 -29.79 -8.73 42.84
C ALA A 58 -28.54 -8.11 43.40
N ALA A 59 -28.74 -7.14 44.27
CA ALA A 59 -27.64 -6.44 44.91
C ALA A 59 -27.98 -6.14 46.35
N LEU A 60 -26.96 -6.12 47.21
CA LEU A 60 -27.05 -5.72 48.61
C LEU A 60 -25.98 -4.67 48.86
N ASP A 61 -26.40 -3.56 49.42
CA ASP A 61 -25.52 -2.47 49.75
C ASP A 61 -25.58 -2.20 51.27
N VAL A 62 -24.44 -2.46 51.94
CA VAL A 62 -24.23 -2.25 53.38
C VAL A 62 -23.72 -0.82 53.53
N HIS A 63 -24.40 0.01 54.33
CA HIS A 63 -24.00 1.40 54.51
C HIS A 63 -22.76 1.55 55.44
N ILE A 64 -21.69 0.76 55.19
CA ILE A 64 -20.42 0.78 55.91
C ILE A 64 -19.32 0.58 54.92
N GLY A 65 -18.25 1.35 55.07
CA GLY A 65 -17.08 1.24 54.22
C GLY A 65 -15.82 1.72 54.92
N SER A 66 -14.77 1.87 54.14
CA SER A 66 -13.43 2.34 54.50
C SER A 66 -13.36 3.40 55.61
N LEU A 67 -14.25 4.43 55.60
CA LEU A 67 -14.24 5.49 56.62
C LEU A 67 -14.45 4.96 58.04
N SER A 68 -14.92 3.71 58.14
CA SER A 68 -15.21 3.05 59.39
C SER A 68 -14.13 2.06 59.80
N ASP A 69 -13.08 1.89 58.97
CA ASP A 69 -11.97 0.98 59.26
C ASP A 69 -11.34 1.27 60.63
N PRO A 70 -10.89 0.22 61.36
CA PRO A 70 -10.21 0.48 62.63
C PRO A 70 -8.79 1.01 62.36
N PRO A 71 -8.20 1.79 63.31
CA PRO A 71 -6.82 2.27 63.09
C PRO A 71 -5.75 1.17 62.92
N ASN A 72 -5.98 0.00 63.53
CA ASN A 72 -5.06 -1.15 63.53
C ASN A 72 -4.93 -1.87 62.18
N ILE A 73 -6.00 -1.84 61.35
CA ILE A 73 -6.01 -2.49 60.03
C ILE A 73 -6.65 -1.56 59.00
N ALA A 74 -5.83 -0.87 58.23
CA ALA A 74 -6.32 0.02 57.17
C ALA A 74 -6.69 -0.86 55.98
N GLY A 75 -7.95 -0.78 55.54
CA GLY A 75 -8.46 -1.58 54.44
C GLY A 75 -9.30 -2.77 54.90
N LEU A 76 -9.71 -2.77 56.18
CA LEU A 76 -10.49 -3.87 56.76
C LEU A 76 -11.87 -4.06 56.13
N SER A 77 -12.62 -2.96 55.89
CA SER A 77 -13.95 -3.02 55.26
C SER A 77 -13.86 -3.69 53.88
N HIS A 78 -12.78 -3.35 53.13
CA HIS A 78 -12.49 -3.87 51.81
C HIS A 78 -12.06 -5.32 51.91
N PHE A 79 -11.29 -5.66 52.96
CA PHE A 79 -10.85 -7.05 53.18
C PHE A 79 -12.04 -7.94 53.51
N LEU A 80 -13.00 -7.41 54.32
CA LEU A 80 -14.26 -8.07 54.70
C LEU A 80 -15.02 -8.38 53.41
N GLN A 81 -15.07 -7.40 52.45
CA GLN A 81 -15.75 -7.54 51.15
C GLN A 81 -15.33 -8.83 50.47
N HIS A 82 -14.02 -9.13 50.46
CA HIS A 82 -13.44 -10.33 49.88
C HIS A 82 -13.70 -11.58 50.70
N MET A 83 -13.62 -11.49 52.04
CA MET A 83 -13.76 -12.63 52.94
C MET A 83 -15.19 -13.14 53.15
N LEU A 84 -16.21 -12.25 53.12
CA LEU A 84 -17.63 -12.59 53.36
C LEU A 84 -18.21 -13.64 52.40
N PHE A 85 -17.86 -13.55 51.11
CA PHE A 85 -18.41 -14.42 50.07
C PHE A 85 -17.59 -15.70 49.84
N LEU A 86 -16.99 -16.24 50.93
CA LEU A 86 -16.21 -17.48 50.94
C LEU A 86 -16.78 -18.45 51.97
N GLY A 87 -17.78 -19.23 51.52
CA GLY A 87 -18.43 -20.22 52.36
C GLY A 87 -19.50 -19.69 53.29
N THR A 88 -20.53 -20.51 53.50
CA THR A 88 -21.68 -20.28 54.37
C THR A 88 -22.08 -21.60 55.04
N LYS A 89 -22.83 -21.56 56.17
CA LYS A 89 -23.23 -22.78 56.87
C LYS A 89 -24.13 -23.67 55.97
N LYS A 90 -24.99 -23.05 55.12
CA LYS A 90 -25.87 -23.75 54.17
C LYS A 90 -25.08 -24.26 52.95
N TYR A 91 -24.11 -23.46 52.46
CA TYR A 91 -23.26 -23.83 51.32
C TYR A 91 -21.77 -23.75 51.75
N PRO A 92 -21.27 -24.81 52.43
CA PRO A 92 -19.88 -24.77 52.94
C PRO A 92 -18.80 -24.58 51.88
N LYS A 93 -18.97 -25.18 50.68
CA LYS A 93 -18.02 -25.09 49.57
C LYS A 93 -17.69 -23.62 49.29
N GLU A 94 -16.40 -23.29 49.42
CA GLU A 94 -15.85 -21.94 49.26
C GLU A 94 -16.26 -21.25 47.93
N ASN A 95 -16.17 -21.99 46.80
CA ASN A 95 -16.51 -21.45 45.48
C ASN A 95 -17.93 -21.81 44.98
N GLU A 96 -18.89 -22.06 45.90
CA GLU A 96 -20.28 -22.42 45.53
C GLU A 96 -20.98 -21.34 44.69
N TYR A 97 -21.05 -20.12 45.23
CA TYR A 97 -21.64 -18.92 44.63
C TYR A 97 -21.02 -18.66 43.24
N SER A 98 -19.69 -18.73 43.12
CA SER A 98 -18.92 -18.57 41.89
C SER A 98 -19.28 -19.64 40.84
N GLN A 99 -19.17 -20.94 41.21
CA GLN A 99 -19.49 -22.09 40.34
C GLN A 99 -20.94 -22.05 39.89
N PHE A 100 -21.90 -21.88 40.85
CA PHE A 100 -23.35 -21.80 40.57
C PHE A 100 -23.63 -20.74 39.54
N LEU A 101 -23.08 -19.51 39.74
CA LEU A 101 -23.27 -18.41 38.81
C LEU A 101 -22.67 -18.73 37.44
N SER A 102 -21.43 -19.25 37.40
CA SER A 102 -20.70 -19.65 36.19
C SER A 102 -21.46 -20.73 35.38
N GLU A 103 -22.12 -21.69 36.09
CA GLU A 103 -22.90 -22.79 35.53
C GLU A 103 -24.21 -22.31 34.93
N HIS A 104 -24.69 -21.11 35.34
CA HIS A 104 -25.96 -20.57 34.87
C HIS A 104 -25.85 -19.17 34.25
N ALA A 105 -24.84 -18.96 33.39
CA ALA A 105 -24.56 -17.71 32.63
C ALA A 105 -24.59 -16.42 33.48
N GLY A 106 -24.15 -16.56 34.72
CA GLY A 106 -24.12 -15.45 35.68
C GLY A 106 -22.74 -14.87 35.94
N SER A 107 -22.73 -13.82 36.75
CA SER A 107 -21.53 -13.08 37.12
C SER A 107 -21.78 -12.37 38.41
N SER A 108 -20.68 -12.03 39.11
CA SER A 108 -20.73 -11.38 40.41
C SER A 108 -19.64 -10.38 40.56
N ASN A 109 -19.89 -9.37 41.41
CA ASN A 109 -18.90 -8.40 41.78
C ASN A 109 -19.29 -7.63 43.02
N ALA A 110 -18.32 -6.87 43.54
CA ALA A 110 -18.48 -6.06 44.72
C ALA A 110 -17.54 -4.88 44.72
N PHE A 111 -17.87 -3.85 45.50
CA PHE A 111 -16.98 -2.71 45.70
C PHE A 111 -17.13 -2.20 47.10
N THR A 112 -16.06 -1.62 47.66
CA THR A 112 -16.07 -0.97 48.97
C THR A 112 -15.66 0.47 48.74
N SER A 113 -16.52 1.40 49.14
CA SER A 113 -16.26 2.84 49.08
C SER A 113 -16.03 3.26 50.54
N GLY A 114 -16.08 4.55 50.83
CA GLY A 114 -15.87 5.03 52.19
C GLY A 114 -17.05 4.78 53.10
N GLU A 115 -18.27 4.75 52.53
CA GLU A 115 -19.50 4.60 53.31
C GLU A 115 -20.39 3.43 52.88
N HIS A 116 -19.94 2.63 51.90
CA HIS A 116 -20.76 1.53 51.38
C HIS A 116 -19.92 0.38 50.96
N THR A 117 -20.48 -0.83 51.13
CA THR A 117 -20.00 -2.12 50.62
C THR A 117 -21.17 -2.69 49.80
N ASN A 118 -20.97 -2.83 48.49
CA ASN A 118 -22.03 -3.20 47.56
C ASN A 118 -21.69 -4.51 46.88
N TYR A 119 -22.55 -5.50 47.06
CA TYR A 119 -22.42 -6.87 46.53
C TYR A 119 -23.51 -7.10 45.49
N TYR A 120 -23.14 -7.62 44.32
CA TYR A 120 -24.13 -7.80 43.25
C TYR A 120 -23.85 -9.01 42.36
N PHE A 121 -24.90 -9.46 41.66
CA PHE A 121 -24.80 -10.56 40.73
C PHE A 121 -25.89 -10.46 39.69
N ASP A 122 -25.68 -11.21 38.63
CA ASP A 122 -26.63 -11.43 37.55
C ASP A 122 -26.56 -12.92 37.25
N VAL A 123 -27.64 -13.46 36.69
CA VAL A 123 -27.72 -14.90 36.37
C VAL A 123 -28.80 -15.06 35.33
N SER A 124 -28.87 -16.22 34.64
CA SER A 124 -29.94 -16.54 33.69
C SER A 124 -31.29 -16.43 34.43
N HIS A 125 -32.32 -15.82 33.78
CA HIS A 125 -33.65 -15.58 34.37
C HIS A 125 -34.34 -16.81 35.00
N GLU A 126 -33.92 -18.02 34.62
CA GLU A 126 -34.50 -19.27 35.13
C GLU A 126 -33.90 -19.69 36.47
N HIS A 127 -32.85 -18.98 36.95
CA HIS A 127 -32.12 -19.34 38.17
C HIS A 127 -31.95 -18.23 39.21
N LEU A 128 -32.95 -17.35 39.35
CA LEU A 128 -32.87 -16.26 40.31
C LEU A 128 -32.86 -16.76 41.75
N GLU A 129 -33.80 -17.67 42.08
CA GLU A 129 -33.94 -18.26 43.42
C GLU A 129 -32.67 -18.97 43.91
N GLY A 130 -32.03 -19.77 43.04
CA GLY A 130 -30.82 -20.53 43.35
C GLY A 130 -29.63 -19.64 43.66
N ALA A 131 -29.45 -18.59 42.82
CA ALA A 131 -28.43 -17.55 43.00
C ALA A 131 -28.70 -16.67 44.25
N LEU A 132 -29.94 -16.23 44.41
CA LEU A 132 -30.36 -15.36 45.52
C LEU A 132 -30.26 -16.04 46.88
N ASP A 133 -30.50 -17.36 46.93
CA ASP A 133 -30.39 -18.16 48.15
C ASP A 133 -28.95 -18.18 48.64
N ARG A 134 -27.98 -18.51 47.73
CA ARG A 134 -26.54 -18.55 48.04
C ARG A 134 -26.04 -17.17 48.46
N PHE A 135 -26.54 -16.11 47.78
CA PHE A 135 -26.21 -14.70 48.06
C PHE A 135 -26.66 -14.28 49.48
N ALA A 136 -27.93 -14.59 49.83
CA ALA A 136 -28.55 -14.27 51.13
C ALA A 136 -27.85 -14.99 52.30
N GLN A 137 -27.32 -16.19 52.05
CA GLN A 137 -26.62 -16.99 53.05
C GLN A 137 -25.37 -16.27 53.62
N PHE A 138 -24.80 -15.32 52.87
CA PHE A 138 -23.61 -14.57 53.33
C PHE A 138 -23.97 -13.48 54.35
N PHE A 139 -25.26 -13.16 54.45
CA PHE A 139 -25.77 -12.15 55.36
C PHE A 139 -26.60 -12.84 56.47
N LEU A 140 -26.46 -14.19 56.55
CA LEU A 140 -27.12 -15.02 57.56
C LEU A 140 -26.13 -15.89 58.32
N SER A 141 -25.31 -16.68 57.61
CA SER A 141 -24.36 -17.60 58.24
C SER A 141 -22.98 -17.66 57.55
N PRO A 142 -22.24 -16.52 57.43
CA PRO A 142 -20.90 -16.57 56.78
C PRO A 142 -19.84 -17.33 57.59
N LEU A 143 -18.88 -17.98 56.89
CA LEU A 143 -17.82 -18.78 57.53
C LEU A 143 -16.43 -18.15 57.48
N PHE A 144 -16.13 -17.37 56.42
CA PHE A 144 -14.84 -16.68 56.21
C PHE A 144 -13.71 -17.70 56.24
N ASP A 145 -13.64 -18.59 55.22
CA ASP A 145 -12.69 -19.69 55.09
C ASP A 145 -11.25 -19.27 55.30
N GLU A 146 -10.68 -19.65 56.47
CA GLU A 146 -9.30 -19.35 56.88
C GLU A 146 -8.24 -19.86 55.89
N SER A 147 -8.65 -20.75 54.97
CA SER A 147 -7.86 -21.34 53.88
C SER A 147 -7.68 -20.33 52.73
N ALA A 148 -8.64 -19.41 52.58
CA ALA A 148 -8.64 -18.38 51.53
C ALA A 148 -8.26 -16.96 52.04
N LYS A 149 -7.66 -16.88 53.24
CA LYS A 149 -7.19 -15.66 53.87
C LYS A 149 -6.01 -15.08 53.08
N ASP A 150 -4.93 -15.87 52.88
CA ASP A 150 -3.72 -15.45 52.15
C ASP A 150 -3.97 -15.11 50.69
N ARG A 151 -4.89 -15.84 50.03
CA ARG A 151 -5.20 -15.55 48.62
C ARG A 151 -5.96 -14.23 48.47
N GLU A 152 -6.79 -13.89 49.49
CA GLU A 152 -7.57 -12.66 49.57
C GLU A 152 -6.65 -11.46 49.86
N VAL A 153 -5.69 -11.62 50.80
CA VAL A 153 -4.69 -10.61 51.17
C VAL A 153 -3.90 -10.28 49.89
N ASN A 154 -3.58 -11.32 49.10
CA ASN A 154 -2.84 -11.19 47.84
C ASN A 154 -3.66 -10.52 46.77
N ALA A 155 -4.99 -10.74 46.80
CA ALA A 155 -5.92 -10.16 45.85
C ALA A 155 -6.04 -8.66 46.16
N VAL A 156 -6.14 -8.29 47.45
CA VAL A 156 -6.21 -6.90 47.93
C VAL A 156 -4.89 -6.17 47.61
N ASP A 157 -3.73 -6.85 47.77
CA ASP A 157 -2.41 -6.27 47.50
C ASP A 157 -2.16 -6.07 46.01
N SER A 158 -2.66 -6.99 45.16
CA SER A 158 -2.54 -6.90 43.69
C SER A 158 -3.33 -5.71 43.16
N GLU A 159 -4.51 -5.47 43.75
CA GLU A 159 -5.42 -4.36 43.42
C GLU A 159 -4.79 -3.03 43.73
N HIS A 160 -4.15 -2.90 44.92
CA HIS A 160 -3.45 -1.68 45.32
C HIS A 160 -2.19 -1.50 44.48
N GLU A 161 -1.45 -2.59 44.20
CA GLU A 161 -0.20 -2.53 43.41
C GLU A 161 -0.42 -1.99 41.99
N LYS A 162 -1.66 -2.19 41.46
CA LYS A 162 -2.12 -1.72 40.15
C LYS A 162 -2.39 -0.21 40.27
N ASN A 163 -3.06 0.18 41.36
CA ASN A 163 -3.43 1.56 41.66
C ASN A 163 -2.19 2.48 41.88
N VAL A 164 -1.12 1.96 42.53
CA VAL A 164 0.17 2.65 42.78
C VAL A 164 0.71 3.30 41.49
N MET A 165 0.56 2.60 40.38
CA MET A 165 1.04 3.04 39.07
C MET A 165 0.04 3.92 38.27
N ASN A 166 -1.09 4.30 38.90
CA ASN A 166 -2.15 5.12 38.29
C ASN A 166 -2.11 6.56 38.88
N ASP A 167 -2.03 7.57 38.02
CA ASP A 167 -1.98 8.98 38.40
C ASP A 167 -3.21 9.48 39.16
N ALA A 168 -4.43 9.01 38.81
CA ALA A 168 -5.66 9.43 39.48
C ALA A 168 -5.79 8.89 40.90
N TRP A 169 -5.36 7.64 41.16
CA TRP A 169 -5.40 7.03 42.50
C TRP A 169 -4.39 7.69 43.44
N ARG A 170 -3.22 8.07 42.90
CA ARG A 170 -2.15 8.73 43.63
C ARG A 170 -2.67 10.05 44.15
N LEU A 171 -3.25 10.87 43.25
CA LEU A 171 -3.84 12.18 43.54
C LEU A 171 -4.97 12.05 44.53
N PHE A 172 -5.79 11.00 44.37
CA PHE A 172 -6.92 10.67 45.24
C PHE A 172 -6.45 10.50 46.69
N GLN A 173 -5.40 9.69 46.90
CA GLN A 173 -4.90 9.47 48.27
C GLN A 173 -4.11 10.66 48.76
N LEU A 174 -3.38 11.34 47.87
CA LEU A 174 -2.61 12.54 48.24
C LEU A 174 -3.53 13.67 48.72
N GLU A 175 -4.71 13.83 48.10
CA GLU A 175 -5.72 14.80 48.52
C GLU A 175 -6.17 14.47 49.94
N LYS A 176 -6.41 13.18 50.23
CA LYS A 176 -6.80 12.67 51.56
C LYS A 176 -5.69 12.92 52.62
N ALA A 177 -4.42 12.74 52.22
CA ALA A 177 -3.22 12.92 53.05
C ALA A 177 -2.90 14.39 53.36
N THR A 178 -3.48 15.35 52.60
CA THR A 178 -3.23 16.78 52.81
C THR A 178 -4.44 17.49 53.48
N GLY A 179 -5.36 16.70 53.98
CA GLY A 179 -6.50 17.19 54.74
C GLY A 179 -6.11 17.03 56.20
N ASN A 180 -7.10 16.98 57.10
CA ASN A 180 -6.85 16.79 58.52
C ASN A 180 -6.49 15.32 58.73
N PRO A 181 -5.24 15.01 59.16
CA PRO A 181 -4.85 13.60 59.34
C PRO A 181 -5.68 12.86 60.37
N LYS A 182 -6.27 13.60 61.32
CA LYS A 182 -7.10 13.04 62.35
C LYS A 182 -8.50 12.62 61.86
N HIS A 183 -8.96 13.15 60.69
CA HIS A 183 -10.27 12.86 60.08
C HIS A 183 -10.30 11.49 59.33
N PRO A 184 -11.40 10.69 59.45
CA PRO A 184 -11.48 9.41 58.70
C PRO A 184 -11.23 9.55 57.18
N PHE A 185 -11.46 10.76 56.59
CA PHE A 185 -11.19 11.03 55.17
C PHE A 185 -9.72 10.78 54.83
N SER A 186 -8.79 10.86 55.81
CA SER A 186 -7.36 10.62 55.53
C SER A 186 -6.99 9.11 55.49
N LYS A 187 -7.93 8.23 55.90
CA LYS A 187 -7.69 6.77 55.90
C LYS A 187 -7.33 6.18 54.54
N PHE A 188 -6.48 5.14 54.52
CA PHE A 188 -6.15 4.38 53.34
C PHE A 188 -7.15 3.21 53.31
N GLY A 189 -8.04 3.26 52.32
CA GLY A 189 -9.16 2.34 52.19
C GLY A 189 -8.91 0.98 51.59
N THR A 190 -8.01 0.91 50.61
CA THR A 190 -7.72 -0.32 49.90
C THR A 190 -7.19 -1.43 50.80
N GLY A 191 -6.05 -1.16 51.45
CA GLY A 191 -5.33 -2.16 52.20
C GLY A 191 -4.28 -2.71 51.24
N ASN A 192 -3.34 -3.50 51.75
CA ASN A 192 -2.28 -4.13 50.97
C ASN A 192 -1.63 -5.24 51.82
N LYS A 193 -0.53 -5.84 51.34
CA LYS A 193 0.21 -6.90 52.06
C LYS A 193 0.65 -6.41 53.43
N TYR A 194 1.13 -5.15 53.50
CA TYR A 194 1.58 -4.52 54.74
C TYR A 194 0.48 -4.44 55.79
N THR A 195 -0.69 -3.86 55.45
CA THR A 195 -1.76 -3.65 56.43
C THR A 195 -2.54 -4.91 56.77
N LEU A 196 -2.52 -5.90 55.89
CA LEU A 196 -3.28 -7.12 56.13
C LEU A 196 -2.40 -8.33 56.60
N GLU A 197 -1.06 -8.27 56.40
CA GLU A 197 -0.18 -9.35 56.83
C GLU A 197 1.04 -8.86 57.65
N THR A 198 1.99 -8.16 56.98
CA THR A 198 3.25 -7.64 57.52
C THR A 198 3.08 -6.95 58.88
N ARG A 199 2.23 -5.90 58.95
CA ARG A 199 2.02 -5.16 60.18
C ARG A 199 1.28 -6.01 61.24
N PRO A 200 0.08 -6.61 61.02
CA PRO A 200 -0.57 -7.39 62.11
C PRO A 200 0.29 -8.49 62.72
N ASN A 201 1.17 -9.14 61.92
CA ASN A 201 2.06 -10.21 62.39
C ASN A 201 3.15 -9.67 63.35
N GLN A 202 3.68 -8.47 63.05
CA GLN A 202 4.70 -7.78 63.85
C GLN A 202 4.11 -7.21 65.15
N GLU A 203 2.77 -7.23 65.30
CA GLU A 203 2.08 -6.68 66.47
C GLU A 203 1.25 -7.71 67.23
N GLY A 204 1.27 -8.96 66.74
CA GLY A 204 0.51 -10.06 67.32
C GLY A 204 -0.98 -9.97 67.09
N ILE A 205 -1.41 -9.09 66.16
CA ILE A 205 -2.80 -8.86 65.79
C ILE A 205 -3.35 -10.02 64.95
N ASP A 206 -4.48 -10.54 65.39
CA ASP A 206 -5.26 -11.60 64.76
C ASP A 206 -6.20 -10.94 63.74
N VAL A 207 -5.82 -11.01 62.44
CA VAL A 207 -6.55 -10.43 61.31
C VAL A 207 -7.98 -10.94 61.29
N ARG A 208 -8.16 -12.28 61.40
CA ARG A 208 -9.47 -12.94 61.41
C ARG A 208 -10.33 -12.43 62.57
N GLN A 209 -9.85 -12.50 63.85
CA GLN A 209 -10.61 -12.05 65.03
C GLN A 209 -11.05 -10.57 64.92
N GLU A 210 -10.14 -9.72 64.42
CA GLU A 210 -10.40 -8.28 64.22
C GLU A 210 -11.40 -8.07 63.06
N LEU A 211 -11.32 -8.93 62.02
CA LEU A 211 -12.23 -8.96 60.86
C LEU A 211 -13.64 -9.25 61.35
N LEU A 212 -13.80 -10.31 62.17
CA LEU A 212 -15.07 -10.76 62.71
C LEU A 212 -15.68 -9.73 63.64
N LYS A 213 -14.83 -9.06 64.44
CA LYS A 213 -15.22 -7.99 65.37
C LYS A 213 -15.91 -6.89 64.56
N PHE A 214 -15.27 -6.47 63.45
CA PHE A 214 -15.75 -5.45 62.53
C PHE A 214 -17.11 -5.83 61.95
N HIS A 215 -17.20 -7.07 61.39
CA HIS A 215 -18.40 -7.64 60.77
C HIS A 215 -19.55 -7.70 61.76
N SER A 216 -19.29 -8.23 62.98
CA SER A 216 -20.29 -8.34 64.03
C SER A 216 -20.69 -6.97 64.58
N ALA A 217 -19.82 -5.96 64.45
CA ALA A 217 -20.12 -4.64 64.97
C ALA A 217 -20.90 -3.77 64.00
N TYR A 218 -20.57 -3.81 62.69
CA TYR A 218 -21.19 -2.94 61.69
C TYR A 218 -22.19 -3.58 60.75
N TYR A 219 -22.11 -4.91 60.50
CA TYR A 219 -23.02 -5.54 59.54
C TYR A 219 -24.39 -5.80 60.16
N SER A 220 -25.27 -4.80 60.05
CA SER A 220 -26.62 -4.80 60.58
C SER A 220 -27.62 -4.47 59.48
N SER A 221 -28.73 -5.22 59.46
CA SER A 221 -29.83 -5.10 58.51
C SER A 221 -30.43 -3.70 58.38
N ASN A 222 -30.40 -2.90 59.48
CA ASN A 222 -30.94 -1.52 59.44
C ASN A 222 -30.08 -0.56 58.59
N LEU A 223 -28.86 -0.99 58.23
CA LEU A 223 -27.90 -0.29 57.39
C LEU A 223 -27.83 -0.97 56.01
N MET A 224 -28.72 -1.95 55.75
CA MET A 224 -28.70 -2.70 54.50
C MET A 224 -29.86 -2.34 53.56
N ALA A 225 -29.61 -2.50 52.25
CA ALA A 225 -30.56 -2.18 51.17
C ALA A 225 -30.43 -3.21 50.07
N VAL A 226 -31.57 -3.77 49.64
CA VAL A 226 -31.56 -4.86 48.66
C VAL A 226 -32.43 -4.57 47.46
N VAL A 227 -31.90 -4.86 46.27
CA VAL A 227 -32.62 -4.75 45.01
C VAL A 227 -32.63 -6.11 44.32
N VAL A 228 -33.83 -6.58 43.92
CA VAL A 228 -34.02 -7.85 43.22
C VAL A 228 -34.79 -7.57 41.92
N LEU A 229 -34.20 -7.99 40.78
CA LEU A 229 -34.80 -7.85 39.46
C LEU A 229 -34.94 -9.24 38.85
N GLY A 230 -36.16 -9.60 38.42
CA GLY A 230 -36.41 -10.88 37.77
C GLY A 230 -37.63 -10.93 36.87
N ARG A 231 -37.84 -12.09 36.19
CA ARG A 231 -39.03 -12.26 35.34
C ARG A 231 -40.26 -12.46 36.19
N GLU A 232 -40.07 -12.81 37.47
CA GLU A 232 -41.13 -13.07 38.43
C GLU A 232 -41.95 -11.82 38.69
N SER A 233 -43.24 -12.02 39.05
CA SER A 233 -44.18 -10.96 39.35
C SER A 233 -43.69 -10.23 40.60
N LEU A 234 -44.19 -9.00 40.82
CA LEU A 234 -43.85 -8.22 42.00
C LEU A 234 -44.16 -9.00 43.29
N ASP A 235 -45.34 -9.68 43.34
CA ASP A 235 -45.77 -10.50 44.49
C ASP A 235 -44.84 -11.71 44.77
N ASP A 236 -44.38 -12.41 43.72
CA ASP A 236 -43.49 -13.57 43.88
C ASP A 236 -42.11 -13.13 44.37
N LEU A 237 -41.67 -11.94 43.94
CA LEU A 237 -40.39 -11.36 44.33
C LEU A 237 -40.46 -10.93 45.78
N THR A 238 -41.64 -10.37 46.19
CA THR A 238 -41.93 -9.94 47.57
C THR A 238 -41.74 -11.13 48.53
N ASN A 239 -42.40 -12.29 48.24
CA ASN A 239 -42.32 -13.52 49.05
C ASN A 239 -40.88 -14.04 49.19
N LEU A 240 -40.17 -14.08 48.04
CA LEU A 240 -38.79 -14.54 47.88
C LEU A 240 -37.79 -13.72 48.74
N VAL A 241 -37.92 -12.40 48.72
CA VAL A 241 -37.04 -11.48 49.46
C VAL A 241 -37.34 -11.55 50.95
N VAL A 242 -38.63 -11.58 51.32
CA VAL A 242 -39.07 -11.74 52.71
C VAL A 242 -38.45 -13.05 53.24
N LYS A 243 -38.66 -14.16 52.52
CA LYS A 243 -38.12 -15.47 52.89
C LYS A 243 -36.60 -15.45 53.14
N LEU A 244 -35.84 -14.88 52.19
CA LEU A 244 -34.38 -14.89 52.22
C LEU A 244 -33.69 -13.78 53.03
N PHE A 245 -34.34 -12.63 53.30
CA PHE A 245 -33.64 -11.52 53.99
C PHE A 245 -34.29 -11.04 55.30
N SER A 246 -35.47 -11.59 55.66
CA SER A 246 -36.12 -11.19 56.92
C SER A 246 -35.40 -11.73 58.18
N GLU A 247 -34.60 -12.82 58.03
CA GLU A 247 -33.85 -13.39 59.15
C GLU A 247 -32.49 -12.72 59.40
N VAL A 248 -32.09 -11.76 58.52
CA VAL A 248 -30.83 -11.00 58.65
C VAL A 248 -30.86 -10.19 59.96
N GLU A 249 -29.86 -10.43 60.83
CA GLU A 249 -29.71 -9.84 62.16
C GLU A 249 -29.66 -8.32 62.18
N ASN A 250 -30.49 -7.71 63.05
CA ASN A 250 -30.57 -6.28 63.29
C ASN A 250 -29.84 -5.98 64.60
N LYS A 251 -28.75 -5.23 64.53
CA LYS A 251 -27.95 -4.83 65.69
C LYS A 251 -28.17 -3.34 65.98
N ASN A 252 -29.18 -2.72 65.32
CA ASN A 252 -29.56 -1.29 65.39
C ASN A 252 -28.35 -0.36 65.37
N VAL A 253 -27.36 -0.67 64.49
CA VAL A 253 -26.13 0.09 64.34
C VAL A 253 -26.39 1.54 63.87
N PRO A 254 -25.92 2.55 64.64
CA PRO A 254 -26.12 3.94 64.22
C PRO A 254 -25.33 4.25 62.94
N LEU A 255 -25.89 5.10 62.08
CA LEU A 255 -25.26 5.48 60.81
C LEU A 255 -24.12 6.46 61.00
N PRO A 256 -22.86 6.07 60.65
CA PRO A 256 -21.74 7.03 60.78
C PRO A 256 -21.98 8.34 60.00
N GLU A 257 -21.70 9.45 60.67
CA GLU A 257 -21.84 10.83 60.17
C GLU A 257 -20.50 11.55 60.31
N PHE A 258 -20.19 12.45 59.37
CA PHE A 258 -18.91 13.18 59.38
C PHE A 258 -19.17 14.70 59.20
N PRO A 259 -19.81 15.35 60.21
CA PRO A 259 -20.14 16.79 60.05
C PRO A 259 -18.94 17.70 60.01
N GLU A 260 -17.82 17.28 60.60
CA GLU A 260 -16.66 18.12 60.55
C GLU A 260 -15.97 17.93 59.21
N HIS A 261 -15.74 19.04 58.49
CA HIS A 261 -15.06 18.97 57.19
C HIS A 261 -13.60 18.57 57.36
N PRO A 262 -13.11 17.56 56.61
CA PRO A 262 -11.69 17.18 56.72
C PRO A 262 -10.72 18.30 56.33
N PHE A 263 -11.24 19.33 55.66
CA PHE A 263 -10.44 20.47 55.29
C PHE A 263 -10.83 21.57 56.26
N GLN A 264 -9.90 21.91 57.17
CA GLN A 264 -10.05 22.98 58.15
C GLN A 264 -9.17 24.14 57.70
N GLU A 265 -9.26 25.27 58.39
CA GLU A 265 -8.52 26.50 58.12
C GLU A 265 -7.03 26.26 57.72
N GLU A 266 -6.29 25.40 58.48
CA GLU A 266 -4.89 25.08 58.21
C GLU A 266 -4.64 24.33 56.90
N HIS A 267 -5.70 23.74 56.34
CA HIS A 267 -5.62 23.02 55.08
C HIS A 267 -6.14 23.91 53.98
N LEU A 268 -6.48 25.16 54.31
CA LEU A 268 -6.98 26.13 53.32
C LEU A 268 -5.95 27.13 52.97
N LYS A 269 -6.08 27.74 51.76
CA LYS A 269 -5.12 28.67 51.16
C LYS A 269 -3.75 27.96 51.05
N GLN A 270 -3.80 26.66 50.70
CA GLN A 270 -2.63 25.81 50.52
C GLN A 270 -2.39 25.54 49.03
N LEU A 271 -1.12 25.42 48.67
CA LEU A 271 -0.65 25.14 47.32
C LEU A 271 0.19 23.87 47.35
N TYR A 272 -0.09 22.92 46.40
CA TYR A 272 0.62 21.64 46.26
C TYR A 272 1.23 21.46 44.88
N LYS A 273 2.52 21.07 44.82
CA LYS A 273 3.27 20.83 43.57
C LYS A 273 3.59 19.34 43.53
N ILE A 274 3.02 18.62 42.54
CA ILE A 274 3.03 17.15 42.49
C ILE A 274 3.70 16.60 41.26
N VAL A 275 4.45 15.50 41.44
CA VAL A 275 5.13 14.85 40.33
C VAL A 275 4.27 13.67 39.88
N PRO A 276 3.84 13.68 38.61
CA PRO A 276 3.04 12.55 38.10
C PRO A 276 3.92 11.48 37.42
N ILE A 277 3.33 10.32 37.14
CA ILE A 277 4.01 9.25 36.39
C ILE A 277 4.00 9.60 34.91
N LYS A 278 2.82 9.90 34.36
CA LYS A 278 2.69 10.27 32.96
C LYS A 278 3.10 11.72 32.81
N ASP A 279 3.55 12.12 31.62
CA ASP A 279 3.90 13.50 31.34
C ASP A 279 2.63 14.34 31.13
N ILE A 280 1.94 14.62 32.24
CA ILE A 280 0.69 15.39 32.26
C ILE A 280 0.85 16.68 33.06
N ARG A 281 0.27 17.78 32.60
CA ARG A 281 0.32 19.06 33.32
C ARG A 281 -1.12 19.39 33.71
N ASN A 282 -1.51 19.14 34.97
CA ASN A 282 -2.88 19.46 35.41
C ASN A 282 -2.96 20.42 36.57
N LEU A 283 -4.06 21.22 36.62
CA LEU A 283 -4.35 22.14 37.73
C LEU A 283 -5.69 21.77 38.35
N TYR A 284 -5.68 21.49 39.66
CA TYR A 284 -6.84 21.13 40.47
C TYR A 284 -7.12 22.24 41.47
N VAL A 285 -8.32 22.81 41.41
CA VAL A 285 -8.78 23.84 42.34
C VAL A 285 -9.97 23.25 43.11
N THR A 286 -9.90 23.28 44.45
CA THR A 286 -10.93 22.71 45.33
C THR A 286 -11.37 23.66 46.41
N PHE A 287 -12.68 23.61 46.75
CA PHE A 287 -13.27 24.38 47.84
C PHE A 287 -14.08 23.43 48.73
N PRO A 288 -13.84 23.40 50.06
CA PRO A 288 -14.72 22.63 50.94
C PRO A 288 -16.16 23.18 50.92
N ILE A 289 -17.17 22.30 50.95
CA ILE A 289 -18.56 22.74 50.99
C ILE A 289 -19.35 21.90 51.99
N PRO A 290 -20.45 22.42 52.59
CA PRO A 290 -21.27 21.54 53.45
C PRO A 290 -21.85 20.44 52.57
N ASP A 291 -22.48 19.43 53.18
CA ASP A 291 -23.12 18.36 52.44
C ASP A 291 -24.42 18.90 51.86
N LEU A 292 -24.54 18.87 50.52
CA LEU A 292 -25.68 19.38 49.76
C LEU A 292 -26.69 18.30 49.37
N GLN A 293 -26.44 17.03 49.74
CA GLN A 293 -27.33 15.95 49.32
C GLN A 293 -28.82 16.22 49.58
N LYS A 294 -29.15 16.65 50.80
CA LYS A 294 -30.51 16.96 51.26
C LYS A 294 -31.18 18.07 50.43
N TYR A 295 -30.41 18.83 49.60
CA TYR A 295 -30.97 19.83 48.72
C TYR A 295 -31.20 19.28 47.33
N TYR A 296 -31.29 17.95 47.16
CA TYR A 296 -31.37 17.30 45.85
C TYR A 296 -32.59 17.72 44.99
N LYS A 297 -33.71 18.16 45.60
CA LYS A 297 -34.87 18.59 44.78
C LYS A 297 -34.61 19.93 44.01
N SER A 298 -33.58 20.68 44.44
CA SER A 298 -33.18 21.93 43.79
C SER A 298 -31.79 21.80 43.16
N ASN A 299 -30.90 21.02 43.81
CA ASN A 299 -29.51 20.71 43.42
C ASN A 299 -28.69 21.95 43.04
N PRO A 300 -28.33 22.81 44.02
CA PRO A 300 -27.59 24.03 43.69
C PRO A 300 -26.17 23.80 43.13
N GLY A 301 -25.58 22.67 43.50
CA GLY A 301 -24.26 22.29 43.02
C GLY A 301 -24.31 21.89 41.55
N HIS A 302 -25.44 21.28 41.11
CA HIS A 302 -25.62 20.88 39.71
C HIS A 302 -25.72 22.17 38.88
N TYR A 303 -26.52 23.13 39.35
CA TYR A 303 -26.74 24.43 38.71
C TYR A 303 -25.41 25.15 38.52
N LEU A 304 -24.62 25.22 39.62
CA LEU A 304 -23.36 25.90 39.61
C LEU A 304 -22.31 25.17 38.79
N GLY A 305 -22.28 23.83 38.83
CA GLY A 305 -21.33 23.02 38.06
C GLY A 305 -21.65 23.14 36.58
N HIS A 306 -22.95 23.23 36.24
CA HIS A 306 -23.42 23.48 34.88
C HIS A 306 -22.87 24.82 34.36
N LEU A 307 -22.87 25.88 35.21
CA LEU A 307 -22.38 27.18 34.74
C LEU A 307 -20.88 27.29 34.80
N ILE A 308 -20.27 26.88 35.91
CA ILE A 308 -18.82 26.96 36.03
C ILE A 308 -18.12 26.04 34.99
N GLY A 309 -18.67 24.86 34.77
CA GLY A 309 -18.14 23.88 33.83
C GLY A 309 -18.65 24.05 32.41
N HIS A 310 -19.33 25.19 32.09
CA HIS A 310 -19.88 25.37 30.75
C HIS A 310 -18.78 25.53 29.71
N GLU A 311 -19.02 25.08 28.48
CA GLU A 311 -18.01 25.15 27.40
C GLU A 311 -18.49 25.95 26.16
N GLY A 312 -19.70 26.50 26.23
CA GLY A 312 -20.31 27.33 25.19
C GLY A 312 -19.74 28.73 25.19
N PRO A 313 -20.13 29.61 24.24
CA PRO A 313 -19.55 30.99 24.24
C PRO A 313 -19.72 31.75 25.57
N GLY A 314 -18.69 32.47 25.98
CA GLY A 314 -18.68 33.27 27.20
C GLY A 314 -18.28 32.50 28.43
N SER A 315 -18.01 31.18 28.27
CA SER A 315 -17.65 30.28 29.33
C SER A 315 -16.29 30.57 29.89
N LEU A 316 -16.02 30.06 31.11
CA LEU A 316 -14.73 30.22 31.72
C LEU A 316 -13.68 29.49 30.83
N LEU A 317 -14.02 28.26 30.35
CA LEU A 317 -13.15 27.45 29.48
C LEU A 317 -12.80 28.20 28.22
N SER A 318 -13.79 28.79 27.53
CA SER A 318 -13.52 29.56 26.30
C SER A 318 -12.40 30.58 26.42
N GLU A 319 -12.38 31.34 27.51
CA GLU A 319 -11.39 32.35 27.79
C GLU A 319 -10.05 31.75 28.21
N LEU A 320 -10.07 30.64 28.95
CA LEU A 320 -8.83 30.00 29.33
C LEU A 320 -8.17 29.37 28.07
N LYS A 321 -9.00 28.90 27.14
CA LYS A 321 -8.51 28.37 25.86
C LYS A 321 -7.98 29.53 25.01
N SER A 322 -8.75 30.64 24.87
CA SER A 322 -8.29 31.79 24.05
C SER A 322 -6.97 32.33 24.51
N LYS A 323 -6.75 32.40 25.84
CA LYS A 323 -5.50 32.81 26.46
C LYS A 323 -4.38 31.80 26.22
N GLY A 324 -4.74 30.60 25.75
CA GLY A 324 -3.83 29.49 25.46
C GLY A 324 -3.24 28.87 26.70
N TRP A 325 -4.05 28.76 27.77
CA TRP A 325 -3.55 28.19 29.02
C TRP A 325 -4.00 26.79 29.32
N VAL A 326 -5.21 26.44 28.86
CA VAL A 326 -5.86 25.15 29.11
C VAL A 326 -6.55 24.70 27.85
N ASN A 327 -6.90 23.41 27.79
CA ASN A 327 -7.65 22.84 26.68
C ASN A 327 -8.98 22.35 27.19
N THR A 328 -8.96 21.72 28.38
CA THR A 328 -10.16 21.17 28.96
C THR A 328 -10.39 21.66 30.37
N LEU A 329 -11.63 21.53 30.83
CA LEU A 329 -12.05 21.94 32.15
C LEU A 329 -13.16 21.04 32.60
N VAL A 330 -13.13 20.67 33.87
CA VAL A 330 -14.22 20.04 34.57
C VAL A 330 -14.57 20.80 35.83
N GLY A 331 -15.85 21.00 36.05
CA GLY A 331 -16.27 21.78 37.21
C GLY A 331 -17.52 21.23 37.84
N GLY A 332 -17.65 21.46 39.13
CA GLY A 332 -18.84 21.02 39.84
C GLY A 332 -18.60 20.46 41.22
N GLN A 333 -19.68 19.89 41.79
CA GLN A 333 -19.75 19.32 43.10
C GLN A 333 -19.23 17.91 43.06
N LYS A 334 -18.61 17.50 44.14
CA LYS A 334 -18.03 16.18 44.20
C LYS A 334 -18.38 15.60 45.55
N GLU A 335 -18.82 14.35 45.57
CA GLU A 335 -19.19 13.67 46.80
C GLU A 335 -18.00 13.59 47.76
N GLY A 336 -18.30 13.58 49.05
CA GLY A 336 -17.34 13.43 50.12
C GLY A 336 -17.82 12.25 50.94
N ALA A 337 -18.63 12.55 51.95
CA ALA A 337 -19.32 11.59 52.81
C ALA A 337 -20.44 12.32 53.45
N ARG A 338 -21.31 11.63 54.19
CA ARG A 338 -22.40 12.26 54.93
C ARG A 338 -21.76 13.30 55.87
N GLY A 339 -22.09 14.57 55.64
CA GLY A 339 -21.60 15.69 56.43
C GLY A 339 -20.69 16.66 55.72
N PHE A 340 -20.03 16.21 54.63
CA PHE A 340 -19.10 17.05 53.88
C PHE A 340 -19.02 16.74 52.39
N MET A 341 -18.75 17.77 51.60
CA MET A 341 -18.58 17.69 50.15
C MET A 341 -17.47 18.64 49.66
N PHE A 342 -17.18 18.61 48.35
CA PHE A 342 -16.18 19.46 47.73
C PHE A 342 -16.76 20.10 46.49
N PHE A 343 -16.25 21.29 46.15
CA PHE A 343 -16.56 21.97 44.88
C PHE A 343 -15.22 22.06 44.17
N ILE A 344 -15.15 21.51 42.93
CA ILE A 344 -13.92 21.43 42.16
C ILE A 344 -13.93 22.20 40.85
N ILE A 345 -12.75 22.72 40.43
CA ILE A 345 -12.52 23.35 39.13
C ILE A 345 -11.19 22.82 38.64
N ASN A 346 -11.25 21.84 37.72
CA ASN A 346 -10.05 21.18 37.23
C ASN A 346 -9.78 21.44 35.77
N VAL A 347 -8.54 21.74 35.46
CA VAL A 347 -8.14 22.03 34.10
C VAL A 347 -6.84 21.34 33.79
N ASP A 348 -6.59 21.11 32.52
CA ASP A 348 -5.30 20.61 32.12
C ASP A 348 -4.50 21.91 31.80
N LEU A 349 -3.20 21.78 31.57
CA LEU A 349 -2.37 22.94 31.32
C LEU A 349 -1.52 22.79 30.08
N THR A 350 -1.47 23.86 29.27
CA THR A 350 -0.56 23.98 28.13
C THR A 350 0.81 24.31 28.80
N GLU A 351 1.90 24.42 28.01
CA GLU A 351 3.23 24.82 28.50
C GLU A 351 3.17 26.22 29.15
N GLU A 352 2.38 27.15 28.53
CA GLU A 352 2.17 28.52 28.99
C GLU A 352 1.31 28.56 30.23
N GLY A 353 0.27 27.71 30.26
CA GLY A 353 -0.63 27.59 31.39
C GLY A 353 0.11 27.25 32.66
N LEU A 354 1.08 26.32 32.55
CA LEU A 354 1.91 25.89 33.69
C LEU A 354 2.64 27.08 34.34
N LEU A 355 2.94 28.13 33.54
CA LEU A 355 3.62 29.38 33.92
C LEU A 355 2.66 30.49 34.36
N HIS A 356 1.34 30.31 34.10
CA HIS A 356 0.31 31.28 34.42
C HIS A 356 -0.79 30.71 35.36
N VAL A 357 -0.42 29.84 36.31
CA VAL A 357 -1.39 29.24 37.25
C VAL A 357 -2.16 30.34 38.03
N GLU A 358 -1.42 31.38 38.47
CA GLU A 358 -1.98 32.51 39.22
C GLU A 358 -3.05 33.23 38.43
N ASP A 359 -2.82 33.41 37.13
CA ASP A 359 -3.76 34.08 36.22
C ASP A 359 -4.99 33.26 35.93
N ILE A 360 -4.83 31.91 35.72
CA ILE A 360 -5.93 30.96 35.49
C ILE A 360 -6.89 31.04 36.68
N ILE A 361 -6.35 31.06 37.90
CA ILE A 361 -7.18 31.12 39.10
C ILE A 361 -7.88 32.48 39.20
N LEU A 362 -7.20 33.58 38.82
CA LEU A 362 -7.84 34.91 38.79
C LEU A 362 -9.07 34.85 37.90
N HIS A 363 -8.94 34.28 36.67
CA HIS A 363 -10.04 34.12 35.72
C HIS A 363 -11.19 33.28 36.27
N MET A 364 -10.83 32.20 36.99
CA MET A 364 -11.80 31.33 37.68
C MET A 364 -12.59 32.18 38.71
N PHE A 365 -11.89 32.98 39.52
CA PHE A 365 -12.57 33.86 40.48
C PHE A 365 -13.37 34.96 39.81
N GLN A 366 -12.91 35.44 38.62
CA GLN A 366 -13.65 36.44 37.82
C GLN A 366 -14.96 35.88 37.35
N TYR A 367 -14.98 34.65 36.88
CA TYR A 367 -16.21 34.01 36.45
C TYR A 367 -17.15 33.75 37.60
N ILE A 368 -16.61 33.28 38.70
CA ILE A 368 -17.39 33.08 39.91
C ILE A 368 -18.04 34.40 40.34
N GLN A 369 -17.27 35.46 40.48
CA GLN A 369 -17.81 36.74 40.88
C GLN A 369 -18.85 37.27 39.93
N LYS A 370 -18.71 36.94 38.67
CA LYS A 370 -19.70 37.31 37.70
C LYS A 370 -21.05 36.62 37.94
N LEU A 371 -21.04 35.36 38.32
CA LEU A 371 -22.27 34.62 38.69
C LEU A 371 -22.94 35.28 39.90
N ARG A 372 -22.12 35.70 40.86
CA ARG A 372 -22.55 36.37 42.10
C ARG A 372 -23.23 37.69 41.74
N ALA A 373 -22.54 38.53 40.94
CA ALA A 373 -23.08 39.80 40.45
C ALA A 373 -24.39 39.60 39.65
N GLU A 374 -24.44 38.60 38.74
CA GLU A 374 -25.63 38.33 37.92
C GLU A 374 -26.80 37.72 38.71
N GLY A 375 -26.50 36.95 39.74
CA GLY A 375 -27.51 36.30 40.58
C GLY A 375 -28.14 35.06 39.97
N PRO A 376 -28.79 34.18 40.75
CA PRO A 376 -29.37 32.96 40.17
C PRO A 376 -30.33 33.25 39.02
N GLN A 377 -30.38 32.34 38.05
CA GLN A 377 -31.18 32.45 36.84
C GLN A 377 -32.19 31.34 36.79
N GLU A 378 -33.48 31.71 36.84
CA GLU A 378 -34.56 30.73 36.80
C GLU A 378 -34.57 29.98 35.48
N TRP A 379 -34.28 30.68 34.38
CA TRP A 379 -34.34 30.06 33.06
C TRP A 379 -33.29 28.95 32.88
N VAL A 380 -32.08 29.14 33.45
CA VAL A 380 -30.99 28.16 33.44
C VAL A 380 -31.51 26.90 34.17
N PHE A 381 -32.14 27.09 35.36
CA PHE A 381 -32.69 25.99 36.14
C PHE A 381 -33.78 25.25 35.37
N GLN A 382 -34.58 26.01 34.60
CA GLN A 382 -35.67 25.44 33.79
C GLN A 382 -35.18 24.52 32.71
N GLU A 383 -34.09 24.91 32.04
CA GLU A 383 -33.47 24.11 31.00
C GLU A 383 -32.96 22.80 31.57
N LEU A 384 -32.24 22.86 32.71
CA LEU A 384 -31.70 21.68 33.42
C LEU A 384 -32.83 20.76 33.83
N LYS A 385 -33.91 21.35 34.35
CA LYS A 385 -35.09 20.61 34.78
C LYS A 385 -35.77 19.95 33.59
N ASP A 386 -35.98 20.70 32.49
CA ASP A 386 -36.60 20.16 31.28
C ASP A 386 -35.74 19.08 30.61
N LEU A 387 -34.42 19.30 30.49
CA LEU A 387 -33.48 18.32 29.92
C LEU A 387 -33.49 17.01 30.68
N ASN A 388 -33.39 17.08 32.04
CA ASN A 388 -33.45 15.93 32.94
C ASN A 388 -34.80 15.24 32.81
N ALA A 389 -35.87 16.02 32.62
CA ALA A 389 -37.20 15.44 32.40
C ALA A 389 -37.23 14.65 31.07
N VAL A 390 -36.56 15.18 30.03
CA VAL A 390 -36.46 14.47 28.74
C VAL A 390 -35.62 13.20 28.91
N ALA A 391 -34.45 13.32 29.58
CA ALA A 391 -33.49 12.25 29.83
C ALA A 391 -34.13 11.08 30.56
N PHE A 392 -34.84 11.33 31.66
CA PHE A 392 -35.52 10.29 32.43
C PHE A 392 -36.58 9.57 31.59
N ARG A 393 -37.40 10.35 30.87
CA ARG A 393 -38.48 9.80 30.03
C ARG A 393 -37.96 8.88 28.94
N PHE A 394 -36.93 9.31 28.18
CA PHE A 394 -36.46 8.57 27.02
C PHE A 394 -35.17 7.80 27.24
N LYS A 395 -34.91 7.47 28.52
CA LYS A 395 -33.75 6.73 29.02
C LYS A 395 -33.62 5.34 28.39
N ASP A 396 -32.41 4.92 28.09
CA ASP A 396 -32.17 3.58 27.54
C ASP A 396 -32.34 2.56 28.65
N LYS A 397 -32.89 1.35 28.33
CA LYS A 397 -33.02 0.29 29.33
C LYS A 397 -31.62 -0.11 29.84
N GLU A 398 -31.43 -0.06 31.17
CA GLU A 398 -30.17 -0.38 31.82
C GLU A 398 -29.89 -1.90 31.87
N ARG A 399 -28.58 -2.28 31.90
CA ARG A 399 -28.13 -3.66 32.09
C ARG A 399 -28.60 -4.01 33.52
N PRO A 400 -29.27 -5.16 33.73
CA PRO A 400 -29.78 -5.46 35.08
C PRO A 400 -28.76 -5.45 36.22
N ARG A 401 -27.53 -6.00 36.02
CA ARG A 401 -26.52 -6.06 37.08
C ARG A 401 -26.14 -4.69 37.65
N GLY A 402 -25.77 -3.76 36.77
CA GLY A 402 -25.41 -2.39 37.15
C GLY A 402 -26.59 -1.63 37.72
N TYR A 403 -27.82 -1.98 37.26
CA TYR A 403 -29.08 -1.34 37.66
C TYR A 403 -29.43 -1.63 39.08
N THR A 404 -29.25 -2.89 39.52
CA THR A 404 -29.59 -3.26 40.90
C THR A 404 -28.58 -2.64 41.88
N SER A 405 -27.26 -2.76 41.58
CA SER A 405 -26.15 -2.20 42.39
C SER A 405 -26.35 -0.73 42.66
N LYS A 406 -26.72 0.02 41.59
CA LYS A 406 -26.98 1.45 41.66
C LYS A 406 -28.14 1.77 42.60
N ILE A 407 -29.31 1.11 42.40
CA ILE A 407 -30.51 1.37 43.21
C ILE A 407 -30.23 1.02 44.69
N ALA A 408 -29.50 -0.08 44.96
CA ALA A 408 -29.14 -0.54 46.30
C ALA A 408 -28.44 0.60 47.09
N GLY A 409 -27.56 1.32 46.41
CA GLY A 409 -26.92 2.50 47.00
C GLY A 409 -27.94 3.61 47.20
N ILE A 410 -28.68 3.96 46.14
CA ILE A 410 -29.65 5.06 46.12
C ILE A 410 -30.78 4.87 47.18
N LEU A 411 -31.12 3.63 47.52
CA LEU A 411 -32.10 3.30 48.54
C LEU A 411 -31.76 3.93 49.90
N HIS A 412 -30.45 4.17 50.18
CA HIS A 412 -29.98 4.75 51.45
C HIS A 412 -30.18 6.28 51.54
N TYR A 413 -30.42 6.95 50.41
CA TYR A 413 -30.50 8.41 50.35
C TYR A 413 -31.87 8.99 50.01
N TYR A 414 -32.78 8.17 49.42
CA TYR A 414 -34.07 8.69 48.97
C TYR A 414 -35.24 7.84 49.41
N PRO A 415 -36.48 8.42 49.55
CA PRO A 415 -37.66 7.58 49.86
C PRO A 415 -37.87 6.54 48.77
N LEU A 416 -38.52 5.41 49.09
CA LEU A 416 -38.75 4.30 48.15
C LEU A 416 -39.34 4.80 46.82
N GLU A 417 -40.36 5.67 46.89
CA GLU A 417 -41.07 6.23 45.73
C GLU A 417 -40.17 7.01 44.75
N GLU A 418 -39.03 7.56 45.22
CA GLU A 418 -38.12 8.39 44.42
C GLU A 418 -36.77 7.77 44.01
N VAL A 419 -36.59 6.43 44.16
CA VAL A 419 -35.29 5.83 43.86
C VAL A 419 -34.91 5.86 42.37
N LEU A 420 -35.92 5.88 41.50
CA LEU A 420 -35.73 5.90 40.07
C LEU A 420 -35.59 7.35 39.57
N THR A 421 -36.35 8.30 40.18
CA THR A 421 -36.31 9.71 39.77
C THR A 421 -35.18 10.49 40.44
N ALA A 422 -34.57 9.85 41.48
CA ALA A 422 -33.50 10.36 42.35
C ALA A 422 -32.51 11.28 41.69
N GLU A 423 -31.79 10.75 40.72
CA GLU A 423 -30.72 11.46 40.03
C GLU A 423 -31.19 12.12 38.74
N TYR A 424 -32.49 12.45 38.66
CA TYR A 424 -33.04 13.07 37.46
C TYR A 424 -33.90 14.27 37.70
N LEU A 425 -35.00 14.10 38.42
CA LEU A 425 -35.96 15.18 38.52
C LEU A 425 -35.58 16.30 39.48
N LEU A 426 -35.79 17.52 39.00
CA LEU A 426 -35.56 18.79 39.66
C LEU A 426 -36.93 19.40 39.86
N GLU A 427 -37.24 19.85 41.08
CA GLU A 427 -38.57 20.37 41.35
C GLU A 427 -38.60 21.87 41.55
N GLU A 428 -38.13 22.33 42.71
CA GLU A 428 -38.16 23.72 43.12
C GLU A 428 -36.88 24.45 42.79
N PHE A 429 -37.00 25.70 42.38
CA PHE A 429 -35.87 26.58 42.13
C PHE A 429 -35.58 27.22 43.49
N ARG A 430 -34.35 27.06 43.96
CA ARG A 430 -33.98 27.62 45.25
C ARG A 430 -32.80 28.55 45.09
N PRO A 431 -33.06 29.84 44.70
CA PRO A 431 -31.93 30.77 44.49
C PRO A 431 -31.11 31.00 45.74
N ASP A 432 -31.78 30.86 46.92
CA ASP A 432 -31.11 31.05 48.20
C ASP A 432 -30.00 30.00 48.38
N LEU A 433 -30.29 28.71 48.04
CA LEU A 433 -29.32 27.62 48.13
C LEU A 433 -28.15 27.81 47.16
N ILE A 434 -28.44 28.32 45.95
CA ILE A 434 -27.40 28.58 44.94
C ILE A 434 -26.41 29.58 45.51
N GLU A 435 -26.94 30.66 46.09
CA GLU A 435 -26.22 31.76 46.75
C GLU A 435 -25.37 31.28 47.92
N MET A 436 -25.93 30.39 48.74
CA MET A 436 -25.24 29.78 49.89
C MET A 436 -23.99 29.04 49.42
N VAL A 437 -24.12 28.24 48.35
CA VAL A 437 -23.02 27.45 47.79
C VAL A 437 -21.97 28.36 47.16
N LEU A 438 -22.41 29.33 46.36
CA LEU A 438 -21.50 30.27 45.72
C LEU A 438 -20.68 31.08 46.73
N ASP A 439 -21.27 31.34 47.91
CA ASP A 439 -20.56 32.06 48.98
C ASP A 439 -19.31 31.31 49.48
N LYS A 440 -19.24 29.99 49.29
CA LYS A 440 -18.08 29.21 49.71
C LYS A 440 -16.96 29.23 48.64
N LEU A 441 -17.27 29.67 47.42
CA LEU A 441 -16.30 29.70 46.30
C LEU A 441 -15.51 31.00 46.31
N ARG A 442 -14.60 31.11 47.28
CA ARG A 442 -13.83 32.32 47.58
C ARG A 442 -12.35 31.99 47.77
N PRO A 443 -11.45 32.94 47.48
CA PRO A 443 -10.00 32.65 47.60
C PRO A 443 -9.52 32.22 48.97
N GLU A 444 -10.18 32.64 50.07
CA GLU A 444 -9.76 32.26 51.43
C GLU A 444 -10.07 30.79 51.75
N ASN A 445 -10.91 30.17 50.93
CA ASN A 445 -11.29 28.77 51.14
C ASN A 445 -10.61 27.83 50.11
N VAL A 446 -9.71 28.37 49.26
CA VAL A 446 -9.15 27.61 48.15
C VAL A 446 -8.03 26.63 48.51
N ARG A 447 -7.95 25.57 47.71
CA ARG A 447 -6.90 24.54 47.73
C ARG A 447 -6.50 24.42 46.29
N VAL A 448 -5.20 24.48 46.04
CA VAL A 448 -4.66 24.48 44.69
C VAL A 448 -3.59 23.40 44.59
N ALA A 449 -3.72 22.53 43.58
CA ALA A 449 -2.74 21.48 43.31
C ALA A 449 -2.31 21.53 41.84
N ILE A 450 -0.98 21.66 41.59
CA ILE A 450 -0.39 21.67 40.26
C ILE A 450 0.35 20.34 40.12
N VAL A 451 0.08 19.63 39.02
CA VAL A 451 0.71 18.34 38.76
C VAL A 451 1.58 18.51 37.52
N SER A 452 2.90 18.33 37.68
CA SER A 452 3.86 18.48 36.56
C SER A 452 5.18 17.77 36.86
N LYS A 453 5.84 17.27 35.80
CA LYS A 453 7.12 16.60 35.95
C LYS A 453 8.20 17.67 36.15
N SER A 454 7.88 18.93 35.82
CA SER A 454 8.74 20.09 36.02
C SER A 454 9.10 20.25 37.51
N PHE A 455 8.42 19.49 38.40
CA PHE A 455 8.63 19.49 39.85
C PHE A 455 9.57 18.35 40.29
N GLU A 456 9.96 17.46 39.36
CA GLU A 456 10.83 16.32 39.66
C GLU A 456 12.19 16.79 40.22
N GLY A 457 12.55 16.27 41.39
CA GLY A 457 13.76 16.63 42.13
C GLY A 457 13.61 17.88 42.98
N LYS A 458 12.61 18.74 42.64
CA LYS A 458 12.29 20.02 43.31
C LYS A 458 11.24 19.87 44.45
N THR A 459 11.11 18.66 45.02
CA THR A 459 10.12 18.35 46.06
C THR A 459 10.76 17.84 47.33
N ASP A 460 10.02 17.85 48.46
CA ASP A 460 10.52 17.43 49.77
C ASP A 460 9.61 16.48 50.54
N ARG A 461 8.37 16.28 50.06
CA ARG A 461 7.44 15.38 50.76
C ARG A 461 7.15 14.14 49.92
N THR A 462 6.71 13.07 50.60
CA THR A 462 6.36 11.78 50.03
C THR A 462 5.09 11.25 50.69
N GLU A 463 4.04 11.00 49.87
CA GLU A 463 2.82 10.40 50.41
C GLU A 463 3.17 8.88 50.45
N GLU A 464 3.34 8.33 51.65
CA GLU A 464 3.80 6.94 51.86
C GLU A 464 2.96 5.80 51.27
N TRP A 465 1.63 5.93 51.22
CA TRP A 465 0.78 4.87 50.68
C TRP A 465 1.02 4.57 49.20
N TYR A 466 1.37 5.59 48.40
CA TYR A 466 1.64 5.44 46.95
C TYR A 466 3.07 5.80 46.54
N GLY A 467 3.78 6.55 47.38
CA GLY A 467 5.14 7.00 47.10
C GLY A 467 5.19 8.31 46.34
N THR A 468 4.06 9.00 46.21
CA THR A 468 3.93 10.25 45.46
C THR A 468 4.87 11.37 45.95
N GLN A 469 5.64 11.96 45.04
CA GLN A 469 6.57 13.03 45.39
C GLN A 469 5.87 14.36 45.21
N TYR A 470 5.72 15.12 46.31
CA TYR A 470 5.07 16.42 46.32
C TYR A 470 5.78 17.45 47.21
N LYS A 471 5.34 18.71 47.10
CA LYS A 471 5.79 19.85 47.89
C LYS A 471 4.54 20.64 48.26
N GLN A 472 4.47 21.11 49.53
CA GLN A 472 3.40 21.93 50.06
C GLN A 472 3.93 23.32 50.43
N GLU A 473 3.19 24.38 50.02
CA GLU A 473 3.46 25.80 50.28
C GLU A 473 2.16 26.52 50.61
N ALA A 474 2.20 27.48 51.54
CA ALA A 474 1.04 28.29 51.83
C ALA A 474 0.93 29.37 50.69
N ILE A 475 -0.27 29.80 50.35
CA ILE A 475 -0.42 30.78 49.32
C ILE A 475 -0.31 32.19 49.92
N PRO A 476 0.60 33.00 49.42
CA PRO A 476 0.78 34.33 50.02
C PRO A 476 -0.54 35.09 50.10
N ASP A 477 -0.76 35.86 51.21
CA ASP A 477 -1.96 36.69 51.40
C ASP A 477 -2.09 37.68 50.27
N GLU A 478 -0.94 38.01 49.75
CA GLU A 478 -0.76 38.82 48.59
C GLU A 478 -1.44 38.20 47.39
N VAL A 479 -1.29 36.90 47.23
CA VAL A 479 -1.92 36.23 46.10
C VAL A 479 -3.42 36.13 46.30
N ILE A 480 -3.83 35.80 47.51
CA ILE A 480 -5.22 35.74 47.86
C ILE A 480 -5.98 37.02 47.62
N LYS A 481 -5.36 38.12 48.01
CA LYS A 481 -5.88 39.48 47.82
C LYS A 481 -6.18 39.79 46.38
N LYS A 482 -5.24 39.50 45.48
CA LYS A 482 -5.43 39.68 44.03
C LYS A 482 -6.65 38.90 43.58
N TRP A 483 -6.79 37.63 44.03
CA TRP A 483 -7.94 36.77 43.67
C TRP A 483 -9.26 37.35 44.21
N GLN A 484 -9.25 37.78 45.50
CA GLN A 484 -10.40 38.42 46.15
C GLN A 484 -10.80 39.72 45.45
N ASN A 485 -9.80 40.52 45.00
CA ASN A 485 -9.99 41.83 44.35
C ASN A 485 -10.05 41.80 42.82
N ALA A 486 -10.04 40.60 42.21
CA ALA A 486 -10.09 40.43 40.76
C ALA A 486 -11.12 41.38 40.10
N ASP A 487 -10.67 42.09 39.05
CA ASP A 487 -11.48 43.03 38.28
C ASP A 487 -12.61 42.30 37.54
N LEU A 488 -13.61 43.04 37.04
CA LEU A 488 -14.71 42.44 36.29
C LEU A 488 -14.16 42.10 34.90
N ASN A 489 -14.49 40.89 34.38
CA ASN A 489 -14.03 40.46 33.06
C ASN A 489 -15.23 40.23 32.15
N GLY A 490 -15.30 41.06 31.10
CA GLY A 490 -16.37 41.05 30.10
C GLY A 490 -16.42 39.82 29.22
N LYS A 491 -15.31 39.07 29.12
CA LYS A 491 -15.28 37.84 28.34
C LYS A 491 -16.19 36.79 28.96
N PHE A 492 -16.48 36.92 30.27
CA PHE A 492 -17.41 35.99 30.93
C PHE A 492 -18.83 36.46 30.83
N LYS A 493 -19.66 35.68 30.14
CA LYS A 493 -21.09 35.93 29.99
C LYS A 493 -21.77 34.57 30.22
N LEU A 494 -23.03 34.61 30.68
CA LEU A 494 -23.85 33.43 30.92
C LEU A 494 -24.16 32.78 29.60
N PRO A 495 -24.40 31.45 29.53
CA PRO A 495 -24.82 30.89 28.25
C PRO A 495 -26.15 31.50 27.80
N THR A 496 -26.47 31.41 26.51
CA THR A 496 -27.74 31.91 25.98
C THR A 496 -28.66 30.70 25.93
N LYS A 497 -29.91 30.90 25.49
CA LYS A 497 -30.91 29.83 25.35
C LYS A 497 -30.31 28.69 24.52
N ASN A 498 -30.35 27.47 25.09
CA ASN A 498 -29.86 26.30 24.38
C ASN A 498 -30.90 25.90 23.33
N GLU A 499 -30.63 26.31 22.09
CA GLU A 499 -31.47 26.04 20.92
C GLU A 499 -31.44 24.58 20.51
N PHE A 500 -30.58 23.75 21.12
CA PHE A 500 -30.54 22.33 20.75
C PHE A 500 -31.54 21.47 21.52
N ILE A 501 -32.16 22.01 22.58
CA ILE A 501 -33.12 21.23 23.37
C ILE A 501 -34.17 20.61 22.47
N PRO A 502 -34.30 19.26 22.45
CA PRO A 502 -35.27 18.64 21.54
C PRO A 502 -36.70 18.87 21.99
N THR A 503 -37.64 18.85 21.04
CA THR A 503 -39.07 19.05 21.32
C THR A 503 -39.90 18.05 20.57
N ASN A 504 -39.45 17.64 19.37
CA ASN A 504 -40.17 16.69 18.54
C ASN A 504 -39.73 15.28 18.89
N PHE A 505 -40.54 14.58 19.67
CA PHE A 505 -40.28 13.21 20.11
C PHE A 505 -41.12 12.20 19.39
N GLU A 506 -41.75 12.61 18.25
CA GLU A 506 -42.59 11.73 17.46
C GLU A 506 -41.87 10.46 16.97
N ILE A 507 -42.45 9.29 17.28
CA ILE A 507 -41.96 8.04 16.75
C ILE A 507 -42.72 7.91 15.43
N LEU A 508 -41.97 8.03 14.32
CA LEU A 508 -42.52 7.93 12.97
C LEU A 508 -43.01 6.51 12.76
N PRO A 509 -44.18 6.34 12.10
CA PRO A 509 -44.73 4.97 11.95
C PRO A 509 -43.75 4.06 11.21
N LEU A 510 -43.72 2.79 11.61
CA LEU A 510 -42.92 1.77 10.98
C LEU A 510 -43.41 1.65 9.53
N GLU A 511 -42.53 1.99 8.57
CA GLU A 511 -42.86 1.98 7.13
C GLU A 511 -43.29 0.59 6.67
N LYS A 512 -44.17 0.52 5.64
CA LYS A 512 -44.64 -0.74 5.06
C LYS A 512 -43.46 -1.60 4.57
N GLU A 513 -42.47 -0.96 3.94
CA GLU A 513 -41.26 -1.60 3.42
C GLU A 513 -40.07 -1.42 4.40
N ALA A 514 -40.29 -1.77 5.69
CA ALA A 514 -39.28 -1.72 6.75
C ALA A 514 -38.67 -3.12 6.86
N THR A 515 -37.36 -3.17 7.07
CA THR A 515 -36.58 -4.41 7.11
C THR A 515 -36.09 -4.77 8.53
N PRO A 516 -35.97 -6.08 8.89
CA PRO A 516 -35.47 -6.45 10.23
C PRO A 516 -33.99 -6.12 10.49
N TYR A 517 -33.17 -6.13 9.41
CA TYR A 517 -31.74 -5.81 9.45
C TYR A 517 -31.48 -4.64 8.51
N PRO A 518 -30.30 -3.99 8.56
CA PRO A 518 -30.05 -2.86 7.64
C PRO A 518 -30.08 -3.30 6.17
N ALA A 519 -30.56 -2.40 5.31
CA ALA A 519 -30.61 -2.68 3.88
C ALA A 519 -29.84 -1.61 3.14
N LEU A 520 -29.15 -2.02 2.09
CA LEU A 520 -28.37 -1.14 1.21
C LEU A 520 -29.38 -0.35 0.34
N ILE A 521 -29.58 0.92 0.70
CA ILE A 521 -30.57 1.77 0.03
C ILE A 521 -29.91 2.78 -0.92
N LYS A 522 -28.58 2.93 -0.85
CA LYS A 522 -27.84 3.78 -1.79
C LYS A 522 -26.51 3.14 -2.10
N ASP A 523 -26.28 2.76 -3.37
CA ASP A 523 -25.04 2.11 -3.84
C ASP A 523 -24.46 2.88 -5.03
N THR A 524 -23.55 3.82 -4.73
CA THR A 524 -22.93 4.68 -5.75
C THR A 524 -21.42 4.57 -5.67
N ALA A 525 -20.73 5.26 -6.58
CA ALA A 525 -19.27 5.27 -6.63
C ALA A 525 -18.78 6.04 -5.40
N MET A 526 -19.56 7.03 -4.97
CA MET A 526 -19.23 7.81 -3.79
C MET A 526 -19.69 7.16 -2.50
N SER A 527 -20.87 6.54 -2.47
CA SER A 527 -21.35 6.11 -1.18
C SER A 527 -22.21 4.87 -1.14
N LYS A 528 -22.04 4.10 -0.04
CA LYS A 528 -22.80 2.92 0.33
C LYS A 528 -23.59 3.28 1.58
N LEU A 529 -24.94 3.25 1.48
CA LEU A 529 -25.78 3.63 2.62
C LEU A 529 -26.59 2.45 3.16
N TRP A 530 -26.29 2.03 4.39
CA TRP A 530 -27.04 0.98 5.08
C TRP A 530 -28.04 1.68 5.99
N PHE A 531 -29.30 1.23 5.96
CA PHE A 531 -30.35 1.85 6.73
C PHE A 531 -31.32 0.85 7.30
N LYS A 532 -31.79 1.14 8.52
CA LYS A 532 -32.79 0.37 9.23
C LYS A 532 -33.56 1.33 10.13
N GLN A 533 -34.87 1.36 9.94
CA GLN A 533 -35.75 2.15 10.80
C GLN A 533 -35.92 1.24 12.03
N ASP A 534 -35.73 1.78 13.24
CA ASP A 534 -35.84 0.99 14.45
C ASP A 534 -37.23 0.35 14.62
N ASP A 535 -37.25 -0.97 14.92
CA ASP A 535 -38.50 -1.70 15.14
C ASP A 535 -38.50 -2.42 16.51
N LYS A 536 -37.75 -1.90 17.52
CA LYS A 536 -37.67 -2.53 18.85
C LYS A 536 -37.78 -1.59 20.02
N PHE A 537 -37.10 -0.44 19.96
CA PHE A 537 -37.03 0.45 21.11
C PHE A 537 -38.04 1.57 21.06
N PHE A 538 -38.30 2.15 19.87
CA PHE A 538 -39.32 3.19 19.72
C PHE A 538 -39.06 4.39 20.64
N LEU A 539 -37.80 4.81 20.68
CA LEU A 539 -37.37 5.98 21.43
C LEU A 539 -37.03 7.02 20.39
N PRO A 540 -37.21 8.32 20.65
CA PRO A 540 -36.97 9.30 19.59
C PRO A 540 -35.49 9.60 19.41
N LYS A 541 -34.76 8.60 18.95
CA LYS A 541 -33.32 8.70 18.75
C LYS A 541 -32.91 8.01 17.48
N ALA A 542 -31.66 8.20 17.08
CA ALA A 542 -31.09 7.62 15.87
C ALA A 542 -29.57 7.65 15.97
N ASN A 543 -28.92 6.67 15.34
CA ASN A 543 -27.46 6.57 15.27
C ASN A 543 -27.06 6.73 13.83
N LEU A 544 -26.19 7.69 13.56
CA LEU A 544 -25.73 7.96 12.22
C LEU A 544 -24.24 7.71 12.18
N ASN A 545 -23.79 6.63 11.53
CA ASN A 545 -22.38 6.23 11.40
C ASN A 545 -21.88 6.43 9.97
N PHE A 546 -20.73 7.05 9.80
CA PHE A 546 -20.09 7.30 8.51
C PHE A 546 -18.62 6.92 8.56
N GLU A 547 -18.17 6.08 7.64
CA GLU A 547 -16.77 5.73 7.49
C GLU A 547 -16.34 6.39 6.18
N PHE A 548 -15.50 7.46 6.27
CA PHE A 548 -14.99 8.23 5.13
C PHE A 548 -13.66 7.61 4.77
N PHE A 549 -13.56 7.06 3.54
CA PHE A 549 -12.37 6.40 3.06
C PHE A 549 -11.50 7.27 2.23
N SER A 550 -10.20 7.29 2.53
CA SER A 550 -9.24 7.96 1.70
C SER A 550 -7.88 7.25 1.77
N PRO A 551 -7.20 6.97 0.63
CA PRO A 551 -5.83 6.43 0.71
C PRO A 551 -4.81 7.40 1.33
N PHE A 552 -5.17 8.68 1.52
CA PHE A 552 -4.22 9.68 2.05
C PHE A 552 -4.26 9.84 3.58
N ALA A 553 -5.17 9.17 4.26
CA ALA A 553 -5.24 9.26 5.70
C ALA A 553 -4.18 8.45 6.44
N TYR A 554 -3.58 7.46 5.78
CA TYR A 554 -2.61 6.57 6.41
C TYR A 554 -1.47 6.20 5.46
N VAL A 555 -1.35 6.89 4.31
CA VAL A 555 -0.31 6.57 3.32
C VAL A 555 1.13 6.46 3.95
N ASP A 556 1.38 7.29 4.98
CA ASP A 556 2.63 7.29 5.72
C ASP A 556 2.42 7.92 7.12
N PRO A 557 3.44 7.88 8.03
CA PRO A 557 3.24 8.46 9.38
C PRO A 557 2.83 9.92 9.34
N LEU A 558 3.48 10.74 8.49
CA LEU A 558 3.14 12.16 8.34
C LEU A 558 1.67 12.43 8.10
N HIS A 559 1.10 11.77 7.10
CA HIS A 559 -0.29 11.96 6.69
C HIS A 559 -1.21 11.46 7.77
N SER A 560 -0.79 10.38 8.49
CA SER A 560 -1.52 9.84 9.61
C SER A 560 -1.54 10.86 10.76
N ASN A 561 -0.41 11.52 11.04
CA ASN A 561 -0.34 12.59 12.03
C ASN A 561 -1.26 13.70 11.58
N MET A 562 -1.13 14.11 10.30
CA MET A 562 -1.99 15.20 9.78
C MET A 562 -3.48 14.89 9.85
N ALA A 563 -3.88 13.62 9.63
CA ALA A 563 -5.30 13.26 9.73
C ALA A 563 -5.74 13.39 11.23
N TYR A 564 -4.85 13.05 12.15
CA TYR A 564 -5.14 13.12 13.58
C TYR A 564 -5.31 14.60 13.97
N LEU A 565 -4.29 15.42 13.68
CA LEU A 565 -4.26 16.86 13.95
C LEU A 565 -5.42 17.58 13.37
N TYR A 566 -5.78 17.21 12.13
CA TYR A 566 -6.93 17.77 11.44
C TYR A 566 -8.21 17.58 12.27
N LEU A 567 -8.53 16.35 12.64
CA LEU A 567 -9.78 16.06 13.35
C LEU A 567 -9.81 16.56 14.78
N GLU A 568 -8.62 16.70 15.44
CA GLU A 568 -8.51 17.27 16.78
C GLU A 568 -8.79 18.77 16.71
N LEU A 569 -8.26 19.47 15.68
CA LEU A 569 -8.48 20.92 15.53
C LEU A 569 -9.90 21.20 15.19
N LEU A 570 -10.48 20.31 14.39
CA LEU A 570 -11.85 20.42 14.00
C LEU A 570 -12.81 20.21 15.23
N LYS A 571 -12.58 19.18 16.08
CA LYS A 571 -13.39 18.94 17.30
C LYS A 571 -13.22 20.13 18.28
N ASP A 572 -12.00 20.67 18.36
CA ASP A 572 -11.66 21.81 19.18
C ASP A 572 -12.39 23.14 18.74
N SER A 573 -12.56 23.34 17.43
CA SER A 573 -13.20 24.54 16.86
C SER A 573 -14.73 24.43 16.85
N LEU A 574 -15.26 23.22 16.87
CA LEU A 574 -16.68 22.95 16.87
C LEU A 574 -17.17 22.82 18.32
N ASN A 575 -16.26 22.74 19.30
CA ASN A 575 -16.56 22.42 20.70
C ASN A 575 -17.56 23.34 21.36
N GLU A 576 -17.36 24.67 21.27
CA GLU A 576 -18.29 25.64 21.83
C GLU A 576 -19.72 25.43 21.33
N TYR A 577 -19.90 25.17 20.02
CA TYR A 577 -21.22 24.94 19.40
C TYR A 577 -21.71 23.56 19.76
N ALA A 578 -20.82 22.54 19.67
CA ALA A 578 -21.20 21.15 19.94
C ALA A 578 -21.66 20.87 21.39
N TYR A 579 -21.08 21.56 22.38
CA TYR A 579 -21.38 21.41 23.81
C TYR A 579 -22.87 21.55 24.17
N ALA A 580 -23.56 22.54 23.56
CA ALA A 580 -25.00 22.71 23.77
C ALA A 580 -25.78 21.50 23.24
N ALA A 581 -25.34 20.92 22.11
CA ALA A 581 -25.97 19.73 21.52
C ALA A 581 -25.82 18.52 22.51
N GLU A 582 -24.59 18.36 23.04
CA GLU A 582 -24.17 17.35 24.00
C GLU A 582 -25.05 17.41 25.25
N LEU A 583 -25.33 18.62 25.77
CA LEU A 583 -26.18 18.83 26.94
C LEU A 583 -27.60 18.41 26.62
N ALA A 584 -28.05 18.62 25.36
CA ALA A 584 -29.38 18.27 24.83
C ALA A 584 -29.46 16.84 24.29
N GLY A 585 -28.54 15.96 24.73
CA GLY A 585 -28.50 14.56 24.38
C GLY A 585 -28.22 14.27 22.91
N LEU A 586 -27.41 15.12 22.25
CA LEU A 586 -27.05 14.94 20.85
C LEU A 586 -25.53 14.94 20.82
N SER A 587 -24.92 13.76 20.70
CA SER A 587 -23.48 13.70 20.78
C SER A 587 -22.83 13.21 19.48
N TYR A 588 -21.53 13.44 19.34
CA TYR A 588 -20.82 13.00 18.17
C TYR A 588 -19.39 12.65 18.47
N ASP A 589 -18.86 11.71 17.70
CA ASP A 589 -17.46 11.35 17.79
C ASP A 589 -16.90 11.48 16.37
N LEU A 590 -15.63 11.93 16.28
CA LEU A 590 -14.93 12.11 15.02
C LEU A 590 -13.50 11.68 15.23
N GLN A 591 -13.11 10.55 14.60
CA GLN A 591 -11.76 10.04 14.74
C GLN A 591 -11.14 9.61 13.45
N ASN A 592 -9.81 9.63 13.37
CA ASN A 592 -9.15 9.16 12.17
C ASN A 592 -8.96 7.63 12.39
N THR A 593 -8.94 6.88 11.30
CA THR A 593 -8.78 5.41 11.33
C THR A 593 -7.58 5.13 10.41
N ILE A 594 -7.28 3.84 10.22
CA ILE A 594 -6.24 3.39 9.30
C ILE A 594 -6.69 3.47 7.82
N TYR A 595 -8.00 3.73 7.54
CA TYR A 595 -8.59 3.82 6.18
C TYR A 595 -9.11 5.26 5.82
N GLY A 596 -9.20 6.11 6.81
CA GLY A 596 -9.70 7.47 6.64
C GLY A 596 -10.14 8.09 7.95
N MET A 597 -11.45 8.32 8.08
CA MET A 597 -12.11 9.01 9.20
C MET A 597 -13.43 8.32 9.54
N TYR A 598 -13.77 8.32 10.83
CA TYR A 598 -15.01 7.76 11.38
C TYR A 598 -15.77 8.89 12.07
N LEU A 599 -17.07 8.96 11.76
CA LEU A 599 -17.96 9.94 12.31
C LEU A 599 -19.21 9.25 12.77
N SER A 600 -19.60 9.54 14.00
CA SER A 600 -20.83 8.99 14.53
C SER A 600 -21.54 10.08 15.24
N VAL A 601 -22.84 10.16 14.97
CA VAL A 601 -23.73 11.16 15.54
C VAL A 601 -24.82 10.35 16.22
N LYS A 602 -24.94 10.53 17.55
CA LYS A 602 -25.91 9.77 18.32
C LYS A 602 -26.77 10.63 19.21
N GLY A 603 -28.00 10.19 19.43
CA GLY A 603 -28.93 10.86 20.34
C GLY A 603 -30.27 11.15 19.73
N TYR A 604 -30.98 12.14 20.29
CA TYR A 604 -32.31 12.54 19.84
C TYR A 604 -32.23 12.95 18.39
N ASN A 605 -33.05 12.31 17.56
CA ASN A 605 -33.06 12.50 16.11
C ASN A 605 -33.43 13.91 15.67
N ASP A 606 -34.18 14.64 16.51
CA ASP A 606 -34.74 15.97 16.21
C ASP A 606 -33.77 16.94 15.52
N LYS A 607 -32.78 17.46 16.26
CA LYS A 607 -31.83 18.48 15.78
C LYS A 607 -30.59 17.85 15.14
N GLN A 608 -30.61 16.52 15.00
CA GLN A 608 -29.53 15.72 14.44
C GLN A 608 -29.06 16.22 13.07
N PRO A 609 -29.96 16.48 12.09
CA PRO A 609 -29.49 16.98 10.78
C PRO A 609 -28.77 18.32 10.85
N ILE A 610 -29.14 19.14 11.84
CA ILE A 610 -28.52 20.47 12.06
C ILE A 610 -27.05 20.29 12.49
N LEU A 611 -26.79 19.42 13.51
CA LEU A 611 -25.44 19.18 14.00
C LEU A 611 -24.58 18.54 12.89
N LEU A 612 -25.13 17.53 12.19
CA LEU A 612 -24.44 16.84 11.09
C LEU A 612 -23.99 17.83 10.01
N LYS A 613 -24.89 18.76 9.62
CA LYS A 613 -24.58 19.76 8.59
C LYS A 613 -23.40 20.63 8.99
N LYS A 614 -23.39 21.05 10.25
CA LYS A 614 -22.36 21.90 10.84
C LYS A 614 -21.03 21.20 10.86
N ILE A 615 -21.01 19.89 11.23
CA ILE A 615 -19.79 19.08 11.23
C ILE A 615 -19.24 18.96 9.78
N ILE A 616 -20.09 18.58 8.81
CA ILE A 616 -19.63 18.38 7.41
C ILE A 616 -19.19 19.71 6.78
N GLU A 617 -19.95 20.82 6.97
CA GLU A 617 -19.52 22.14 6.48
C GLU A 617 -18.17 22.50 7.03
N LYS A 618 -18.01 22.39 8.35
CA LYS A 618 -16.75 22.73 9.02
C LYS A 618 -15.61 21.87 8.53
N MET A 619 -15.83 20.55 8.30
CA MET A 619 -14.84 19.61 7.79
C MET A 619 -14.29 20.15 6.45
N ALA A 620 -15.22 20.49 5.52
CA ALA A 620 -14.99 21.02 4.18
C ALA A 620 -14.51 22.49 4.10
N THR A 621 -14.77 23.34 5.11
CA THR A 621 -14.36 24.75 5.04
C THR A 621 -13.51 25.15 6.24
N PHE A 622 -12.70 24.20 6.72
CA PHE A 622 -11.90 24.38 7.92
C PHE A 622 -10.76 25.37 7.78
N GLU A 623 -10.80 26.42 8.64
CA GLU A 623 -9.81 27.50 8.77
C GLU A 623 -9.10 27.33 10.12
N ILE A 624 -7.86 26.84 10.08
CA ILE A 624 -7.06 26.55 11.27
C ILE A 624 -6.48 27.79 11.93
N ASP A 625 -6.61 27.86 13.25
CA ASP A 625 -6.01 28.91 14.05
C ASP A 625 -4.62 28.41 14.48
N GLU A 626 -3.57 29.12 14.09
CA GLU A 626 -2.17 28.79 14.38
C GLU A 626 -1.91 28.46 15.84
N LYS A 627 -2.41 29.31 16.77
CA LYS A 627 -2.24 29.11 18.23
C LYS A 627 -2.73 27.74 18.68
N ARG A 628 -3.95 27.35 18.27
CA ARG A 628 -4.57 26.08 18.59
C ARG A 628 -3.72 24.95 17.97
N PHE A 629 -3.36 25.10 16.66
CA PHE A 629 -2.53 24.12 15.95
C PHE A 629 -1.27 23.78 16.75
N GLU A 630 -0.49 24.80 17.16
CA GLU A 630 0.72 24.57 17.96
C GLU A 630 0.43 23.87 19.31
N ILE A 631 -0.67 24.25 19.98
CA ILE A 631 -1.07 23.66 21.27
C ILE A 631 -1.46 22.18 21.10
N ILE A 632 -2.33 21.90 20.15
CA ILE A 632 -2.78 20.54 19.84
C ILE A 632 -1.60 19.68 19.34
N LYS A 633 -0.69 20.29 18.55
CA LYS A 633 0.50 19.58 18.07
C LYS A 633 1.36 19.20 19.25
N GLU A 634 1.48 20.11 20.24
CA GLU A 634 2.30 19.85 21.42
C GLU A 634 1.67 18.78 22.31
N ALA A 635 0.33 18.82 22.48
CA ALA A 635 -0.43 17.85 23.27
C ALA A 635 -0.28 16.44 22.67
N TYR A 636 -0.37 16.34 21.32
CA TYR A 636 -0.27 15.07 20.57
C TYR A 636 1.09 14.44 20.75
N MET A 637 2.16 15.23 20.73
CA MET A 637 3.52 14.72 20.95
C MET A 637 3.59 14.03 22.33
N ARG A 638 3.09 14.73 23.38
CA ARG A 638 3.02 14.18 24.75
C ARG A 638 2.15 12.94 24.82
N SER A 639 0.98 12.98 24.15
CA SER A 639 0.06 11.84 24.09
C SER A 639 0.81 10.61 23.51
N LEU A 640 1.70 10.83 22.48
CA LEU A 640 2.53 9.80 21.82
C LEU A 640 3.60 9.26 22.77
N ASN A 641 4.28 10.15 23.49
CA ASN A 641 5.28 9.71 24.48
C ASN A 641 4.62 9.00 25.66
N ASN A 642 3.41 9.44 26.09
CA ASN A 642 2.70 8.86 27.24
C ASN A 642 2.30 7.39 27.08
N PHE A 643 2.45 6.85 25.87
CA PHE A 643 2.18 5.43 25.62
C PHE A 643 3.16 4.55 26.39
N ARG A 644 4.40 5.05 26.65
CA ARG A 644 5.43 4.37 27.45
C ARG A 644 4.96 4.03 28.88
N ALA A 645 4.02 4.83 29.43
CA ALA A 645 3.49 4.68 30.78
C ALA A 645 2.26 3.77 30.84
N GLU A 646 1.80 3.27 29.69
CA GLU A 646 0.67 2.32 29.66
C GLU A 646 1.11 0.94 30.17
N GLN A 647 0.16 0.14 30.65
CA GLN A 647 0.38 -1.21 31.17
C GLN A 647 1.03 -2.16 30.15
N PRO A 648 1.88 -3.11 30.61
CA PRO A 648 2.57 -4.00 29.67
C PRO A 648 1.68 -4.85 28.77
N HIS A 649 0.46 -5.21 29.21
CA HIS A 649 -0.49 -6.02 28.42
C HIS A 649 -1.02 -5.18 27.25
N GLN A 650 -1.24 -3.86 27.50
CA GLN A 650 -1.66 -2.90 26.48
C GLN A 650 -0.53 -2.79 25.44
N HIS A 651 0.74 -2.75 25.89
CA HIS A 651 1.89 -2.75 24.96
C HIS A 651 1.92 -4.04 24.12
N ALA A 652 1.77 -5.23 24.76
CA ALA A 652 1.76 -6.52 24.06
C ALA A 652 0.71 -6.58 22.93
N MET A 653 -0.52 -6.09 23.21
CA MET A 653 -1.63 -6.06 22.24
C MET A 653 -1.34 -5.08 21.08
N TYR A 654 -0.65 -4.00 21.38
CA TYR A 654 -0.27 -2.98 20.40
C TYR A 654 0.80 -3.52 19.46
N TYR A 655 1.83 -4.15 20.01
CA TYR A 655 2.91 -4.74 19.22
C TYR A 655 2.39 -5.83 18.29
N LEU A 656 1.41 -6.66 18.76
CA LEU A 656 0.85 -7.72 17.92
C LEU A 656 0.05 -7.15 16.74
N ARG A 657 -0.70 -6.06 16.96
CA ARG A 657 -1.44 -5.37 15.88
C ARG A 657 -0.43 -4.79 14.89
N LEU A 658 0.70 -4.28 15.36
CA LEU A 658 1.72 -3.74 14.44
C LEU A 658 2.24 -4.82 13.51
N LEU A 659 2.57 -5.96 14.09
CA LEU A 659 3.17 -7.13 13.46
C LEU A 659 2.31 -7.86 12.46
N MET A 660 1.03 -8.00 12.78
CA MET A 660 0.12 -8.82 12.03
C MET A 660 -0.65 -8.09 10.95
N THR A 661 -0.57 -6.77 10.89
CA THR A 661 -1.29 -5.98 9.88
C THR A 661 -0.30 -5.59 8.82
N GLU A 662 -0.70 -5.74 7.55
CA GLU A 662 0.10 -5.40 6.37
C GLU A 662 0.84 -4.04 6.53
N VAL A 663 0.09 -2.95 6.89
CA VAL A 663 0.60 -1.58 7.09
C VAL A 663 0.24 -1.10 8.52
N ALA A 664 1.24 -0.58 9.24
CA ALA A 664 1.04 -0.08 10.60
C ALA A 664 2.17 0.82 10.97
N TRP A 665 1.86 2.06 11.39
CA TRP A 665 2.92 3.01 11.79
C TRP A 665 3.09 2.96 13.32
N THR A 666 4.34 2.81 13.78
CA THR A 666 4.62 2.76 15.22
C THR A 666 4.51 4.18 15.80
N LYS A 667 4.35 4.26 17.15
CA LYS A 667 4.31 5.50 17.93
C LYS A 667 5.58 6.32 17.72
N ASP A 668 6.76 5.67 17.58
CA ASP A 668 8.05 6.33 17.35
C ASP A 668 8.12 6.94 15.97
N GLU A 669 7.60 6.23 14.94
CA GLU A 669 7.54 6.76 13.56
C GLU A 669 6.59 7.94 13.50
N LEU A 670 5.43 7.82 14.17
CA LEU A 670 4.48 8.91 14.23
C LEU A 670 5.13 10.19 14.87
N LYS A 671 5.85 10.00 15.99
CA LYS A 671 6.47 11.13 16.68
C LYS A 671 7.69 11.69 15.96
N GLU A 672 8.42 10.86 15.23
CA GLU A 672 9.55 11.30 14.40
C GLU A 672 9.03 12.19 13.27
N ALA A 673 7.89 11.77 12.65
CA ALA A 673 7.26 12.52 11.57
C ALA A 673 6.50 13.77 12.03
N LEU A 674 6.10 13.85 13.33
CA LEU A 674 5.30 14.97 13.84
C LEU A 674 5.94 16.36 13.72
N ASP A 675 7.24 16.47 13.91
CA ASP A 675 7.95 17.73 13.82
C ASP A 675 7.89 18.32 12.44
N ASP A 676 7.74 17.46 11.42
CA ASP A 676 7.60 17.90 10.03
C ASP A 676 6.22 18.46 9.73
N VAL A 677 5.20 18.19 10.61
CA VAL A 677 3.87 18.73 10.39
C VAL A 677 3.87 20.25 10.65
N THR A 678 3.95 21.04 9.59
CA THR A 678 3.91 22.51 9.68
C THR A 678 2.48 22.93 9.37
N LEU A 679 2.15 24.22 9.64
CA LEU A 679 0.82 24.76 9.38
C LEU A 679 0.53 24.79 7.86
N PRO A 680 1.48 25.24 6.99
CA PRO A 680 1.24 25.14 5.52
C PRO A 680 1.03 23.71 5.02
N ARG A 681 1.77 22.70 5.56
CA ARG A 681 1.59 21.27 5.15
C ARG A 681 0.22 20.73 5.54
N LEU A 682 -0.25 21.05 6.76
CA LEU A 682 -1.59 20.65 7.23
C LEU A 682 -2.68 21.33 6.39
N LYS A 683 -2.51 22.61 6.07
CA LYS A 683 -3.46 23.32 5.20
C LYS A 683 -3.53 22.70 3.80
N ALA A 684 -2.40 22.21 3.29
CA ALA A 684 -2.38 21.56 1.99
C ALA A 684 -3.00 20.16 2.11
N PHE A 685 -2.71 19.45 3.20
CA PHE A 685 -3.25 18.10 3.41
C PHE A 685 -4.79 17.99 3.38
N ILE A 686 -5.55 18.91 4.02
CA ILE A 686 -7.03 18.79 4.15
C ILE A 686 -7.74 18.72 2.78
N PRO A 687 -7.60 19.71 1.85
CA PRO A 687 -8.24 19.56 0.53
C PRO A 687 -7.75 18.29 -0.18
N GLN A 688 -6.49 17.90 0.02
CA GLN A 688 -5.99 16.65 -0.58
C GLN A 688 -6.77 15.44 0.00
N LEU A 689 -6.95 15.40 1.32
CA LEU A 689 -7.70 14.31 1.97
C LEU A 689 -9.14 14.22 1.49
N LEU A 690 -9.80 15.34 1.38
CA LEU A 690 -11.21 15.39 1.02
C LEU A 690 -11.47 15.35 -0.47
N SER A 691 -10.42 15.50 -1.32
CA SER A 691 -10.53 15.56 -2.79
C SER A 691 -11.20 14.36 -3.39
N ARG A 692 -10.88 13.16 -2.86
CA ARG A 692 -11.41 11.87 -3.33
C ARG A 692 -11.83 11.01 -2.11
N LEU A 693 -13.09 10.60 -2.06
CA LEU A 693 -13.60 9.84 -0.90
C LEU A 693 -14.60 8.81 -1.29
N HIS A 694 -14.75 7.79 -0.44
CA HIS A 694 -15.86 6.85 -0.48
C HIS A 694 -16.52 6.94 0.90
N ILE A 695 -17.85 7.00 0.96
CA ILE A 695 -18.56 7.10 2.23
C ILE A 695 -19.34 5.87 2.45
N GLU A 696 -19.13 5.17 3.57
CA GLU A 696 -19.96 4.02 3.88
C GLU A 696 -20.70 4.36 5.15
N ALA A 697 -22.02 4.34 5.10
CA ALA A 697 -22.82 4.76 6.23
C ALA A 697 -23.79 3.77 6.75
N LEU A 698 -24.16 3.94 8.01
CA LEU A 698 -25.20 3.20 8.69
C LEU A 698 -26.06 4.20 9.44
N LEU A 699 -27.33 4.31 9.05
CA LEU A 699 -28.29 5.17 9.72
C LEU A 699 -29.33 4.24 10.27
N HIS A 700 -29.45 4.24 11.61
CA HIS A 700 -30.33 3.33 12.30
C HIS A 700 -31.03 4.01 13.44
N GLY A 701 -32.37 4.02 13.40
CA GLY A 701 -33.22 4.56 14.47
C GLY A 701 -34.57 5.11 14.03
N ASN A 702 -35.01 6.19 14.70
CA ASN A 702 -36.30 6.83 14.45
C ASN A 702 -36.15 7.75 13.23
N ILE A 703 -36.08 7.12 12.05
CA ILE A 703 -35.88 7.77 10.75
C ILE A 703 -36.47 6.90 9.68
N THR A 704 -37.01 7.53 8.62
CA THR A 704 -37.57 6.84 7.47
C THR A 704 -36.50 6.72 6.37
N LYS A 705 -36.80 5.90 5.35
CA LYS A 705 -35.98 5.68 4.16
C LYS A 705 -35.73 7.02 3.47
N GLN A 706 -36.80 7.83 3.27
CA GLN A 706 -36.67 9.17 2.67
C GLN A 706 -35.72 10.08 3.47
N ALA A 707 -35.88 10.10 4.80
CA ALA A 707 -35.07 10.90 5.70
C ALA A 707 -33.60 10.48 5.63
N ALA A 708 -33.33 9.14 5.66
CA ALA A 708 -31.99 8.53 5.56
C ALA A 708 -31.28 9.04 4.26
N LEU A 709 -31.94 8.81 3.09
CA LEU A 709 -31.50 9.29 1.77
C LEU A 709 -31.22 10.81 1.73
N GLY A 710 -32.06 11.60 2.39
CA GLY A 710 -31.87 13.06 2.52
C GLY A 710 -30.65 13.46 3.34
N ILE A 711 -30.28 12.63 4.35
CA ILE A 711 -29.12 12.88 5.23
C ILE A 711 -27.82 12.64 4.42
N MET A 712 -27.72 11.47 3.80
CA MET A 712 -26.58 11.08 2.96
C MET A 712 -26.32 12.12 1.86
N GLN A 713 -27.39 12.54 1.14
CA GLN A 713 -27.29 13.52 0.05
C GLN A 713 -26.77 14.85 0.54
N MET A 714 -27.22 15.29 1.71
CA MET A 714 -26.77 16.52 2.36
C MET A 714 -25.22 16.45 2.66
N VAL A 715 -24.73 15.25 3.09
CA VAL A 715 -23.32 14.96 3.42
C VAL A 715 -22.50 15.01 2.14
N GLU A 716 -22.96 14.30 1.12
CA GLU A 716 -22.33 14.33 -0.21
C GLU A 716 -22.31 15.77 -0.79
N ASP A 717 -23.50 16.43 -0.88
CA ASP A 717 -23.65 17.80 -1.40
C ASP A 717 -22.71 18.77 -0.69
N THR A 718 -22.59 18.66 0.64
CA THR A 718 -21.70 19.55 1.40
C THR A 718 -20.24 19.31 0.98
N LEU A 719 -19.81 18.05 0.89
CA LEU A 719 -18.43 17.70 0.49
C LEU A 719 -18.14 18.11 -0.96
N ILE A 720 -19.02 17.75 -1.90
CA ILE A 720 -18.97 18.11 -3.32
C ILE A 720 -18.86 19.65 -3.49
N GLU A 721 -19.73 20.40 -2.80
CA GLU A 721 -19.75 21.87 -2.89
C GLU A 721 -18.49 22.59 -2.37
N HIS A 722 -18.10 22.32 -1.12
CA HIS A 722 -17.01 23.07 -0.49
C HIS A 722 -15.63 22.45 -0.61
N ALA A 723 -15.56 21.11 -0.70
CA ALA A 723 -14.28 20.38 -0.83
C ALA A 723 -14.04 19.81 -2.26
N HIS A 724 -15.03 19.97 -3.19
CA HIS A 724 -14.93 19.48 -4.59
C HIS A 724 -14.67 17.98 -4.66
N THR A 725 -15.27 17.23 -3.71
CA THR A 725 -15.11 15.79 -3.56
C THR A 725 -15.58 15.00 -4.78
N LYS A 726 -14.75 14.06 -5.23
CA LYS A 726 -15.10 13.13 -6.30
C LYS A 726 -14.92 11.72 -5.73
N PRO A 727 -15.57 10.67 -6.29
CA PRO A 727 -15.36 9.31 -5.75
C PRO A 727 -14.01 8.68 -6.06
N LEU A 728 -13.68 7.70 -5.27
CA LEU A 728 -12.53 6.87 -5.39
C LEU A 728 -12.88 5.75 -6.31
N LEU A 729 -11.85 5.19 -7.02
CA LEU A 729 -12.00 4.05 -7.92
C LEU A 729 -12.20 2.78 -7.09
N PRO A 730 -13.03 1.79 -7.52
CA PRO A 730 -13.21 0.58 -6.70
C PRO A 730 -11.92 -0.17 -6.37
N SER A 731 -10.92 -0.10 -7.28
CA SER A 731 -9.58 -0.69 -7.11
C SER A 731 -8.79 0.04 -6.00
N GLN A 732 -9.15 1.29 -5.67
CA GLN A 732 -8.44 2.06 -4.63
C GLN A 732 -8.96 1.66 -3.21
N LEU A 733 -10.14 1.07 -3.14
CA LEU A 733 -10.79 0.68 -1.89
C LEU A 733 -10.20 -0.63 -1.42
N VAL A 734 -8.94 -0.59 -1.03
CA VAL A 734 -8.19 -1.75 -0.60
C VAL A 734 -8.13 -1.81 0.91
N ARG A 735 -8.35 -3.01 1.46
CA ARG A 735 -8.30 -3.26 2.89
C ARG A 735 -7.01 -3.98 3.18
N TYR A 736 -6.47 -3.82 4.38
CA TYR A 736 -5.24 -4.48 4.78
C TYR A 736 -5.50 -5.93 5.14
N ARG A 737 -4.51 -6.76 4.82
CA ARG A 737 -4.54 -8.20 5.04
C ARG A 737 -3.79 -8.59 6.32
N GLU A 738 -4.05 -9.81 6.84
CA GLU A 738 -3.30 -10.27 8.01
C GLU A 738 -2.10 -11.06 7.49
N VAL A 739 -1.01 -11.07 8.25
CA VAL A 739 0.18 -11.84 7.88
C VAL A 739 -0.16 -13.37 7.97
N GLN A 740 0.22 -14.16 6.96
CA GLN A 740 -0.04 -15.61 6.96
C GLN A 740 1.12 -16.42 7.59
N LEU A 741 0.96 -16.81 8.86
CA LEU A 741 1.99 -17.57 9.59
C LEU A 741 2.27 -18.96 9.00
N PRO A 742 3.54 -19.44 9.02
CA PRO A 742 3.80 -20.78 8.47
C PRO A 742 3.37 -21.89 9.43
N ASP A 743 2.95 -23.03 8.85
CA ASP A 743 2.58 -24.26 9.54
C ASP A 743 3.76 -24.67 10.40
N ARG A 744 3.48 -24.90 11.70
CA ARG A 744 4.40 -25.32 12.78
C ARG A 744 5.42 -24.23 13.19
N GLY A 745 5.15 -22.98 12.82
CA GLY A 745 6.01 -21.86 13.20
C GLY A 745 5.62 -21.25 14.54
N TRP A 746 6.63 -20.77 15.28
CA TRP A 746 6.46 -20.02 16.53
C TRP A 746 7.35 -18.83 16.46
N PHE A 747 6.76 -17.63 16.45
CA PHE A 747 7.54 -16.39 16.41
C PHE A 747 7.37 -15.61 17.70
N VAL A 748 8.47 -15.01 18.18
CA VAL A 748 8.42 -14.18 19.38
C VAL A 748 8.98 -12.77 19.10
N TYR A 749 8.20 -11.74 19.49
CA TYR A 749 8.63 -10.34 19.44
C TYR A 749 8.72 -9.90 20.87
N GLN A 750 9.89 -9.39 21.26
CA GLN A 750 10.13 -8.94 22.64
C GLN A 750 10.51 -7.47 22.75
N GLN A 751 9.95 -6.80 23.76
CA GLN A 751 10.18 -5.39 24.10
C GLN A 751 10.09 -5.23 25.61
N ARG A 752 10.39 -4.03 26.13
CA ARG A 752 10.35 -3.76 27.57
C ARG A 752 9.47 -2.57 27.93
N ASN A 753 8.71 -2.70 29.03
CA ASN A 753 7.92 -1.61 29.58
C ASN A 753 8.82 -0.95 30.62
N GLU A 754 9.21 0.33 30.38
CA GLU A 754 10.14 1.11 31.20
C GLU A 754 9.51 1.79 32.42
N VAL A 755 8.19 1.61 32.62
CA VAL A 755 7.46 2.25 33.71
C VAL A 755 6.95 1.25 34.76
N HIS A 756 6.38 0.12 34.31
CA HIS A 756 5.80 -0.88 35.20
C HIS A 756 6.74 -2.04 35.46
N ASN A 757 6.71 -2.59 36.69
CA ASN A 757 7.53 -3.76 37.02
C ASN A 757 6.63 -5.01 37.09
N ASN A 758 6.02 -5.29 35.94
CA ASN A 758 5.11 -6.40 35.63
C ASN A 758 5.33 -6.69 34.15
N SER A 759 5.30 -7.97 33.76
CA SER A 759 5.38 -8.40 32.36
C SER A 759 3.98 -8.37 31.71
N GLY A 760 3.98 -8.33 30.39
CA GLY A 760 2.78 -8.38 29.57
C GLY A 760 2.96 -9.39 28.46
N ILE A 761 1.89 -10.10 28.09
CA ILE A 761 1.99 -11.11 27.04
C ILE A 761 0.71 -11.23 26.24
N GLU A 762 0.88 -11.49 24.96
CA GLU A 762 -0.21 -11.87 24.11
C GLU A 762 0.26 -13.05 23.28
N ILE A 763 -0.42 -14.19 23.42
CA ILE A 763 -0.14 -15.39 22.64
C ILE A 763 -1.29 -15.52 21.65
N TYR A 764 -0.95 -15.68 20.38
CA TYR A 764 -1.92 -15.80 19.30
C TYR A 764 -1.67 -17.06 18.47
N TYR A 765 -2.65 -17.95 18.46
CA TYR A 765 -2.64 -19.18 17.66
C TYR A 765 -3.55 -18.93 16.49
N GLN A 766 -2.97 -18.55 15.36
CA GLN A 766 -3.71 -18.23 14.15
C GLN A 766 -4.32 -19.50 13.51
N THR A 767 -5.65 -19.52 13.31
CA THR A 767 -6.28 -20.68 12.71
C THR A 767 -6.39 -20.51 11.20
N ASP A 768 -7.45 -19.85 10.71
CA ASP A 768 -7.68 -19.64 9.28
C ASP A 768 -8.67 -18.48 9.08
N MET A 769 -8.99 -18.20 7.81
CA MET A 769 -9.98 -17.20 7.41
C MET A 769 -11.33 -17.51 8.07
N GLN A 770 -12.05 -16.46 8.44
CA GLN A 770 -13.39 -16.55 9.03
C GLN A 770 -14.36 -17.22 8.03
N SER A 771 -15.19 -18.15 8.54
CA SER A 771 -16.22 -18.90 7.80
C SER A 771 -17.16 -19.46 8.85
N THR A 772 -18.40 -19.80 8.49
CA THR A 772 -19.37 -20.38 9.45
C THR A 772 -18.74 -21.48 10.30
N SER A 773 -18.09 -22.47 9.65
CA SER A 773 -17.45 -23.59 10.31
C SER A 773 -16.26 -23.17 11.18
N GLU A 774 -15.24 -22.50 10.60
CA GLU A 774 -14.04 -22.05 11.33
C GLU A 774 -14.40 -21.18 12.55
N ASN A 775 -15.36 -20.25 12.41
CA ASN A 775 -15.79 -19.38 13.51
C ASN A 775 -16.33 -20.17 14.67
N MET A 776 -17.20 -21.14 14.38
CA MET A 776 -17.86 -21.89 15.45
C MET A 776 -16.97 -22.93 16.07
N PHE A 777 -15.97 -23.44 15.31
CA PHE A 777 -14.96 -24.37 15.83
C PHE A 777 -14.15 -23.63 16.91
N LEU A 778 -13.74 -22.39 16.61
CA LEU A 778 -12.98 -21.52 17.50
C LEU A 778 -13.79 -21.02 18.67
N GLU A 779 -15.02 -20.56 18.43
CA GLU A 779 -15.90 -20.03 19.48
C GLU A 779 -16.36 -21.10 20.49
N LEU A 780 -16.53 -22.34 20.03
CA LEU A 780 -16.89 -23.44 20.95
C LEU A 780 -15.68 -23.86 21.79
N PHE A 781 -14.48 -23.95 21.18
CA PHE A 781 -13.28 -24.25 21.96
C PHE A 781 -13.05 -23.12 23.00
N ALA A 782 -13.25 -21.83 22.60
CA ALA A 782 -13.08 -20.66 23.46
C ALA A 782 -14.10 -20.73 24.60
N GLN A 783 -15.35 -21.11 24.29
CA GLN A 783 -16.42 -21.30 25.28
C GLN A 783 -15.95 -22.32 26.33
N ILE A 784 -15.55 -23.55 25.86
CA ILE A 784 -15.08 -24.65 26.71
C ILE A 784 -13.95 -24.22 27.63
N ILE A 785 -12.94 -23.50 27.12
CA ILE A 785 -11.76 -23.17 27.93
C ILE A 785 -11.92 -21.91 28.77
N SER A 786 -12.88 -21.04 28.45
CA SER A 786 -13.09 -19.73 29.08
C SER A 786 -12.97 -19.73 30.60
N GLU A 787 -13.94 -20.30 31.33
CA GLU A 787 -13.91 -20.37 32.79
C GLU A 787 -12.69 -21.14 33.30
N PRO A 788 -12.42 -22.39 32.83
CA PRO A 788 -11.21 -23.10 33.29
C PRO A 788 -9.93 -22.26 33.21
N ALA A 789 -9.73 -21.45 32.12
CA ALA A 789 -8.54 -20.59 31.95
C ALA A 789 -8.37 -19.65 33.12
N PHE A 790 -9.48 -19.02 33.54
CA PHE A 790 -9.51 -18.11 34.69
C PHE A 790 -9.20 -18.87 35.99
N ASN A 791 -10.03 -19.90 36.33
CA ASN A 791 -9.89 -20.72 37.53
C ASN A 791 -8.49 -21.35 37.67
N THR A 792 -7.89 -21.82 36.55
CA THR A 792 -6.56 -22.44 36.58
C THR A 792 -5.46 -21.37 36.71
N LEU A 793 -5.22 -20.61 35.62
CA LEU A 793 -4.14 -19.63 35.52
C LEU A 793 -4.25 -18.47 36.50
N ARG A 794 -5.45 -17.92 36.74
CA ARG A 794 -5.60 -16.78 37.67
C ARG A 794 -5.80 -17.18 39.13
N THR A 795 -6.86 -17.96 39.41
CA THR A 795 -7.24 -18.40 40.75
C THR A 795 -6.26 -19.39 41.39
N LYS A 796 -5.96 -20.51 40.71
CA LYS A 796 -5.11 -21.55 41.27
C LYS A 796 -3.61 -21.27 41.19
N GLU A 797 -3.09 -20.97 40.00
CA GLU A 797 -1.66 -20.76 39.81
C GLU A 797 -1.18 -19.37 40.16
N GLN A 798 -2.11 -18.42 40.34
CA GLN A 798 -1.84 -17.02 40.67
C GLN A 798 -0.87 -16.36 39.66
N LEU A 799 -1.01 -16.71 38.34
CA LEU A 799 -0.17 -16.20 37.27
C LEU A 799 -0.13 -14.70 37.28
N GLY A 800 -1.29 -14.04 37.29
CA GLY A 800 -1.30 -12.58 37.36
C GLY A 800 -2.63 -11.93 37.63
N TYR A 801 -2.62 -10.59 37.66
CA TYR A 801 -3.82 -9.80 37.88
C TYR A 801 -4.70 -9.86 36.63
N ILE A 802 -4.06 -10.04 35.46
CA ILE A 802 -4.78 -10.13 34.18
C ILE A 802 -4.56 -11.47 33.53
N VAL A 803 -5.65 -12.21 33.33
CA VAL A 803 -5.66 -13.49 32.62
C VAL A 803 -6.85 -13.40 31.73
N PHE A 804 -6.63 -13.47 30.42
CA PHE A 804 -7.70 -13.37 29.43
C PHE A 804 -7.52 -14.40 28.35
N SER A 805 -8.63 -14.95 27.89
CA SER A 805 -8.61 -15.85 26.74
C SER A 805 -9.86 -15.67 25.88
N GLY A 806 -9.71 -15.88 24.59
CA GLY A 806 -10.85 -15.80 23.68
C GLY A 806 -10.45 -15.69 22.23
N PRO A 807 -11.44 -15.66 21.33
CA PRO A 807 -11.12 -15.50 19.91
C PRO A 807 -10.55 -14.10 19.61
N ARG A 808 -9.66 -14.06 18.61
CA ARG A 808 -9.04 -12.85 18.12
C ARG A 808 -9.52 -12.76 16.70
N ARG A 809 -9.92 -11.54 16.26
CA ARG A 809 -10.46 -11.30 14.92
C ARG A 809 -9.87 -10.02 14.37
N ALA A 810 -9.33 -10.08 13.16
CA ALA A 810 -8.67 -8.97 12.49
C ALA A 810 -8.52 -9.25 11.03
N ASN A 811 -8.91 -8.30 10.20
CA ASN A 811 -8.75 -8.35 8.74
C ASN A 811 -9.27 -9.64 8.06
N GLY A 812 -10.38 -10.17 8.60
CA GLY A 812 -11.04 -11.36 8.07
C GLY A 812 -10.47 -12.69 8.52
N ILE A 813 -9.39 -12.66 9.32
CA ILE A 813 -8.70 -13.82 9.88
C ILE A 813 -9.00 -13.93 11.37
N GLN A 814 -8.76 -15.12 11.93
CA GLN A 814 -9.02 -15.38 13.33
C GLN A 814 -8.05 -16.38 13.95
N GLY A 815 -8.18 -16.51 15.26
CA GLY A 815 -7.40 -17.42 16.05
C GLY A 815 -7.70 -17.31 17.52
N LEU A 816 -6.99 -18.13 18.31
CA LEU A 816 -7.12 -18.13 19.75
C LEU A 816 -6.07 -17.28 20.36
N ARG A 817 -6.48 -16.41 21.29
CA ARG A 817 -5.54 -15.54 21.99
C ARG A 817 -5.59 -15.75 23.49
N PHE A 818 -4.43 -15.56 24.12
CA PHE A 818 -4.28 -15.50 25.56
C PHE A 818 -3.60 -14.18 25.84
N ILE A 819 -4.16 -13.38 26.75
CA ILE A 819 -3.56 -12.09 27.17
C ILE A 819 -3.35 -12.16 28.68
N ILE A 820 -2.08 -12.05 29.14
CA ILE A 820 -1.75 -12.12 30.56
C ILE A 820 -0.77 -11.04 30.96
N GLN A 821 -1.00 -10.44 32.15
CA GLN A 821 -0.13 -9.48 32.82
C GLN A 821 0.24 -10.10 34.17
N SER A 822 1.55 -10.24 34.43
CA SER A 822 2.10 -10.95 35.59
C SER A 822 3.40 -10.33 36.13
N GLU A 823 3.91 -10.83 37.28
CA GLU A 823 5.21 -10.39 37.82
C GLU A 823 6.26 -11.38 37.35
N LYS A 824 5.80 -12.54 36.84
CA LYS A 824 6.59 -13.68 36.37
C LYS A 824 7.04 -13.49 34.91
N PRO A 825 8.27 -13.95 34.51
CA PRO A 825 8.73 -13.75 33.14
C PRO A 825 7.85 -14.36 32.04
N PRO A 826 7.80 -13.70 30.86
CA PRO A 826 6.94 -14.16 29.79
C PRO A 826 7.09 -15.61 29.38
N HIS A 827 8.32 -16.14 29.39
CA HIS A 827 8.55 -17.52 29.00
C HIS A 827 7.94 -18.51 29.98
N TYR A 828 7.85 -18.13 31.26
CA TYR A 828 7.19 -18.95 32.26
C TYR A 828 5.67 -18.97 31.99
N LEU A 829 5.07 -17.82 31.61
CA LEU A 829 3.65 -17.73 31.28
C LEU A 829 3.35 -18.63 30.09
N GLU A 830 4.30 -18.69 29.14
CA GLU A 830 4.27 -19.53 27.94
C GLU A 830 4.11 -21.01 28.28
N SER A 831 4.90 -21.51 29.26
CA SER A 831 4.82 -22.92 29.68
C SER A 831 3.51 -23.22 30.38
N ARG A 832 3.05 -22.30 31.25
CA ARG A 832 1.79 -22.48 31.98
C ARG A 832 0.57 -22.53 31.06
N VAL A 833 0.54 -21.64 30.04
CA VAL A 833 -0.53 -21.61 29.02
C VAL A 833 -0.47 -22.93 28.26
N GLU A 834 0.73 -23.37 27.88
CA GLU A 834 0.88 -24.60 27.10
C GLU A 834 0.46 -25.86 27.87
N ALA A 835 0.73 -25.92 29.19
CA ALA A 835 0.32 -27.01 30.09
C ALA A 835 -1.21 -26.99 30.25
N PHE A 836 -1.80 -25.79 30.29
CA PHE A 836 -3.23 -25.59 30.42
C PHE A 836 -4.00 -26.13 29.21
N LEU A 837 -3.46 -25.94 27.99
CA LEU A 837 -4.09 -26.43 26.76
C LEU A 837 -4.12 -27.97 26.75
N ILE A 838 -3.12 -28.59 27.39
CA ILE A 838 -3.04 -30.04 27.57
C ILE A 838 -4.17 -30.49 28.52
N THR A 839 -4.37 -29.75 29.64
CA THR A 839 -5.46 -29.98 30.62
C THR A 839 -6.82 -29.90 29.89
N MET A 840 -6.96 -28.91 28.99
CA MET A 840 -8.17 -28.68 28.19
C MET A 840 -8.42 -29.75 27.14
N GLU A 841 -7.36 -30.31 26.55
CA GLU A 841 -7.46 -31.40 25.58
C GLU A 841 -8.01 -32.63 26.33
N LYS A 842 -7.41 -32.92 27.50
CA LYS A 842 -7.80 -34.01 28.40
C LYS A 842 -9.25 -33.81 28.87
N SER A 843 -9.60 -32.56 29.24
CA SER A 843 -10.93 -32.15 29.68
C SER A 843 -12.02 -32.41 28.65
N ILE A 844 -11.73 -32.17 27.35
CA ILE A 844 -12.71 -32.40 26.28
C ILE A 844 -12.86 -33.91 26.04
N GLU A 845 -11.76 -34.67 26.13
CA GLU A 845 -11.79 -36.14 25.96
C GLU A 845 -12.71 -36.75 27.03
N ASP A 846 -12.55 -36.27 28.27
CA ASP A 846 -13.25 -36.74 29.46
C ASP A 846 -14.67 -36.21 29.67
N MET A 847 -15.03 -35.06 29.04
CA MET A 847 -16.34 -34.47 29.30
C MET A 847 -17.48 -35.28 28.71
N THR A 848 -18.60 -35.32 29.46
CA THR A 848 -19.82 -36.01 29.11
C THR A 848 -20.51 -35.28 27.97
N GLU A 849 -21.39 -35.95 27.22
CA GLU A 849 -22.16 -35.30 26.16
C GLU A 849 -23.05 -34.23 26.77
N GLU A 850 -23.58 -34.50 27.99
CA GLU A 850 -24.41 -33.57 28.76
C GLU A 850 -23.66 -32.23 28.96
N ALA A 851 -22.43 -32.28 29.56
CA ALA A 851 -21.55 -31.15 29.83
C ALA A 851 -21.15 -30.43 28.54
N PHE A 852 -21.03 -31.22 27.45
CA PHE A 852 -20.70 -30.73 26.13
C PHE A 852 -21.84 -29.93 25.55
N GLN A 853 -23.07 -30.45 25.65
CA GLN A 853 -24.26 -29.76 25.13
C GLN A 853 -24.54 -28.49 25.90
N LYS A 854 -24.18 -28.48 27.20
CA LYS A 854 -24.29 -27.31 28.08
C LYS A 854 -23.40 -26.18 27.53
N HIS A 855 -22.19 -26.52 27.01
CA HIS A 855 -21.30 -25.56 26.35
C HIS A 855 -21.92 -25.04 25.05
N ILE A 856 -22.48 -25.94 24.21
CA ILE A 856 -23.18 -25.56 22.96
C ILE A 856 -24.34 -24.58 23.25
N GLN A 857 -25.14 -24.89 24.28
CA GLN A 857 -26.27 -24.09 24.74
C GLN A 857 -25.86 -22.74 25.34
N ALA A 858 -24.85 -22.70 26.24
CA ALA A 858 -24.35 -21.46 26.82
C ALA A 858 -23.85 -20.51 25.72
N LEU A 859 -23.12 -21.06 24.72
CA LEU A 859 -22.64 -20.27 23.58
C LEU A 859 -23.81 -19.79 22.70
N ALA A 860 -24.75 -20.70 22.35
CA ALA A 860 -25.94 -20.39 21.52
C ALA A 860 -26.76 -19.23 22.09
N ILE A 861 -27.08 -19.27 23.41
CA ILE A 861 -27.86 -18.27 24.15
C ILE A 861 -27.14 -16.92 24.07
N ARG A 862 -25.81 -16.94 24.37
CA ARG A 862 -24.93 -15.77 24.35
C ARG A 862 -24.91 -15.09 22.98
N ARG A 863 -24.86 -15.89 21.91
CA ARG A 863 -24.86 -15.41 20.52
C ARG A 863 -26.22 -14.87 20.07
N LEU A 864 -27.34 -15.53 20.51
CA LEU A 864 -28.71 -15.11 20.17
C LEU A 864 -29.18 -13.97 21.05
N ASP A 865 -28.41 -13.68 22.12
CA ASP A 865 -28.71 -12.62 23.07
C ASP A 865 -29.03 -11.29 22.35
N LYS A 866 -30.29 -10.85 22.49
CA LYS A 866 -30.86 -9.66 21.88
C LYS A 866 -30.29 -8.35 22.45
N PRO A 867 -30.01 -7.31 21.63
CA PRO A 867 -29.53 -6.03 22.20
C PRO A 867 -30.64 -5.34 23.00
N LYS A 868 -30.27 -4.69 24.12
CA LYS A 868 -31.21 -4.05 25.05
C LYS A 868 -31.41 -2.54 24.85
N LYS A 869 -30.60 -1.92 23.96
CA LYS A 869 -30.73 -0.51 23.58
C LYS A 869 -30.31 -0.32 22.13
N LEU A 870 -30.73 0.79 21.48
CA LEU A 870 -30.47 1.06 20.07
C LEU A 870 -28.98 0.98 19.70
N SER A 871 -28.12 1.63 20.51
CA SER A 871 -26.66 1.64 20.29
CA SER A 871 -26.66 1.64 20.31
C SER A 871 -26.04 0.24 20.28
N ALA A 872 -26.54 -0.68 21.15
CA ALA A 872 -26.02 -2.06 21.19
C ALA A 872 -26.34 -2.80 19.87
N GLU A 873 -27.55 -2.51 19.27
CA GLU A 873 -27.97 -3.08 17.99
C GLU A 873 -27.18 -2.48 16.83
N SER A 874 -27.03 -1.14 16.79
CA SER A 874 -26.30 -0.47 15.72
C SER A 874 -24.86 -0.95 15.69
N ALA A 875 -24.22 -1.16 16.88
CA ALA A 875 -22.83 -1.62 17.03
C ALA A 875 -22.66 -2.99 16.38
N LYS A 876 -23.66 -3.87 16.57
CA LYS A 876 -23.67 -5.19 15.93
C LYS A 876 -23.68 -5.03 14.38
N TYR A 877 -24.50 -4.09 13.87
CA TYR A 877 -24.60 -3.82 12.42
C TYR A 877 -23.33 -3.20 11.87
N TRP A 878 -22.73 -2.29 12.62
CA TRP A 878 -21.47 -1.61 12.30
C TRP A 878 -20.32 -2.59 12.22
N GLY A 879 -20.29 -3.57 13.12
CA GLY A 879 -19.30 -4.65 13.11
C GLY A 879 -19.27 -5.40 11.79
N GLU A 880 -20.45 -5.73 11.24
CA GLU A 880 -20.60 -6.37 9.94
C GLU A 880 -20.19 -5.47 8.79
N ILE A 881 -20.46 -4.16 8.91
CA ILE A 881 -20.13 -3.21 7.86
C ILE A 881 -18.61 -2.97 7.82
N ILE A 882 -17.97 -2.65 8.94
CA ILE A 882 -16.53 -2.36 9.00
C ILE A 882 -15.69 -3.55 8.59
N SER A 883 -16.14 -4.78 8.91
CA SER A 883 -15.43 -5.99 8.49
C SER A 883 -15.70 -6.30 6.98
N GLN A 884 -16.67 -5.60 6.38
CA GLN A 884 -17.07 -5.80 4.98
C GLN A 884 -17.59 -7.22 4.74
N GLN A 885 -18.17 -7.84 5.78
CA GLN A 885 -18.77 -9.17 5.64
C GLN A 885 -20.29 -9.02 5.43
N TYR A 886 -20.95 -7.99 6.02
CA TYR A 886 -22.39 -7.69 5.88
C TYR A 886 -23.34 -8.88 6.12
N ASN A 887 -23.03 -9.72 7.10
CA ASN A 887 -23.84 -10.89 7.43
C ASN A 887 -24.71 -10.60 8.66
N PHE A 888 -25.72 -9.75 8.47
CA PHE A 888 -26.62 -9.31 9.54
C PHE A 888 -27.46 -10.43 10.20
N ASP A 889 -27.63 -11.58 9.53
CA ASP A 889 -28.39 -12.75 10.03
C ASP A 889 -27.47 -13.85 10.58
N ARG A 890 -26.17 -13.53 10.75
CA ARG A 890 -25.08 -14.40 11.22
C ARG A 890 -25.42 -15.28 12.42
N ASP A 891 -25.90 -14.68 13.51
CA ASP A 891 -26.22 -15.41 14.73
C ASP A 891 -27.12 -16.62 14.49
N ASN A 892 -28.25 -16.45 13.75
CA ASN A 892 -29.14 -17.58 13.46
C ASN A 892 -28.40 -18.67 12.65
N THR A 893 -27.70 -18.28 11.58
CA THR A 893 -26.94 -19.19 10.72
C THR A 893 -25.85 -19.95 11.51
N GLU A 894 -25.03 -19.21 12.30
CA GLU A 894 -23.93 -19.76 13.09
C GLU A 894 -24.38 -20.62 14.25
N VAL A 895 -25.49 -20.24 14.93
CA VAL A 895 -26.04 -21.04 16.05
C VAL A 895 -26.56 -22.37 15.52
N ALA A 896 -27.23 -22.33 14.35
CA ALA A 896 -27.77 -23.53 13.69
C ALA A 896 -26.64 -24.51 13.32
N TYR A 897 -25.49 -23.98 12.82
CA TYR A 897 -24.33 -24.82 12.51
C TYR A 897 -23.70 -25.32 13.80
N LEU A 898 -23.47 -24.41 14.77
CA LEU A 898 -22.87 -24.75 16.07
C LEU A 898 -23.57 -25.97 16.73
N LYS A 899 -24.91 -25.99 16.68
CA LYS A 899 -25.73 -27.07 17.25
C LYS A 899 -25.44 -28.45 16.61
N THR A 900 -25.03 -28.49 15.32
CA THR A 900 -24.65 -29.75 14.64
C THR A 900 -23.30 -30.30 15.12
N LEU A 901 -22.44 -29.44 15.72
CA LEU A 901 -21.08 -29.78 16.14
C LEU A 901 -21.01 -30.86 17.19
N THR A 902 -20.05 -31.76 17.03
CA THR A 902 -19.78 -32.87 17.95
C THR A 902 -18.47 -32.64 18.70
N LYS A 903 -18.27 -33.39 19.79
CA LYS A 903 -17.07 -33.40 20.62
C LYS A 903 -15.86 -33.80 19.78
N GLU A 904 -16.05 -34.74 18.82
CA GLU A 904 -14.99 -35.21 17.92
C GLU A 904 -14.54 -34.11 16.95
N ASP A 905 -15.50 -33.31 16.44
CA ASP A 905 -15.24 -32.16 15.54
C ASP A 905 -14.27 -31.17 16.19
N ILE A 906 -14.47 -30.89 17.48
CA ILE A 906 -13.63 -29.98 18.25
C ILE A 906 -12.24 -30.59 18.54
N ILE A 907 -12.18 -31.91 18.78
CA ILE A 907 -10.92 -32.60 19.04
C ILE A 907 -10.07 -32.61 17.76
N LYS A 908 -10.73 -32.88 16.62
CA LYS A 908 -10.10 -32.89 15.32
C LYS A 908 -9.50 -31.50 15.08
N PHE A 909 -10.34 -30.44 15.25
CA PHE A 909 -9.94 -29.06 15.07
C PHE A 909 -8.76 -28.68 15.99
N TYR A 910 -8.82 -29.05 17.27
CA TYR A 910 -7.76 -28.76 18.25
C TYR A 910 -6.45 -29.41 17.83
N LYS A 911 -6.54 -30.67 17.38
CA LYS A 911 -5.41 -31.50 16.95
C LYS A 911 -4.75 -30.97 15.71
N GLU A 912 -5.52 -30.43 14.79
CA GLU A 912 -4.98 -29.92 13.54
C GLU A 912 -4.43 -28.50 13.66
N MET A 913 -5.08 -27.64 14.45
CA MET A 913 -4.77 -26.22 14.51
C MET A 913 -4.07 -25.70 15.76
N LEU A 914 -4.39 -26.24 16.94
CA LEU A 914 -3.95 -25.67 18.21
C LEU A 914 -2.97 -26.44 19.05
N ALA A 915 -3.00 -27.81 19.02
CA ALA A 915 -2.12 -28.68 19.81
C ALA A 915 -0.64 -28.31 19.64
N VAL A 916 0.20 -28.52 20.68
CA VAL A 916 1.64 -28.22 20.62
C VAL A 916 2.33 -28.87 19.38
N ASP A 917 1.85 -30.05 18.99
CA ASP A 917 2.37 -30.84 17.89
C ASP A 917 1.43 -30.83 16.66
N ALA A 918 0.49 -29.84 16.60
CA ALA A 918 -0.47 -29.68 15.50
C ALA A 918 0.24 -29.46 14.16
N PRO A 919 -0.20 -30.16 13.10
CA PRO A 919 0.44 -29.97 11.78
C PRO A 919 0.35 -28.54 11.22
N ARG A 920 -0.75 -27.81 11.59
CA ARG A 920 -1.04 -26.43 11.15
C ARG A 920 -1.01 -25.43 12.33
N ARG A 921 -0.09 -25.61 13.28
CA ARG A 921 0.04 -24.66 14.38
C ARG A 921 0.62 -23.36 13.82
N HIS A 922 0.07 -22.20 14.23
CA HIS A 922 0.55 -20.90 13.77
C HIS A 922 0.61 -20.02 15.00
N LYS A 923 1.72 -20.10 15.76
CA LYS A 923 1.83 -19.37 17.02
C LYS A 923 2.70 -18.14 16.91
N VAL A 924 2.18 -17.00 17.41
CA VAL A 924 2.91 -15.73 17.47
C VAL A 924 2.72 -15.14 18.85
N SER A 925 3.84 -14.80 19.48
CA SER A 925 3.86 -14.27 20.82
C SER A 925 4.50 -12.91 20.91
N VAL A 926 3.93 -12.06 21.73
CA VAL A 926 4.53 -10.77 22.05
C VAL A 926 4.84 -10.79 23.53
N HIS A 927 6.13 -10.62 23.85
CA HIS A 927 6.63 -10.64 25.22
C HIS A 927 7.01 -9.26 25.66
N VAL A 928 6.28 -8.69 26.64
CA VAL A 928 6.63 -7.35 27.15
C VAL A 928 7.24 -7.48 28.55
N LEU A 929 8.58 -7.32 28.64
CA LEU A 929 9.34 -7.45 29.89
C LEU A 929 9.03 -6.35 30.89
N ALA A 930 9.06 -6.70 32.18
CA ALA A 930 8.91 -5.79 33.30
C ALA A 930 10.13 -4.87 33.37
N ARG A 931 9.93 -3.67 33.95
CA ARG A 931 10.89 -2.58 34.11
C ARG A 931 12.29 -3.03 34.56
N GLU A 932 12.36 -3.84 35.64
CA GLU A 932 13.63 -4.31 36.24
C GLU A 932 14.09 -5.67 35.74
N MET A 933 13.21 -6.40 35.00
CA MET A 933 13.44 -7.74 34.40
C MET A 933 14.53 -7.70 33.31
N ASP A 934 15.07 -8.86 32.95
CA ASP A 934 16.08 -9.00 31.88
C ASP A 934 15.92 -10.34 31.17
N SER A 935 16.26 -10.39 29.87
CA SER A 935 16.16 -11.60 29.04
C SER A 935 17.17 -11.56 27.90
N ASP A 947 8.22 -29.80 40.48
CA ASP A 947 6.86 -30.28 40.33
C ASP A 947 5.85 -29.34 40.97
N ILE A 948 5.92 -29.15 42.32
CA ILE A 948 5.04 -28.31 43.17
C ILE A 948 3.54 -28.72 42.98
N ASN A 949 3.32 -29.95 42.47
CA ASN A 949 2.02 -30.57 42.14
C ASN A 949 1.28 -29.76 41.06
N LEU A 950 2.05 -29.10 40.16
CA LEU A 950 1.56 -28.31 39.03
C LEU A 950 1.51 -29.15 37.77
N SER A 951 0.56 -28.82 36.85
CA SER A 951 0.38 -29.50 35.56
C SER A 951 1.70 -29.54 34.78
N GLN A 952 1.97 -30.66 34.09
CA GLN A 952 3.20 -30.82 33.33
C GLN A 952 3.19 -29.98 32.04
N ALA A 953 4.11 -28.99 31.98
CA ALA A 953 4.28 -28.13 30.81
C ALA A 953 4.98 -28.92 29.71
N PRO A 954 4.48 -28.87 28.45
CA PRO A 954 5.10 -29.65 27.37
C PRO A 954 6.48 -29.15 26.92
N ALA A 955 7.07 -29.87 25.95
CA ALA A 955 8.34 -29.50 25.35
C ALA A 955 8.03 -28.40 24.32
N LEU A 956 8.54 -27.19 24.56
CA LEU A 956 8.31 -26.08 23.64
C LEU A 956 9.51 -25.89 22.74
N PRO A 957 9.31 -25.67 21.42
CA PRO A 957 10.47 -25.44 20.53
C PRO A 957 11.17 -24.11 20.83
N GLN A 958 12.29 -23.86 20.14
CA GLN A 958 13.02 -22.60 20.26
C GLN A 958 12.25 -21.62 19.36
N PRO A 959 11.85 -20.43 19.86
CA PRO A 959 11.08 -19.54 18.99
C PRO A 959 11.97 -18.78 18.03
N GLU A 960 11.40 -18.32 16.92
CA GLU A 960 12.17 -17.52 15.99
C GLU A 960 11.95 -16.08 16.44
N VAL A 961 13.00 -15.45 16.96
CA VAL A 961 12.94 -14.09 17.49
C VAL A 961 12.86 -13.06 16.37
N ILE A 962 11.78 -12.26 16.34
CA ILE A 962 11.59 -11.20 15.35
C ILE A 962 12.44 -10.00 15.77
N GLN A 963 13.39 -9.62 14.93
CA GLN A 963 14.26 -8.49 15.23
C GLN A 963 13.81 -7.22 14.49
N ASN A 964 13.28 -7.40 13.28
CA ASN A 964 12.79 -6.33 12.42
C ASN A 964 11.39 -6.72 11.88
N MET A 965 10.37 -5.87 12.17
CA MET A 965 8.98 -6.13 11.77
C MET A 965 8.80 -6.14 10.24
N THR A 966 9.55 -5.29 9.52
CA THR A 966 9.48 -5.22 8.05
C THR A 966 9.97 -6.53 7.46
N GLU A 967 11.12 -7.05 7.93
CA GLU A 967 11.65 -8.33 7.41
C GLU A 967 10.71 -9.51 7.68
N PHE A 968 10.02 -9.53 8.84
CA PHE A 968 9.05 -10.54 9.22
C PHE A 968 7.90 -10.57 8.19
N LYS A 969 7.28 -9.40 7.94
CA LYS A 969 6.16 -9.28 7.00
C LYS A 969 6.56 -9.64 5.57
N ARG A 970 7.74 -9.19 5.11
CA ARG A 970 8.24 -9.44 3.76
C ARG A 970 8.45 -10.92 3.48
N GLY A 971 8.86 -11.63 4.51
CA GLY A 971 9.18 -13.04 4.39
C GLY A 971 8.00 -13.95 4.47
N LEU A 972 6.77 -13.39 4.55
CA LEU A 972 5.59 -14.20 4.70
C LEU A 972 4.48 -13.88 3.72
N PRO A 973 3.60 -14.84 3.37
CA PRO A 973 2.46 -14.51 2.49
C PRO A 973 1.44 -13.67 3.26
N LEU A 974 0.48 -13.12 2.50
CA LEU A 974 -0.61 -12.36 3.08
C LEU A 974 -1.85 -13.11 2.73
N PHE A 975 -2.73 -13.27 3.70
CA PHE A 975 -3.99 -13.93 3.50
C PHE A 975 -4.88 -13.17 2.50
N PRO A 976 -5.91 -13.83 1.91
CA PRO A 976 -6.89 -13.06 1.14
C PRO A 976 -7.78 -12.31 2.15
N LEU A 977 -8.78 -11.59 1.65
CA LEU A 977 -9.76 -10.91 2.48
C LEU A 977 -11.09 -11.67 2.34
N VAL A 978 -11.92 -11.78 3.43
CA VAL A 978 -13.21 -12.50 3.41
C VAL A 978 -14.12 -11.92 2.33
N LYS A 979 -14.82 -12.79 1.59
CA LYS A 979 -15.80 -12.39 0.57
C LYS A 979 -17.06 -11.87 1.28
N PRO A 980 -17.63 -10.75 0.82
CA PRO A 980 -18.84 -10.23 1.49
C PRO A 980 -20.09 -11.11 1.29
N HIS A 981 -21.10 -10.89 2.12
CA HIS A 981 -22.39 -11.57 2.06
C HIS A 981 -23.18 -10.88 0.94
N ILE A 982 -23.24 -9.52 1.02
CA ILE A 982 -23.91 -8.59 0.09
C ILE A 982 -22.85 -7.92 -0.81
N ASN B 14 45.15 -20.90 -53.58
CA ASN B 14 46.43 -20.21 -53.41
C ASN B 14 46.58 -19.03 -54.40
N PRO B 15 46.56 -19.19 -55.76
CA PRO B 15 46.65 -18.00 -56.64
C PRO B 15 45.25 -17.42 -56.90
N ALA B 16 44.26 -17.91 -56.11
CA ALA B 16 42.83 -17.59 -56.11
C ALA B 16 42.55 -16.20 -55.47
N ILE B 17 43.61 -15.46 -55.12
CA ILE B 17 43.51 -14.13 -54.54
C ILE B 17 43.98 -13.09 -55.56
N LYS B 18 43.08 -12.20 -55.98
CA LYS B 18 43.37 -11.09 -56.91
C LYS B 18 44.33 -10.10 -56.23
N ARG B 19 44.04 -9.73 -54.97
CA ARG B 19 44.88 -8.82 -54.19
C ARG B 19 44.61 -8.96 -52.69
N ILE B 20 45.57 -8.47 -51.89
CA ILE B 20 45.50 -8.36 -50.44
C ILE B 20 45.65 -6.87 -50.22
N GLY B 21 44.73 -6.29 -49.47
CA GLY B 21 44.74 -4.87 -49.18
C GLY B 21 45.87 -4.48 -48.24
N ASN B 22 46.06 -3.18 -48.09
CA ASN B 22 47.04 -2.62 -47.18
C ASN B 22 46.42 -2.69 -45.74
N HIS B 23 47.04 -1.99 -44.75
CA HIS B 23 46.58 -2.04 -43.35
C HIS B 23 45.13 -1.56 -43.20
N ILE B 24 44.31 -2.39 -42.51
CA ILE B 24 42.90 -2.08 -42.19
C ILE B 24 42.91 -1.15 -40.98
N THR B 25 42.78 0.17 -41.25
CA THR B 25 42.76 1.27 -40.29
C THR B 25 41.75 0.98 -39.18
N LYS B 26 42.24 0.90 -37.94
CA LYS B 26 41.42 0.57 -36.79
C LYS B 26 41.69 1.50 -35.64
N SER B 27 41.02 1.23 -34.51
CA SER B 27 41.20 2.02 -33.32
C SER B 27 42.43 1.43 -32.63
N PRO B 28 43.28 2.27 -31.95
CA PRO B 28 44.41 1.71 -31.20
C PRO B 28 43.94 0.79 -30.07
N GLU B 29 42.70 1.03 -29.55
CA GLU B 29 42.04 0.24 -28.49
C GLU B 29 41.55 -1.14 -28.96
N ASP B 30 41.55 -1.41 -30.28
CA ASP B 30 41.05 -2.67 -30.88
C ASP B 30 42.16 -3.71 -31.03
N LYS B 31 42.08 -4.82 -30.25
CA LYS B 31 43.10 -5.87 -30.27
C LYS B 31 42.87 -6.94 -31.33
N ARG B 32 41.65 -6.98 -31.90
CA ARG B 32 41.29 -7.91 -32.97
C ARG B 32 42.19 -7.64 -34.17
N GLU B 33 42.61 -8.69 -34.88
CA GLU B 33 43.45 -8.47 -36.06
C GLU B 33 42.65 -8.64 -37.36
N TYR B 34 42.83 -7.70 -38.31
CA TYR B 34 42.11 -7.58 -39.56
C TYR B 34 42.98 -7.80 -40.81
N ARG B 35 42.34 -8.28 -41.88
CA ARG B 35 42.94 -8.50 -43.19
C ARG B 35 41.90 -8.42 -44.30
N GLY B 36 42.06 -7.42 -45.16
CA GLY B 36 41.23 -7.20 -46.32
C GLY B 36 41.91 -7.79 -47.54
N LEU B 37 41.10 -8.41 -48.43
CA LEU B 37 41.58 -9.01 -49.68
C LEU B 37 40.46 -9.14 -50.69
N GLU B 38 40.81 -9.38 -51.95
CA GLU B 38 39.83 -9.61 -53.01
C GLU B 38 40.19 -10.92 -53.70
N LEU B 39 39.24 -11.87 -53.77
CA LEU B 39 39.45 -13.15 -54.45
C LEU B 39 39.49 -12.94 -56.01
N ALA B 40 40.02 -13.93 -56.78
CA ALA B 40 40.10 -13.84 -58.25
C ALA B 40 38.74 -13.68 -58.90
N ASN B 41 37.69 -14.32 -58.32
CA ASN B 41 36.31 -14.22 -58.82
C ASN B 41 35.65 -12.82 -58.59
N GLY B 42 36.23 -11.99 -57.74
CA GLY B 42 35.74 -10.65 -57.42
C GLY B 42 35.17 -10.45 -56.02
N ILE B 43 35.06 -11.53 -55.23
CA ILE B 43 34.56 -11.44 -53.85
C ILE B 43 35.49 -10.58 -52.97
N LYS B 44 34.92 -9.53 -52.35
CA LYS B 44 35.64 -8.68 -51.41
C LYS B 44 35.59 -9.39 -50.06
N VAL B 45 36.74 -9.54 -49.40
CA VAL B 45 36.84 -10.27 -48.14
C VAL B 45 37.42 -9.41 -47.01
N LEU B 46 36.85 -9.56 -45.80
CA LEU B 46 37.39 -9.02 -44.56
C LEU B 46 37.46 -10.14 -43.54
N LEU B 47 38.68 -10.43 -43.11
CA LEU B 47 39.01 -11.47 -42.12
C LEU B 47 39.26 -10.80 -40.80
N ILE B 48 38.73 -11.40 -39.72
CA ILE B 48 38.88 -10.86 -38.36
C ILE B 48 39.33 -11.97 -37.40
N SER B 49 40.57 -11.85 -36.91
CA SER B 49 41.16 -12.77 -35.95
C SER B 49 40.95 -12.24 -34.52
N ASP B 50 40.24 -13.02 -33.71
CA ASP B 50 39.98 -12.68 -32.32
C ASP B 50 40.12 -13.94 -31.47
N PRO B 51 41.35 -14.17 -30.92
CA PRO B 51 41.57 -15.37 -30.10
C PRO B 51 40.72 -15.44 -28.84
N THR B 52 40.15 -14.32 -28.38
CA THR B 52 39.33 -14.24 -27.16
C THR B 52 37.84 -14.51 -27.36
N THR B 53 37.34 -14.28 -28.60
CA THR B 53 35.91 -14.37 -28.93
C THR B 53 35.27 -15.69 -28.46
N ASP B 54 34.09 -15.58 -27.83
CA ASP B 54 33.29 -16.71 -27.37
C ASP B 54 32.65 -17.34 -28.59
N LYS B 55 32.24 -16.49 -29.56
CA LYS B 55 31.58 -16.98 -30.77
C LYS B 55 32.19 -16.48 -32.05
N SER B 56 32.30 -17.41 -33.01
CA SER B 56 32.77 -17.15 -34.36
C SER B 56 31.57 -16.84 -35.26
N SER B 57 31.81 -16.14 -36.40
CA SER B 57 30.76 -15.67 -37.28
C SER B 57 31.25 -15.40 -38.70
N ALA B 58 30.32 -15.52 -39.65
CA ALA B 58 30.55 -15.19 -41.06
C ALA B 58 29.29 -14.57 -41.66
N ALA B 59 29.51 -13.71 -42.66
CA ALA B 59 28.44 -13.06 -43.36
C ALA B 59 28.79 -12.84 -44.81
N LEU B 60 27.80 -13.07 -45.69
CA LEU B 60 27.90 -12.80 -47.13
C LEU B 60 26.79 -11.83 -47.47
N ASP B 61 27.15 -10.70 -48.08
CA ASP B 61 26.18 -9.73 -48.57
C ASP B 61 26.34 -9.65 -50.10
N VAL B 62 25.23 -9.94 -50.80
CA VAL B 62 25.08 -9.90 -52.26
C VAL B 62 24.53 -8.52 -52.60
N HIS B 63 25.25 -7.77 -53.43
CA HIS B 63 24.78 -6.44 -53.77
C HIS B 63 23.61 -6.46 -54.86
N ILE B 64 22.55 -7.27 -54.60
CA ILE B 64 21.29 -7.36 -55.36
C ILE B 64 20.14 -7.48 -54.34
N GLY B 65 19.16 -6.62 -54.52
CA GLY B 65 17.97 -6.59 -53.68
C GLY B 65 16.69 -6.27 -54.45
N SER B 66 15.59 -6.15 -53.71
CA SER B 66 14.22 -5.83 -54.13
C SER B 66 14.09 -4.86 -55.32
N LEU B 67 14.99 -3.88 -55.46
CA LEU B 67 14.90 -2.93 -56.56
C LEU B 67 15.14 -3.59 -57.92
N SER B 68 15.64 -4.85 -57.90
CA SER B 68 15.92 -5.67 -59.05
C SER B 68 14.89 -6.78 -59.22
N ASP B 69 13.86 -6.81 -58.37
CA ASP B 69 12.78 -7.78 -58.51
C ASP B 69 12.09 -7.69 -59.90
N PRO B 70 11.65 -8.83 -60.50
CA PRO B 70 10.90 -8.73 -61.76
C PRO B 70 9.56 -8.03 -61.49
N PRO B 71 9.09 -7.11 -62.36
CA PRO B 71 7.80 -6.43 -62.08
C PRO B 71 6.60 -7.36 -61.84
N ASN B 72 6.59 -8.52 -62.52
CA ASN B 72 5.57 -9.57 -62.44
C ASN B 72 5.65 -10.45 -61.18
N ILE B 73 6.77 -10.40 -60.40
CA ILE B 73 6.95 -11.22 -59.17
C ILE B 73 7.52 -10.38 -58.02
N ALA B 74 6.70 -9.49 -57.44
CA ALA B 74 7.09 -8.60 -56.34
C ALA B 74 7.50 -9.41 -55.11
N GLY B 75 8.67 -9.10 -54.56
CA GLY B 75 9.24 -9.80 -53.41
C GLY B 75 10.04 -11.05 -53.75
N LEU B 76 10.52 -11.19 -55.01
CA LEU B 76 11.28 -12.38 -55.42
C LEU B 76 12.67 -12.47 -54.75
N SER B 77 13.41 -11.34 -54.66
CA SER B 77 14.72 -11.25 -53.97
C SER B 77 14.58 -11.78 -52.55
N HIS B 78 13.48 -11.36 -51.85
CA HIS B 78 13.11 -11.76 -50.48
C HIS B 78 12.74 -13.24 -50.47
N PHE B 79 12.08 -13.73 -51.54
CA PHE B 79 11.70 -15.12 -51.64
C PHE B 79 12.94 -16.00 -51.79
N LEU B 80 13.88 -15.58 -52.63
CA LEU B 80 15.14 -16.29 -52.85
C LEU B 80 15.96 -16.36 -51.56
N GLN B 81 15.95 -15.28 -50.73
CA GLN B 81 16.64 -15.22 -49.44
C GLN B 81 16.21 -16.40 -48.57
N HIS B 82 14.88 -16.67 -48.48
CA HIS B 82 14.22 -17.75 -47.73
C HIS B 82 14.44 -19.15 -48.35
N MET B 83 14.61 -19.22 -49.69
CA MET B 83 14.79 -20.47 -50.44
C MET B 83 16.24 -20.96 -50.56
N LEU B 84 17.20 -20.02 -50.66
CA LEU B 84 18.64 -20.30 -50.86
C LEU B 84 19.27 -21.23 -49.82
N PHE B 85 18.83 -21.13 -48.54
CA PHE B 85 19.40 -21.92 -47.47
C PHE B 85 18.57 -23.18 -47.16
N LEU B 86 18.07 -23.85 -48.23
CA LEU B 86 17.26 -25.06 -48.13
C LEU B 86 17.88 -26.24 -48.92
N GLY B 87 18.97 -26.79 -48.36
CA GLY B 87 19.70 -27.92 -48.93
C GLY B 87 20.69 -27.59 -50.02
N THR B 88 21.80 -28.37 -50.06
CA THR B 88 22.88 -28.26 -51.06
C THR B 88 23.32 -29.66 -51.56
N LYS B 89 24.25 -29.74 -52.55
CA LYS B 89 24.75 -31.03 -53.03
C LYS B 89 25.61 -31.71 -51.95
N LYS B 90 26.46 -30.94 -51.25
CA LYS B 90 27.29 -31.46 -50.15
C LYS B 90 26.43 -31.81 -48.91
N TYR B 91 25.45 -30.93 -48.56
CA TYR B 91 24.52 -31.12 -47.43
C TYR B 91 23.06 -31.05 -47.92
N PRO B 92 22.53 -32.18 -48.46
CA PRO B 92 21.17 -32.17 -49.03
C PRO B 92 20.00 -31.91 -48.09
N LYS B 93 20.18 -32.13 -46.78
CA LYS B 93 19.10 -31.89 -45.83
C LYS B 93 18.92 -30.38 -45.57
N GLU B 94 17.67 -29.86 -45.63
CA GLU B 94 17.35 -28.44 -45.40
C GLU B 94 17.62 -28.07 -43.93
N ASN B 95 17.31 -29.02 -43.00
CA ASN B 95 17.47 -28.91 -41.55
C ASN B 95 18.92 -28.81 -41.13
N GLU B 96 19.85 -29.35 -41.94
CA GLU B 96 21.29 -29.40 -41.70
C GLU B 96 21.89 -28.09 -41.15
N TYR B 97 21.69 -26.96 -41.86
CA TYR B 97 22.23 -25.65 -41.47
C TYR B 97 21.71 -25.15 -40.12
N SER B 98 20.38 -25.14 -39.91
CA SER B 98 19.77 -24.72 -38.64
C SER B 98 20.08 -25.70 -37.50
N GLN B 99 20.11 -27.02 -37.80
CA GLN B 99 20.41 -28.12 -36.86
C GLN B 99 21.85 -28.01 -36.33
N PHE B 100 22.83 -27.85 -37.25
CA PHE B 100 24.24 -27.73 -36.88
C PHE B 100 24.46 -26.53 -35.94
N LEU B 101 23.83 -25.37 -36.25
CA LEU B 101 23.93 -24.16 -35.43
C LEU B 101 23.18 -24.35 -34.10
N SER B 102 22.09 -25.14 -34.08
CA SER B 102 21.35 -25.46 -32.86
C SER B 102 22.21 -26.31 -31.91
N GLU B 103 22.99 -27.25 -32.47
CA GLU B 103 23.84 -28.18 -31.71
C GLU B 103 25.17 -27.59 -31.23
N HIS B 104 25.60 -26.45 -31.80
CA HIS B 104 26.87 -25.83 -31.43
C HIS B 104 26.74 -24.36 -30.99
N ALA B 105 25.73 -24.07 -30.14
CA ALA B 105 25.41 -22.75 -29.56
C ALA B 105 25.49 -21.58 -30.57
N GLY B 106 24.90 -21.80 -31.73
CA GLY B 106 24.87 -20.81 -32.80
C GLY B 106 23.49 -20.33 -33.19
N SER B 107 23.47 -19.39 -34.12
CA SER B 107 22.27 -18.82 -34.69
C SER B 107 22.56 -18.30 -36.09
N SER B 108 21.51 -18.04 -36.86
CA SER B 108 21.59 -17.50 -38.21
C SER B 108 20.34 -16.69 -38.46
N ASN B 109 20.45 -15.79 -39.44
CA ASN B 109 19.40 -14.89 -39.89
C ASN B 109 19.86 -14.19 -41.14
N ALA B 110 18.89 -13.64 -41.88
CA ALA B 110 19.13 -12.96 -43.14
C ALA B 110 18.16 -11.83 -43.34
N PHE B 111 18.55 -10.86 -44.19
CA PHE B 111 17.68 -9.74 -44.52
C PHE B 111 17.82 -9.35 -45.98
N THR B 112 16.71 -8.87 -46.57
CA THR B 112 16.70 -8.37 -47.94
C THR B 112 16.34 -6.89 -47.89
N SER B 113 17.15 -6.06 -48.53
CA SER B 113 16.88 -4.63 -48.66
C SER B 113 16.65 -4.36 -50.17
N GLY B 114 16.71 -3.10 -50.59
CA GLY B 114 16.52 -2.71 -51.99
C GLY B 114 17.72 -3.04 -52.88
N GLU B 115 18.93 -3.13 -52.30
CA GLU B 115 20.13 -3.43 -53.10
C GLU B 115 21.00 -4.51 -52.48
N HIS B 116 20.54 -5.22 -51.44
CA HIS B 116 21.39 -6.21 -50.77
C HIS B 116 20.62 -7.36 -50.24
N THR B 117 21.24 -8.55 -50.22
CA THR B 117 20.73 -9.77 -49.58
C THR B 117 21.88 -10.29 -48.73
N ASN B 118 21.71 -10.12 -47.41
CA ASN B 118 22.71 -10.37 -46.40
C ASN B 118 22.38 -11.57 -45.54
N TYR B 119 23.25 -12.57 -45.60
CA TYR B 119 23.16 -13.86 -44.91
C TYR B 119 24.26 -13.89 -43.83
N TYR B 120 23.91 -14.31 -42.60
CA TYR B 120 24.87 -14.33 -41.48
C TYR B 120 24.56 -15.39 -40.44
N PHE B 121 25.60 -15.80 -39.70
CA PHE B 121 25.48 -16.76 -38.61
C PHE B 121 26.57 -16.54 -37.54
N ASP B 122 26.30 -17.02 -36.33
CA ASP B 122 27.28 -17.11 -35.25
C ASP B 122 27.30 -18.56 -34.80
N VAL B 123 28.42 -19.02 -34.21
CA VAL B 123 28.59 -20.40 -33.72
C VAL B 123 29.69 -20.41 -32.64
N SER B 124 29.73 -21.46 -31.80
CA SER B 124 30.77 -21.66 -30.79
C SER B 124 32.13 -21.58 -31.50
N HIS B 125 33.10 -20.80 -30.96
CA HIS B 125 34.41 -20.54 -31.57
C HIS B 125 35.18 -21.78 -32.07
N GLU B 126 34.85 -22.97 -31.51
CA GLU B 126 35.48 -24.24 -31.83
C GLU B 126 34.99 -24.85 -33.16
N HIS B 127 33.78 -24.46 -33.62
CA HIS B 127 33.12 -25.01 -34.80
C HIS B 127 32.93 -24.04 -35.97
N LEU B 128 33.94 -23.16 -36.22
CA LEU B 128 33.86 -22.21 -37.34
C LEU B 128 33.93 -22.92 -38.70
N GLU B 129 34.88 -23.87 -38.89
CA GLU B 129 35.04 -24.61 -40.16
C GLU B 129 33.76 -25.36 -40.57
N GLY B 130 33.12 -26.05 -39.62
CA GLY B 130 31.89 -26.80 -39.86
C GLY B 130 30.74 -25.91 -40.31
N ALA B 131 30.52 -24.81 -39.58
CA ALA B 131 29.49 -23.84 -39.86
C ALA B 131 29.71 -23.10 -41.19
N LEU B 132 30.93 -22.57 -41.40
CA LEU B 132 31.28 -21.87 -42.64
C LEU B 132 31.11 -22.78 -43.88
N ASP B 133 31.48 -24.08 -43.76
CA ASP B 133 31.38 -25.08 -44.82
C ASP B 133 29.93 -25.21 -45.27
N ARG B 134 28.99 -25.35 -44.31
CA ARG B 134 27.57 -25.44 -44.63
C ARG B 134 27.09 -24.14 -45.30
N PHE B 135 27.46 -22.97 -44.75
CA PHE B 135 27.14 -21.64 -45.28
C PHE B 135 27.60 -21.45 -46.75
N ALA B 136 28.89 -21.73 -47.04
CA ALA B 136 29.52 -21.58 -48.36
C ALA B 136 28.85 -22.41 -49.47
N GLN B 137 28.36 -23.61 -49.13
CA GLN B 137 27.72 -24.52 -50.09
C GLN B 137 26.49 -23.92 -50.76
N PHE B 138 25.72 -23.08 -50.04
CA PHE B 138 24.54 -22.39 -50.57
C PHE B 138 24.95 -21.43 -51.68
N PHE B 139 26.24 -21.05 -51.70
CA PHE B 139 26.81 -20.17 -52.71
C PHE B 139 27.61 -20.93 -53.77
N LEU B 140 27.50 -22.27 -53.74
CA LEU B 140 28.16 -23.15 -54.69
C LEU B 140 27.13 -23.98 -55.45
N SER B 141 26.48 -24.94 -54.76
CA SER B 141 25.47 -25.79 -55.38
C SER B 141 24.19 -25.92 -54.52
N PRO B 142 23.38 -24.82 -54.37
CA PRO B 142 22.13 -24.93 -53.60
C PRO B 142 21.11 -25.80 -54.33
N LEU B 143 20.19 -26.41 -53.58
CA LEU B 143 19.18 -27.31 -54.11
C LEU B 143 17.78 -26.67 -54.20
N PHE B 144 17.51 -25.59 -53.44
CA PHE B 144 16.23 -24.86 -53.37
C PHE B 144 15.00 -25.78 -53.19
N ASP B 145 15.12 -26.81 -52.33
CA ASP B 145 14.10 -27.82 -52.02
C ASP B 145 12.65 -27.33 -52.19
N GLU B 146 11.87 -28.01 -53.05
CA GLU B 146 10.47 -27.66 -53.36
C GLU B 146 9.48 -28.04 -52.26
N SER B 147 9.91 -28.88 -51.30
CA SER B 147 9.07 -29.32 -50.19
C SER B 147 8.69 -28.16 -49.25
N ALA B 148 9.58 -27.17 -49.08
CA ALA B 148 9.36 -26.01 -48.20
C ALA B 148 8.83 -24.76 -48.93
N LYS B 149 8.61 -24.85 -50.26
CA LYS B 149 8.10 -23.76 -51.11
C LYS B 149 6.87 -23.08 -50.50
N ASP B 150 5.82 -23.86 -50.19
CA ASP B 150 4.56 -23.39 -49.61
C ASP B 150 4.74 -22.69 -48.27
N ARG B 151 5.54 -23.30 -47.37
CA ARG B 151 5.81 -22.77 -46.04
C ARG B 151 6.64 -21.48 -46.04
N GLU B 152 7.57 -21.32 -47.01
CA GLU B 152 8.39 -20.11 -47.16
C GLU B 152 7.51 -18.96 -47.69
N VAL B 153 6.59 -19.26 -48.65
CA VAL B 153 5.61 -18.31 -49.20
C VAL B 153 4.73 -17.82 -48.04
N ASN B 154 4.24 -18.76 -47.20
CA ASN B 154 3.43 -18.40 -46.02
C ASN B 154 4.26 -17.58 -45.02
N ALA B 155 5.60 -17.82 -44.92
CA ALA B 155 6.51 -17.09 -44.03
C ALA B 155 6.66 -15.64 -44.55
N VAL B 156 6.90 -15.49 -45.88
CA VAL B 156 6.99 -14.17 -46.51
C VAL B 156 5.65 -13.43 -46.31
N ASP B 157 4.52 -14.13 -46.50
CA ASP B 157 3.17 -13.55 -46.30
C ASP B 157 2.93 -13.15 -44.82
N SER B 158 3.46 -13.94 -43.87
CA SER B 158 3.38 -13.70 -42.41
C SER B 158 4.01 -12.36 -42.06
N GLU B 159 5.20 -12.11 -42.64
CA GLU B 159 6.00 -10.90 -42.48
C GLU B 159 5.26 -9.67 -43.02
N HIS B 160 4.64 -9.77 -44.22
CA HIS B 160 3.90 -8.64 -44.77
C HIS B 160 2.66 -8.34 -43.96
N GLU B 161 1.93 -9.38 -43.56
CA GLU B 161 0.70 -9.22 -42.78
C GLU B 161 0.95 -8.56 -41.44
N LYS B 162 2.14 -8.81 -40.86
CA LYS B 162 2.59 -8.23 -39.59
C LYS B 162 2.69 -6.71 -39.72
N ASN B 163 3.36 -6.24 -40.78
CA ASN B 163 3.63 -4.85 -41.11
C ASN B 163 2.43 -4.05 -41.64
N VAL B 164 1.33 -4.71 -42.05
CA VAL B 164 0.13 -4.07 -42.63
C VAL B 164 -0.51 -3.02 -41.68
N MET B 165 -0.63 -3.32 -40.39
CA MET B 165 -1.23 -2.35 -39.46
C MET B 165 -0.20 -1.39 -38.80
N ASN B 166 1.11 -1.53 -39.15
CA ASN B 166 2.18 -0.68 -38.63
C ASN B 166 2.26 0.60 -39.48
N ASP B 167 2.04 1.76 -38.83
CA ASP B 167 2.04 3.11 -39.44
C ASP B 167 3.32 3.46 -40.17
N ALA B 168 4.48 2.96 -39.70
CA ALA B 168 5.78 3.23 -40.38
C ALA B 168 5.93 2.50 -41.71
N TRP B 169 5.62 1.19 -41.76
CA TRP B 169 5.66 0.41 -43.00
C TRP B 169 4.63 0.91 -44.04
N ARG B 170 3.46 1.39 -43.56
CA ARG B 170 2.38 1.93 -44.41
C ARG B 170 2.88 3.23 -45.03
N LEU B 171 3.52 4.10 -44.22
CA LEU B 171 4.05 5.35 -44.75
C LEU B 171 5.23 5.07 -45.71
N PHE B 172 6.07 4.07 -45.37
CA PHE B 172 7.24 3.65 -46.18
C PHE B 172 6.83 3.25 -47.59
N GLN B 173 5.73 2.47 -47.70
CA GLN B 173 5.23 2.06 -49.01
C GLN B 173 4.52 3.19 -49.74
N LEU B 174 3.77 4.02 -49.01
CA LEU B 174 3.03 5.14 -49.61
C LEU B 174 3.92 6.11 -50.38
N GLU B 175 5.01 6.55 -49.76
CA GLU B 175 5.97 7.43 -50.42
C GLU B 175 6.34 6.86 -51.80
N LYS B 176 6.67 5.55 -51.86
CA LYS B 176 6.99 4.78 -53.06
C LYS B 176 5.84 4.80 -54.12
N ALA B 177 4.58 4.78 -53.66
CA ALA B 177 3.40 4.80 -54.55
C ALA B 177 3.14 6.15 -55.20
N THR B 178 3.69 7.25 -54.63
CA THR B 178 3.45 8.61 -55.11
C THR B 178 4.53 9.12 -56.06
N GLY B 179 5.57 8.32 -56.23
CA GLY B 179 6.65 8.64 -57.15
C GLY B 179 6.37 8.04 -58.51
N ASN B 180 7.36 8.12 -59.41
CA ASN B 180 7.29 7.56 -60.77
C ASN B 180 6.96 6.06 -60.71
N PRO B 181 5.79 5.62 -61.23
CA PRO B 181 5.44 4.18 -61.16
C PRO B 181 6.31 3.28 -62.03
N LYS B 182 7.03 3.86 -62.99
CA LYS B 182 7.93 3.10 -63.85
C LYS B 182 9.28 2.78 -63.11
N HIS B 183 9.71 3.65 -62.17
CA HIS B 183 10.93 3.53 -61.37
C HIS B 183 10.94 2.28 -60.46
N PRO B 184 12.08 1.55 -60.28
CA PRO B 184 12.07 0.40 -59.35
C PRO B 184 11.76 0.79 -57.89
N PHE B 185 11.90 2.09 -57.53
CA PHE B 185 11.59 2.62 -56.20
C PHE B 185 10.11 2.42 -55.80
N SER B 186 9.20 2.38 -56.79
CA SER B 186 7.76 2.17 -56.54
C SER B 186 7.46 0.70 -56.20
N LYS B 187 8.45 -0.18 -56.31
CA LYS B 187 8.26 -1.60 -56.08
C LYS B 187 7.85 -1.95 -54.66
N PHE B 188 7.10 -3.05 -54.53
CA PHE B 188 6.74 -3.64 -53.26
C PHE B 188 7.77 -4.78 -53.08
N GLY B 189 8.71 -4.54 -52.16
CA GLY B 189 9.85 -5.43 -51.92
C GLY B 189 9.61 -6.64 -51.03
N THR B 190 8.65 -6.55 -50.12
CA THR B 190 8.41 -7.67 -49.22
C THR B 190 7.82 -8.86 -49.98
N GLY B 191 6.75 -8.64 -50.74
CA GLY B 191 6.01 -9.72 -51.38
C GLY B 191 5.01 -10.25 -50.37
N ASN B 192 4.09 -11.13 -50.79
CA ASN B 192 3.08 -11.73 -49.90
C ASN B 192 2.54 -13.01 -50.57
N LYS B 193 1.41 -13.59 -50.07
CA LYS B 193 0.80 -14.79 -50.67
C LYS B 193 0.31 -14.49 -52.09
N TYR B 194 -0.32 -13.31 -52.28
CA TYR B 194 -0.80 -12.87 -53.58
C TYR B 194 0.34 -12.81 -54.60
N THR B 195 1.46 -12.11 -54.27
CA THR B 195 2.56 -11.93 -55.26
C THR B 195 3.45 -13.17 -55.48
N LEU B 196 3.46 -14.12 -54.55
CA LEU B 196 4.35 -15.28 -54.73
C LEU B 196 3.61 -16.58 -55.03
N GLU B 197 2.27 -16.56 -54.90
CA GLU B 197 1.44 -17.71 -55.18
C GLU B 197 0.22 -17.39 -56.10
N THR B 198 -0.81 -16.67 -55.57
CA THR B 198 -2.08 -16.36 -56.28
C THR B 198 -1.88 -15.76 -57.69
N ARG B 199 -1.22 -14.59 -57.81
CA ARG B 199 -0.99 -13.97 -59.12
C ARG B 199 -0.10 -14.85 -60.04
N PRO B 200 1.10 -15.36 -59.64
CA PRO B 200 1.84 -16.25 -60.58
C PRO B 200 1.04 -17.47 -61.09
N ASN B 201 0.19 -18.08 -60.26
CA ASN B 201 -0.64 -19.23 -60.65
C ASN B 201 -1.71 -18.83 -61.69
N GLN B 202 -2.36 -17.67 -61.48
CA GLN B 202 -3.38 -17.13 -62.38
C GLN B 202 -2.72 -16.78 -63.70
N GLU B 203 -1.51 -16.20 -63.62
CA GLU B 203 -0.71 -15.75 -64.76
C GLU B 203 0.12 -16.84 -65.44
N GLY B 204 0.11 -18.05 -64.90
CA GLY B 204 0.86 -19.18 -65.46
C GLY B 204 2.37 -19.08 -65.34
N ILE B 205 2.82 -18.46 -64.26
CA ILE B 205 4.23 -18.31 -63.94
C ILE B 205 4.60 -19.47 -63.03
N ASP B 206 5.70 -20.13 -63.34
CA ASP B 206 6.20 -21.16 -62.44
C ASP B 206 7.20 -20.36 -61.60
N VAL B 207 6.92 -20.22 -60.30
CA VAL B 207 7.75 -19.44 -59.37
C VAL B 207 9.20 -19.98 -59.36
N ARG B 208 9.33 -21.32 -59.22
CA ARG B 208 10.58 -22.07 -59.19
C ARG B 208 11.51 -21.74 -60.36
N GLN B 209 11.01 -21.70 -61.61
CA GLN B 209 11.90 -21.40 -62.75
C GLN B 209 12.35 -19.93 -62.75
N GLU B 210 11.51 -19.02 -62.27
CA GLU B 210 11.84 -17.59 -62.20
C GLU B 210 12.82 -17.31 -61.05
N LEU B 211 12.67 -18.06 -59.94
CA LEU B 211 13.54 -18.02 -58.76
C LEU B 211 14.95 -18.39 -59.24
N LEU B 212 15.08 -19.62 -59.79
CA LEU B 212 16.28 -20.19 -60.40
C LEU B 212 16.90 -19.22 -61.42
N LYS B 213 16.05 -18.58 -62.26
CA LYS B 213 16.45 -17.62 -63.29
C LYS B 213 17.14 -16.40 -62.69
N PHE B 214 16.44 -15.69 -61.77
CA PHE B 214 16.90 -14.49 -61.07
C PHE B 214 18.26 -14.75 -60.37
N HIS B 215 18.36 -15.93 -59.72
CA HIS B 215 19.54 -16.44 -59.05
C HIS B 215 20.72 -16.49 -60.02
N SER B 216 20.56 -17.24 -61.13
CA SER B 216 21.56 -17.40 -62.18
C SER B 216 22.07 -16.09 -62.77
N ALA B 217 21.18 -15.10 -62.98
CA ALA B 217 21.53 -13.81 -63.56
C ALA B 217 22.15 -12.79 -62.59
N TYR B 218 21.85 -12.87 -61.28
CA TYR B 218 22.32 -11.86 -60.33
C TYR B 218 23.28 -12.36 -59.23
N TYR B 219 23.21 -13.65 -58.87
CA TYR B 219 24.08 -14.20 -57.84
C TYR B 219 25.46 -14.51 -58.37
N SER B 220 26.23 -13.45 -58.62
CA SER B 220 27.60 -13.48 -59.10
C SER B 220 28.56 -13.01 -58.01
N SER B 221 29.68 -13.72 -57.90
CA SER B 221 30.79 -13.47 -56.98
C SER B 221 31.30 -12.03 -57.11
N ASN B 222 31.31 -11.45 -58.35
CA ASN B 222 31.77 -10.05 -58.56
C ASN B 222 30.93 -9.00 -57.78
N LEU B 223 29.75 -9.40 -57.23
CA LEU B 223 28.84 -8.54 -56.47
C LEU B 223 28.68 -9.04 -55.00
N MET B 224 29.59 -9.93 -54.55
CA MET B 224 29.56 -10.55 -53.24
C MET B 224 30.69 -10.08 -52.35
N ALA B 225 30.41 -10.02 -51.04
CA ALA B 225 31.35 -9.63 -49.99
C ALA B 225 31.18 -10.56 -48.82
N VAL B 226 32.27 -11.22 -48.41
CA VAL B 226 32.25 -12.18 -47.30
C VAL B 226 33.11 -11.63 -46.15
N VAL B 227 32.63 -11.82 -44.91
CA VAL B 227 33.30 -11.40 -43.66
C VAL B 227 33.34 -12.60 -42.72
N VAL B 228 34.56 -12.94 -42.23
CA VAL B 228 34.76 -14.08 -41.30
C VAL B 228 35.47 -13.60 -40.04
N LEU B 229 34.93 -13.99 -38.89
CA LEU B 229 35.45 -13.68 -37.56
C LEU B 229 35.61 -15.01 -36.80
N GLY B 230 36.80 -15.22 -36.25
CA GLY B 230 37.13 -16.43 -35.51
C GLY B 230 38.40 -16.37 -34.68
N ARG B 231 38.61 -17.40 -33.84
CA ARG B 231 39.80 -17.55 -32.99
C ARG B 231 41.09 -17.65 -33.86
N GLU B 232 41.05 -18.49 -34.92
CA GLU B 232 42.09 -18.76 -35.92
C GLU B 232 42.80 -17.49 -36.37
N SER B 233 44.07 -17.61 -36.75
CA SER B 233 44.89 -16.48 -37.22
C SER B 233 44.39 -15.98 -38.58
N LEU B 234 44.85 -14.77 -38.97
CA LEU B 234 44.56 -14.14 -40.26
C LEU B 234 44.96 -15.09 -41.40
N ASP B 235 46.12 -15.77 -41.27
CA ASP B 235 46.60 -16.75 -42.22
C ASP B 235 45.65 -17.96 -42.37
N ASP B 236 45.24 -18.59 -41.25
CA ASP B 236 44.29 -19.73 -41.31
C ASP B 236 42.92 -19.29 -41.84
N LEU B 237 42.51 -18.05 -41.49
CA LEU B 237 41.26 -17.48 -41.95
C LEU B 237 41.32 -17.24 -43.46
N THR B 238 42.52 -16.86 -43.98
CA THR B 238 42.77 -16.63 -45.41
C THR B 238 42.55 -17.96 -46.13
N ASN B 239 43.30 -19.00 -45.70
CA ASN B 239 43.23 -20.36 -46.26
C ASN B 239 41.81 -20.90 -46.34
N LEU B 240 41.01 -20.73 -45.28
CA LEU B 240 39.64 -21.24 -45.20
C LEU B 240 38.67 -20.56 -46.19
N VAL B 241 38.73 -19.21 -46.26
CA VAL B 241 37.90 -18.38 -47.14
C VAL B 241 38.25 -18.61 -48.61
N VAL B 242 39.54 -18.82 -48.92
CA VAL B 242 39.99 -19.14 -50.28
C VAL B 242 39.42 -20.52 -50.64
N LYS B 243 39.57 -21.50 -49.73
CA LYS B 243 39.08 -22.87 -49.91
C LYS B 243 37.58 -22.97 -50.17
N LEU B 244 36.76 -22.22 -49.44
CA LEU B 244 35.30 -22.33 -49.59
C LEU B 244 34.61 -21.31 -50.52
N PHE B 245 35.33 -20.26 -50.99
CA PHE B 245 34.68 -19.21 -51.76
C PHE B 245 35.33 -18.93 -53.16
N SER B 246 36.48 -19.56 -53.48
CA SER B 246 37.12 -19.43 -54.82
C SER B 246 36.29 -20.12 -55.92
N GLU B 247 35.42 -21.06 -55.52
CA GLU B 247 34.54 -21.80 -56.41
C GLU B 247 33.25 -21.03 -56.77
N VAL B 248 33.02 -19.86 -56.14
CA VAL B 248 31.83 -19.04 -56.45
C VAL B 248 31.96 -18.48 -57.89
N GLU B 249 31.02 -18.91 -58.75
CA GLU B 249 30.96 -18.56 -60.17
C GLU B 249 30.87 -17.05 -60.41
N ASN B 250 31.78 -16.53 -61.25
CA ASN B 250 31.80 -15.12 -61.63
C ASN B 250 31.01 -14.93 -62.94
N LYS B 251 29.94 -14.14 -62.88
CA LYS B 251 29.15 -13.90 -64.07
C LYS B 251 29.31 -12.45 -64.54
N ASN B 252 30.24 -11.72 -63.88
CA ASN B 252 30.65 -10.32 -64.18
C ASN B 252 29.44 -9.36 -64.35
N VAL B 253 28.45 -9.46 -63.43
CA VAL B 253 27.21 -8.68 -63.43
C VAL B 253 27.47 -7.18 -63.24
N PRO B 254 26.94 -6.32 -64.14
CA PRO B 254 27.12 -4.87 -63.94
C PRO B 254 26.24 -4.47 -62.75
N LEU B 255 26.85 -3.91 -61.69
CA LEU B 255 26.18 -3.50 -60.47
C LEU B 255 25.06 -2.49 -60.79
N PRO B 256 23.77 -2.85 -60.52
CA PRO B 256 22.66 -1.94 -60.84
C PRO B 256 22.81 -0.56 -60.22
N GLU B 257 22.49 0.45 -61.02
CA GLU B 257 22.49 1.85 -60.63
C GLU B 257 21.10 2.37 -60.95
N PHE B 258 20.65 3.40 -60.24
CA PHE B 258 19.31 3.97 -60.40
C PHE B 258 19.50 5.51 -60.38
N PRO B 259 20.28 6.08 -61.35
CA PRO B 259 20.60 7.52 -61.32
C PRO B 259 19.46 8.51 -61.51
N GLU B 260 18.34 8.05 -62.08
CA GLU B 260 17.19 8.90 -62.27
C GLU B 260 16.48 8.97 -60.92
N HIS B 261 16.14 10.19 -60.46
CA HIS B 261 15.46 10.30 -59.16
C HIS B 261 13.99 9.85 -59.35
N PRO B 262 13.46 8.95 -58.47
CA PRO B 262 12.04 8.51 -58.60
C PRO B 262 11.02 9.64 -58.45
N PHE B 263 11.46 10.83 -58.01
CA PHE B 263 10.63 12.02 -57.89
C PHE B 263 11.08 13.05 -58.94
N GLN B 264 10.35 13.10 -60.04
CA GLN B 264 10.60 14.03 -61.12
C GLN B 264 9.77 15.33 -60.92
N GLU B 265 9.88 16.32 -61.85
CA GLU B 265 9.19 17.62 -61.75
C GLU B 265 7.68 17.52 -61.39
N GLU B 266 7.00 16.49 -61.93
CA GLU B 266 5.56 16.27 -61.72
C GLU B 266 5.25 15.71 -60.31
N HIS B 267 6.28 15.18 -59.62
CA HIS B 267 6.19 14.60 -58.29
C HIS B 267 6.63 15.60 -57.23
N LEU B 268 6.95 16.83 -57.66
CA LEU B 268 7.42 17.90 -56.76
C LEU B 268 6.35 18.93 -56.54
N LYS B 269 6.51 19.73 -55.47
CA LYS B 269 5.59 20.80 -55.07
C LYS B 269 4.20 20.19 -54.79
N GLN B 270 4.22 18.91 -54.34
CA GLN B 270 3.07 18.09 -54.03
C GLN B 270 2.82 17.96 -52.50
N LEU B 271 1.54 17.98 -52.14
CA LEU B 271 1.06 17.84 -50.79
C LEU B 271 0.18 16.60 -50.64
N TYR B 272 0.51 15.79 -49.64
CA TYR B 272 -0.17 14.55 -49.33
C TYR B 272 -0.86 14.63 -47.96
N LYS B 273 -2.10 14.13 -47.89
CA LYS B 273 -2.91 14.11 -46.66
C LYS B 273 -3.24 12.64 -46.38
N ILE B 274 -2.62 12.07 -45.32
CA ILE B 274 -2.66 10.65 -44.94
C ILE B 274 -3.41 10.32 -43.63
N VAL B 275 -4.15 9.20 -43.62
CA VAL B 275 -4.88 8.73 -42.44
C VAL B 275 -4.03 7.66 -41.70
N PRO B 276 -3.64 7.91 -40.43
CA PRO B 276 -2.87 6.89 -39.68
C PRO B 276 -3.76 5.88 -38.92
N ILE B 277 -3.15 4.83 -38.35
CA ILE B 277 -3.87 3.89 -37.50
C ILE B 277 -3.93 4.43 -36.06
N LYS B 278 -2.76 4.79 -35.46
CA LYS B 278 -2.72 5.40 -34.14
C LYS B 278 -3.13 6.84 -34.32
N ASP B 279 -3.58 7.49 -33.22
CA ASP B 279 -3.93 8.91 -33.26
C ASP B 279 -2.59 9.68 -33.20
N ILE B 280 -1.90 9.75 -34.35
CA ILE B 280 -0.61 10.43 -34.50
C ILE B 280 -0.76 11.60 -35.46
N ARG B 281 0.03 12.67 -35.25
CA ARG B 281 0.00 13.89 -36.10
C ARG B 281 1.43 14.18 -36.48
N ASN B 282 1.78 13.92 -37.75
CA ASN B 282 3.16 14.11 -38.22
C ASN B 282 3.24 14.87 -39.52
N LEU B 283 4.32 15.62 -39.66
CA LEU B 283 4.64 16.35 -40.90
C LEU B 283 5.98 15.82 -41.45
N TYR B 284 5.97 15.45 -42.72
CA TYR B 284 7.16 14.96 -43.42
C TYR B 284 7.48 15.86 -44.58
N VAL B 285 8.66 16.49 -44.52
CA VAL B 285 9.14 17.41 -45.56
C VAL B 285 10.34 16.74 -46.25
N THR B 286 10.20 16.48 -47.56
CA THR B 286 11.22 15.79 -48.35
C THR B 286 11.65 16.60 -49.57
N PHE B 287 12.96 16.60 -49.78
CA PHE B 287 13.63 17.22 -50.92
C PHE B 287 14.41 16.10 -51.63
N PRO B 288 14.15 15.84 -52.94
CA PRO B 288 14.98 14.89 -53.68
C PRO B 288 16.39 15.47 -53.83
N ILE B 289 17.40 14.66 -53.65
CA ILE B 289 18.79 15.14 -53.79
C ILE B 289 19.61 14.12 -54.59
N PRO B 290 20.72 14.52 -55.29
CA PRO B 290 21.58 13.51 -55.94
C PRO B 290 22.25 12.61 -54.88
N ASP B 291 22.75 11.46 -55.30
CA ASP B 291 23.46 10.51 -54.43
C ASP B 291 24.72 11.21 -53.90
N LEU B 292 24.80 11.34 -52.56
CA LEU B 292 25.92 12.02 -51.92
C LEU B 292 27.00 11.09 -51.41
N GLN B 293 26.82 9.76 -51.53
CA GLN B 293 27.76 8.75 -51.04
C GLN B 293 29.24 9.02 -51.45
N LYS B 294 29.52 9.40 -52.72
CA LYS B 294 30.89 9.69 -53.19
C LYS B 294 31.64 10.74 -52.34
N TYR B 295 30.90 11.72 -51.75
CA TYR B 295 31.53 12.77 -50.95
C TYR B 295 31.65 12.39 -49.48
N TYR B 296 31.65 11.08 -49.15
CA TYR B 296 31.66 10.58 -47.77
C TYR B 296 32.78 11.13 -46.87
N LYS B 297 33.94 11.50 -47.46
CA LYS B 297 35.07 12.04 -46.70
C LYS B 297 34.80 13.49 -46.24
N SER B 298 33.87 14.19 -46.92
CA SER B 298 33.49 15.56 -46.50
C SER B 298 32.06 15.57 -45.89
N ASN B 299 31.19 14.63 -46.38
CA ASN B 299 29.79 14.36 -46.00
C ASN B 299 29.02 15.65 -45.78
N PRO B 300 28.70 16.40 -46.85
CA PRO B 300 27.97 17.67 -46.66
C PRO B 300 26.53 17.46 -46.15
N GLY B 301 25.96 16.27 -46.37
CA GLY B 301 24.63 15.94 -45.90
C GLY B 301 24.57 15.77 -44.40
N HIS B 302 25.65 15.20 -43.82
CA HIS B 302 25.80 14.97 -42.35
C HIS B 302 25.95 16.34 -41.70
N TYR B 303 26.72 17.22 -42.37
CA TYR B 303 26.94 18.58 -42.00
C TYR B 303 25.60 19.30 -41.90
N LEU B 304 24.79 19.29 -42.97
CA LEU B 304 23.50 19.98 -42.94
C LEU B 304 22.49 19.33 -42.02
N GLY B 305 22.56 18.01 -41.90
CA GLY B 305 21.73 17.25 -40.99
C GLY B 305 21.93 17.72 -39.56
N HIS B 306 23.20 17.92 -39.17
CA HIS B 306 23.63 18.40 -37.86
C HIS B 306 23.06 19.76 -37.50
N LEU B 307 23.06 20.69 -38.45
CA LEU B 307 22.56 22.03 -38.18
C LEU B 307 21.05 22.10 -38.24
N ILE B 308 20.43 21.58 -39.33
CA ILE B 308 18.98 21.62 -39.50
C ILE B 308 18.28 20.79 -38.39
N GLY B 309 18.86 19.64 -38.04
CA GLY B 309 18.39 18.75 -36.98
C GLY B 309 18.76 19.15 -35.57
N HIS B 310 19.62 20.17 -35.38
CA HIS B 310 20.05 20.60 -34.04
C HIS B 310 18.94 20.90 -33.07
N GLU B 311 19.18 20.58 -31.78
CA GLU B 311 18.19 20.80 -30.71
C GLU B 311 18.67 21.75 -29.61
N GLY B 312 19.84 22.36 -29.78
CA GLY B 312 20.41 23.28 -28.81
C GLY B 312 19.82 24.67 -28.98
N PRO B 313 20.28 25.69 -28.21
CA PRO B 313 19.68 27.04 -28.36
C PRO B 313 19.84 27.60 -29.76
N GLY B 314 18.87 28.39 -30.20
CA GLY B 314 18.84 29.00 -31.54
C GLY B 314 18.47 28.06 -32.68
N SER B 315 18.18 26.79 -32.36
CA SER B 315 17.83 25.75 -33.32
C SER B 315 16.46 25.97 -33.98
N LEU B 316 16.20 25.29 -35.13
CA LEU B 316 14.90 25.34 -35.80
C LEU B 316 13.83 24.78 -34.83
N LEU B 317 14.14 23.64 -34.18
CA LEU B 317 13.29 22.95 -33.21
C LEU B 317 12.89 23.87 -32.06
N SER B 318 13.87 24.51 -31.41
CA SER B 318 13.61 25.45 -30.30
C SER B 318 12.52 26.44 -30.62
N GLU B 319 12.58 27.05 -31.83
CA GLU B 319 11.55 28.01 -32.24
C GLU B 319 10.22 27.34 -32.53
N LEU B 320 10.25 26.16 -33.18
CA LEU B 320 9.04 25.42 -33.51
C LEU B 320 8.31 24.96 -32.22
N LYS B 321 9.10 24.67 -31.16
CA LYS B 321 8.61 24.26 -29.85
C LYS B 321 8.09 25.48 -29.13
N SER B 322 8.85 26.59 -29.13
CA SER B 322 8.44 27.82 -28.48
C SER B 322 7.14 28.35 -29.06
N LYS B 323 6.93 28.15 -30.37
CA LYS B 323 5.72 28.55 -31.05
C LYS B 323 4.53 27.63 -30.77
N GLY B 324 4.82 26.53 -30.06
CA GLY B 324 3.84 25.50 -29.67
C GLY B 324 3.35 24.69 -30.85
N TRP B 325 4.22 24.47 -31.84
CA TRP B 325 3.79 23.76 -33.03
C TRP B 325 4.21 22.31 -33.10
N VAL B 326 5.43 21.98 -32.64
CA VAL B 326 5.99 20.64 -32.73
C VAL B 326 6.61 20.28 -31.39
N ASN B 327 6.93 19.00 -31.17
CA ASN B 327 7.65 18.55 -29.99
C ASN B 327 8.99 18.04 -30.41
N THR B 328 9.05 17.27 -31.51
CA THR B 328 10.29 16.61 -31.93
C THR B 328 10.66 16.88 -33.40
N LEU B 329 11.94 16.80 -33.70
CA LEU B 329 12.33 17.03 -35.07
C LEU B 329 13.41 16.06 -35.46
N VAL B 330 13.32 15.52 -36.68
CA VAL B 330 14.36 14.67 -37.28
C VAL B 330 14.73 15.28 -38.64
N GLY B 331 16.00 15.59 -38.81
CA GLY B 331 16.48 16.23 -40.02
C GLY B 331 17.76 15.65 -40.58
N GLY B 332 17.87 15.68 -41.88
CA GLY B 332 19.08 15.22 -42.56
C GLY B 332 18.88 14.34 -43.77
N GLN B 333 19.99 13.76 -44.21
CA GLN B 333 20.02 12.91 -45.39
C GLN B 333 19.49 11.55 -45.10
N LYS B 334 18.81 11.03 -46.09
CA LYS B 334 18.19 9.73 -46.12
C LYS B 334 18.60 9.03 -47.39
N GLU B 335 18.95 7.77 -47.23
CA GLU B 335 19.34 6.87 -48.29
C GLU B 335 18.18 6.57 -49.23
N GLY B 336 18.52 6.39 -50.50
CA GLY B 336 17.57 6.01 -51.53
C GLY B 336 18.05 4.67 -52.04
N ALA B 337 18.89 4.74 -53.08
CA ALA B 337 19.66 3.63 -53.67
C ALA B 337 20.86 4.28 -54.38
N ARG B 338 21.61 3.51 -55.15
CA ARG B 338 22.72 4.09 -55.91
C ARG B 338 22.15 5.02 -56.99
N GLY B 339 22.42 6.32 -56.86
CA GLY B 339 21.98 7.34 -57.81
C GLY B 339 20.97 8.35 -57.33
N PHE B 340 20.28 8.09 -56.19
CA PHE B 340 19.26 8.99 -55.67
C PHE B 340 19.17 8.91 -54.15
N MET B 341 19.00 10.08 -53.51
CA MET B 341 18.89 10.19 -52.05
C MET B 341 17.78 11.17 -51.68
N PHE B 342 17.63 11.49 -50.38
CA PHE B 342 16.62 12.44 -49.92
C PHE B 342 17.16 13.28 -48.77
N PHE B 343 16.71 14.53 -48.67
CA PHE B 343 16.96 15.37 -47.51
C PHE B 343 15.57 15.60 -46.87
N ILE B 344 15.42 15.10 -45.64
CA ILE B 344 14.17 15.13 -44.87
C ILE B 344 14.25 16.06 -43.63
N ILE B 345 13.08 16.65 -43.29
CA ILE B 345 12.81 17.43 -42.11
C ILE B 345 11.42 16.95 -41.64
N ASN B 346 11.43 16.04 -40.66
CA ASN B 346 10.24 15.41 -40.12
C ASN B 346 10.00 15.90 -38.73
N VAL B 347 8.77 16.32 -38.46
CA VAL B 347 8.35 16.78 -37.16
C VAL B 347 7.03 16.10 -36.79
N ASP B 348 6.79 15.98 -35.48
CA ASP B 348 5.47 15.56 -35.00
C ASP B 348 4.67 16.89 -34.88
N LEU B 349 3.35 16.83 -34.64
CA LEU B 349 2.61 18.08 -34.58
C LEU B 349 1.72 18.17 -33.36
N THR B 350 1.59 19.39 -32.83
CA THR B 350 0.64 19.61 -31.75
C THR B 350 -0.70 19.84 -32.49
N GLU B 351 -1.78 20.10 -31.73
CA GLU B 351 -3.07 20.42 -32.33
C GLU B 351 -2.98 21.79 -33.08
N GLU B 352 -2.12 22.71 -32.58
CA GLU B 352 -1.91 24.02 -33.17
C GLU B 352 -1.01 23.94 -34.40
N GLY B 353 -0.01 23.05 -34.35
CA GLY B 353 0.89 22.79 -35.46
C GLY B 353 0.15 22.29 -36.69
N LEU B 354 -0.77 21.33 -36.50
CA LEU B 354 -1.64 20.76 -37.55
C LEU B 354 -2.43 21.87 -38.35
N LEU B 355 -2.69 23.03 -37.69
CA LEU B 355 -3.37 24.18 -38.28
C LEU B 355 -2.37 25.24 -38.79
N HIS B 356 -1.04 25.03 -38.54
CA HIS B 356 0.03 25.95 -38.89
C HIS B 356 1.18 25.30 -39.64
N VAL B 357 0.83 24.37 -40.55
CA VAL B 357 1.75 23.60 -41.39
C VAL B 357 2.57 24.50 -42.32
N GLU B 358 1.88 25.44 -42.99
CA GLU B 358 2.47 26.44 -43.89
C GLU B 358 3.50 27.29 -43.13
N ASP B 359 3.16 27.67 -41.87
CA ASP B 359 4.01 28.44 -40.98
C ASP B 359 5.22 27.63 -40.52
N ILE B 360 5.02 26.31 -40.28
CA ILE B 360 6.12 25.41 -39.87
C ILE B 360 7.14 25.34 -40.99
N ILE B 361 6.69 25.01 -42.22
CA ILE B 361 7.54 24.91 -43.40
C ILE B 361 8.23 26.28 -43.71
N LEU B 362 7.52 27.41 -43.49
CA LEU B 362 8.12 28.74 -43.64
C LEU B 362 9.32 28.90 -42.71
N HIS B 363 9.22 28.43 -41.44
CA HIS B 363 10.30 28.51 -40.46
C HIS B 363 11.46 27.62 -40.85
N MET B 364 11.15 26.45 -41.44
CA MET B 364 12.12 25.49 -41.95
C MET B 364 12.94 26.17 -43.06
N PHE B 365 12.25 26.82 -44.03
CA PHE B 365 12.92 27.55 -45.11
C PHE B 365 13.71 28.76 -44.58
N GLN B 366 13.16 29.48 -43.58
CA GLN B 366 13.82 30.58 -42.88
C GLN B 366 15.15 30.09 -42.32
N TYR B 367 15.14 28.92 -41.59
CA TYR B 367 16.35 28.30 -41.02
C TYR B 367 17.38 27.97 -42.12
N ILE B 368 16.92 27.39 -43.24
CA ILE B 368 17.76 27.02 -44.40
C ILE B 368 18.44 28.29 -44.95
N GLN B 369 17.68 29.40 -45.04
CA GLN B 369 18.15 30.70 -45.52
C GLN B 369 19.22 31.29 -44.61
N LYS B 370 19.11 31.12 -43.29
CA LYS B 370 20.10 31.61 -42.33
C LYS B 370 21.45 30.95 -42.61
N LEU B 371 21.47 29.61 -42.87
CA LEU B 371 22.67 28.84 -43.18
C LEU B 371 23.29 29.29 -44.49
N ARG B 372 22.46 29.80 -45.41
CA ARG B 372 22.87 30.31 -46.70
C ARG B 372 23.55 31.66 -46.53
N ALA B 373 22.86 32.60 -45.85
CA ALA B 373 23.33 33.96 -45.58
C ALA B 373 24.63 33.96 -44.77
N GLU B 374 24.75 33.06 -43.77
CA GLU B 374 25.95 32.94 -42.93
C GLU B 374 27.03 32.05 -43.54
N GLY B 375 26.67 31.24 -44.53
CA GLY B 375 27.58 30.33 -45.23
C GLY B 375 28.16 29.19 -44.39
N PRO B 376 28.91 28.27 -45.03
CA PRO B 376 29.50 27.14 -44.29
C PRO B 376 30.46 27.54 -43.17
N GLN B 377 30.52 26.70 -42.12
CA GLN B 377 31.35 26.88 -40.93
C GLN B 377 32.30 25.70 -40.79
N GLU B 378 33.61 25.98 -40.77
CA GLU B 378 34.65 24.94 -40.68
C GLU B 378 34.76 24.43 -39.25
N TRP B 379 34.52 25.31 -38.26
CA TRP B 379 34.55 24.99 -36.84
C TRP B 379 33.49 23.93 -36.48
N VAL B 380 32.32 23.96 -37.18
CA VAL B 380 31.22 22.98 -37.03
C VAL B 380 31.73 21.64 -37.59
N PHE B 381 32.29 21.65 -38.81
CA PHE B 381 32.84 20.45 -39.45
C PHE B 381 33.98 19.82 -38.63
N GLN B 382 34.87 20.67 -38.07
CA GLN B 382 36.01 20.26 -37.24
C GLN B 382 35.48 19.56 -35.98
N GLU B 383 34.40 20.12 -35.39
CA GLU B 383 33.70 19.58 -34.21
C GLU B 383 33.13 18.18 -34.51
N LEU B 384 32.47 18.03 -35.69
CA LEU B 384 31.92 16.75 -36.16
C LEU B 384 33.05 15.75 -36.35
N LYS B 385 34.14 16.19 -37.02
CA LYS B 385 35.32 15.35 -37.29
C LYS B 385 35.92 14.83 -35.97
N ASP B 386 36.12 15.77 -35.03
CA ASP B 386 36.69 15.47 -33.71
C ASP B 386 35.81 14.53 -32.88
N LEU B 387 34.47 14.67 -32.99
CA LEU B 387 33.55 13.80 -32.26
C LEU B 387 33.55 12.40 -32.83
N ASN B 388 33.56 12.30 -34.15
CA ASN B 388 33.61 11.03 -34.88
C ASN B 388 34.90 10.25 -34.60
N ALA B 389 36.06 10.94 -34.56
CA ALA B 389 37.34 10.31 -34.21
C ALA B 389 37.30 9.69 -32.79
N VAL B 390 36.77 10.45 -31.80
CA VAL B 390 36.59 9.96 -30.42
C VAL B 390 35.66 8.73 -30.40
N ALA B 391 34.50 8.86 -31.10
CA ALA B 391 33.47 7.82 -31.17
C ALA B 391 34.01 6.53 -31.77
N PHE B 392 34.87 6.65 -32.82
CA PHE B 392 35.51 5.49 -33.45
C PHE B 392 36.57 4.87 -32.53
N ARG B 393 37.42 5.71 -31.96
CA ARG B 393 38.50 5.25 -31.10
C ARG B 393 37.94 4.47 -29.92
N PHE B 394 36.91 5.03 -29.26
CA PHE B 394 36.36 4.40 -28.07
C PHE B 394 35.05 3.64 -28.30
N LYS B 395 34.82 3.17 -29.54
CA LYS B 395 33.66 2.36 -29.94
C LYS B 395 33.59 1.09 -29.07
N ASP B 396 32.40 0.70 -28.60
CA ASP B 396 32.23 -0.51 -27.81
C ASP B 396 32.46 -1.74 -28.68
N LYS B 397 32.85 -2.87 -28.07
CA LYS B 397 33.04 -4.14 -28.80
C LYS B 397 31.67 -4.66 -29.15
N GLU B 398 31.53 -5.08 -30.41
CA GLU B 398 30.29 -5.57 -31.00
C GLU B 398 30.19 -7.08 -30.81
N ARG B 399 28.96 -7.58 -30.80
CA ARG B 399 28.66 -9.00 -30.80
C ARG B 399 29.07 -9.42 -32.24
N PRO B 400 29.85 -10.52 -32.43
CA PRO B 400 30.33 -10.84 -33.79
C PRO B 400 29.27 -10.98 -34.89
N ARG B 401 28.07 -11.51 -34.57
CA ARG B 401 27.01 -11.70 -35.57
C ARG B 401 26.63 -10.42 -36.33
N GLY B 402 26.42 -9.33 -35.59
CA GLY B 402 26.04 -8.04 -36.15
C GLY B 402 27.22 -7.34 -36.78
N TYR B 403 28.44 -7.60 -36.23
CA TYR B 403 29.69 -7.03 -36.72
C TYR B 403 30.01 -7.54 -38.15
N THR B 404 29.88 -8.85 -38.39
CA THR B 404 30.17 -9.44 -39.70
C THR B 404 29.15 -8.98 -40.75
N SER B 405 27.84 -9.10 -40.40
CA SER B 405 26.74 -8.68 -41.26
C SER B 405 26.91 -7.25 -41.73
N LYS B 406 27.16 -6.31 -40.79
CA LYS B 406 27.34 -4.89 -41.09
C LYS B 406 28.51 -4.65 -42.05
N ILE B 407 29.69 -5.27 -41.77
CA ILE B 407 30.90 -5.11 -42.59
C ILE B 407 30.71 -5.66 -44.00
N ALA B 408 29.98 -6.79 -44.12
CA ALA B 408 29.70 -7.40 -45.41
C ALA B 408 29.01 -6.39 -46.35
N GLY B 409 28.15 -5.54 -45.79
CA GLY B 409 27.49 -4.49 -46.56
C GLY B 409 28.42 -3.35 -46.93
N ILE B 410 29.20 -2.85 -45.96
CA ILE B 410 30.04 -1.67 -46.20
C ILE B 410 31.23 -2.00 -47.09
N LEU B 411 31.60 -3.28 -47.24
CA LEU B 411 32.65 -3.71 -48.16
C LEU B 411 32.33 -3.27 -49.60
N HIS B 412 31.01 -3.26 -49.98
CA HIS B 412 30.57 -2.85 -51.33
C HIS B 412 30.70 -1.36 -51.58
N TYR B 413 30.91 -0.55 -50.52
CA TYR B 413 30.96 0.90 -50.69
C TYR B 413 32.30 1.54 -50.41
N TYR B 414 33.18 0.83 -49.71
CA TYR B 414 34.46 1.44 -49.31
C TYR B 414 35.68 0.56 -49.63
N PRO B 415 36.85 1.21 -49.92
CA PRO B 415 38.08 0.43 -50.09
C PRO B 415 38.31 -0.38 -48.83
N LEU B 416 38.79 -1.61 -49.02
CA LEU B 416 39.18 -2.58 -48.01
C LEU B 416 39.73 -1.95 -46.71
N GLU B 417 40.69 -1.02 -46.87
CA GLU B 417 41.40 -0.38 -45.76
C GLU B 417 40.55 0.64 -44.98
N GLU B 418 39.48 1.19 -45.59
CA GLU B 418 38.58 2.18 -44.96
C GLU B 418 37.26 1.56 -44.41
N VAL B 419 37.11 0.23 -44.48
CA VAL B 419 35.93 -0.54 -44.10
C VAL B 419 35.49 -0.35 -42.61
N LEU B 420 36.43 -0.07 -41.70
CA LEU B 420 36.11 0.12 -40.29
C LEU B 420 35.91 1.57 -39.95
N THR B 421 36.67 2.46 -40.59
CA THR B 421 36.58 3.90 -40.36
C THR B 421 35.40 4.51 -41.11
N ALA B 422 34.90 3.81 -42.12
CA ALA B 422 33.83 4.17 -43.07
C ALA B 422 32.81 5.21 -42.57
N GLU B 423 31.97 4.80 -41.64
CA GLU B 423 30.90 5.61 -41.08
C GLU B 423 31.36 6.62 -40.03
N TYR B 424 32.69 6.76 -39.86
CA TYR B 424 33.26 7.64 -38.86
C TYR B 424 34.13 8.76 -39.37
N LEU B 425 35.20 8.43 -40.08
CA LEU B 425 36.19 9.43 -40.39
C LEU B 425 35.82 10.36 -41.50
N LEU B 426 35.86 11.67 -41.15
CA LEU B 426 35.68 12.87 -41.97
C LEU B 426 37.07 13.43 -42.18
N GLU B 427 37.35 14.03 -43.36
CA GLU B 427 38.68 14.55 -43.68
C GLU B 427 38.67 15.99 -44.17
N GLU B 428 38.36 16.22 -45.44
CA GLU B 428 38.41 17.55 -46.03
C GLU B 428 37.11 18.31 -45.89
N PHE B 429 37.19 19.56 -45.42
CA PHE B 429 36.03 20.47 -45.34
C PHE B 429 35.77 21.00 -46.76
N ARG B 430 34.54 20.80 -47.26
CA ARG B 430 34.19 21.20 -48.61
C ARG B 430 33.00 22.15 -48.59
N PRO B 431 33.25 23.48 -48.43
CA PRO B 431 32.13 24.45 -48.40
C PRO B 431 31.32 24.49 -49.69
N ASP B 432 31.98 24.12 -50.81
CA ASP B 432 31.42 24.07 -52.17
C ASP B 432 30.24 23.09 -52.21
N LEU B 433 30.42 21.89 -51.61
CA LEU B 433 29.40 20.84 -51.54
C LEU B 433 28.24 21.20 -50.58
N ILE B 434 28.54 21.80 -49.43
CA ILE B 434 27.52 22.25 -48.46
C ILE B 434 26.57 23.25 -49.14
N GLU B 435 27.17 24.19 -49.93
CA GLU B 435 26.49 25.21 -50.75
C GLU B 435 25.64 24.50 -51.82
N MET B 436 26.21 23.45 -52.47
CA MET B 436 25.56 22.62 -53.50
C MET B 436 24.30 21.94 -52.95
N VAL B 437 24.43 21.16 -51.84
CA VAL B 437 23.31 20.44 -51.20
C VAL B 437 22.27 21.44 -50.74
N LEU B 438 22.69 22.48 -50.03
CA LEU B 438 21.83 23.56 -49.55
C LEU B 438 20.97 24.18 -50.66
N ASP B 439 21.54 24.36 -51.88
CA ASP B 439 20.85 24.92 -53.04
C ASP B 439 19.69 24.02 -53.54
N LYS B 440 19.67 22.75 -53.12
CA LYS B 440 18.62 21.79 -53.45
C LYS B 440 17.44 21.86 -52.45
N LEU B 441 17.68 22.41 -51.25
CA LEU B 441 16.69 22.56 -50.18
C LEU B 441 15.85 23.81 -50.42
N ARG B 442 15.07 23.79 -51.52
CA ARG B 442 14.27 24.95 -51.94
C ARG B 442 12.78 24.61 -52.14
N PRO B 443 11.85 25.59 -51.95
CA PRO B 443 10.40 25.33 -52.13
C PRO B 443 9.98 24.70 -53.46
N GLU B 444 10.68 25.03 -54.56
CA GLU B 444 10.45 24.48 -55.91
C GLU B 444 10.74 22.97 -55.97
N ASN B 445 11.50 22.44 -54.99
CA ASN B 445 11.89 21.04 -54.89
C ASN B 445 11.21 20.29 -53.70
N VAL B 446 10.32 20.96 -52.96
CA VAL B 446 9.72 20.39 -51.75
C VAL B 446 8.57 19.42 -52.02
N ARG B 447 8.46 18.41 -51.13
CA ARG B 447 7.40 17.40 -51.04
C ARG B 447 6.93 17.38 -49.59
N VAL B 448 5.62 17.53 -49.39
CA VAL B 448 5.05 17.63 -48.05
C VAL B 448 4.02 16.53 -47.83
N ALA B 449 4.10 15.86 -46.67
CA ALA B 449 3.13 14.85 -46.27
C ALA B 449 2.64 15.13 -44.85
N ILE B 450 1.32 15.27 -44.68
CA ILE B 450 0.69 15.51 -43.36
C ILE B 450 -0.07 14.24 -42.99
N VAL B 451 0.26 13.67 -41.83
CA VAL B 451 -0.39 12.46 -41.31
C VAL B 451 -1.26 12.89 -40.14
N SER B 452 -2.58 12.58 -40.20
CA SER B 452 -3.56 12.98 -39.17
C SER B 452 -4.90 12.28 -39.34
N LYS B 453 -5.56 11.97 -38.20
CA LYS B 453 -6.91 11.38 -38.17
C LYS B 453 -7.92 12.38 -38.70
N SER B 454 -7.62 13.68 -38.65
CA SER B 454 -8.49 14.74 -39.20
C SER B 454 -8.77 14.59 -40.71
N PHE B 455 -8.13 13.58 -41.38
CA PHE B 455 -8.33 13.34 -42.80
C PHE B 455 -9.26 12.16 -43.08
N GLU B 456 -9.79 11.50 -42.02
CA GLU B 456 -10.75 10.38 -42.11
C GLU B 456 -11.98 10.89 -42.85
N GLY B 457 -12.39 10.19 -43.91
CA GLY B 457 -13.54 10.59 -44.74
C GLY B 457 -13.26 11.74 -45.70
N LYS B 458 -12.02 12.29 -45.69
CA LYS B 458 -11.59 13.41 -46.53
C LYS B 458 -10.54 13.03 -47.59
N THR B 459 -10.41 11.72 -47.86
CA THR B 459 -9.46 11.20 -48.83
C THR B 459 -10.18 10.39 -49.92
N ASP B 460 -9.55 10.30 -51.10
CA ASP B 460 -10.09 9.59 -52.27
C ASP B 460 -9.21 8.44 -52.75
N ARG B 461 -7.92 8.41 -52.38
CA ARG B 461 -7.02 7.34 -52.82
C ARG B 461 -6.74 6.30 -51.75
N THR B 462 -6.42 5.08 -52.19
CA THR B 462 -6.06 3.94 -51.35
C THR B 462 -4.81 3.27 -51.94
N GLU B 463 -3.77 3.08 -51.10
CA GLU B 463 -2.53 2.40 -51.48
C GLU B 463 -2.88 0.88 -51.44
N GLU B 464 -2.49 0.12 -52.46
CA GLU B 464 -2.94 -1.26 -52.61
C GLU B 464 -2.38 -2.29 -51.63
N TRP B 465 -1.11 -2.14 -51.25
CA TRP B 465 -0.46 -3.16 -50.44
C TRP B 465 -0.84 -3.08 -48.97
N TYR B 466 -1.07 -1.87 -48.43
CA TYR B 466 -1.42 -1.71 -47.02
C TYR B 466 -2.85 -1.22 -46.74
N GLY B 467 -3.50 -0.62 -47.75
CA GLY B 467 -4.85 -0.10 -47.63
C GLY B 467 -4.91 1.34 -47.19
N THR B 468 -3.72 1.98 -47.06
CA THR B 468 -3.53 3.37 -46.60
C THR B 468 -4.39 4.36 -47.38
N GLN B 469 -5.13 5.16 -46.62
CA GLN B 469 -6.06 6.13 -47.18
C GLN B 469 -5.39 7.48 -47.25
N TYR B 470 -5.40 8.10 -48.44
CA TYR B 470 -4.70 9.38 -48.62
C TYR B 470 -5.29 10.19 -49.76
N LYS B 471 -4.95 11.48 -49.78
CA LYS B 471 -5.36 12.45 -50.79
C LYS B 471 -4.05 13.12 -51.31
N GLN B 472 -4.06 13.56 -52.59
CA GLN B 472 -2.94 14.27 -53.20
C GLN B 472 -3.41 15.60 -53.83
N GLU B 473 -2.64 16.65 -53.53
CA GLU B 473 -2.89 18.02 -53.94
C GLU B 473 -1.61 18.66 -54.43
N ALA B 474 -1.74 19.60 -55.35
CA ALA B 474 -0.61 20.38 -55.79
C ALA B 474 -0.52 21.51 -54.78
N ILE B 475 0.69 21.87 -54.33
CA ILE B 475 0.85 23.01 -53.41
C ILE B 475 0.61 24.28 -54.27
N PRO B 476 -0.20 25.26 -53.81
CA PRO B 476 -0.41 26.47 -54.63
C PRO B 476 0.89 27.27 -54.82
N ASP B 477 1.06 27.87 -56.02
CA ASP B 477 2.24 28.68 -56.38
C ASP B 477 2.45 29.83 -55.39
N GLU B 478 1.33 30.39 -54.89
CA GLU B 478 1.28 31.46 -53.90
C GLU B 478 1.93 31.01 -52.58
N VAL B 479 1.79 29.71 -52.20
CA VAL B 479 2.40 29.15 -50.99
C VAL B 479 3.92 28.97 -51.22
N ILE B 480 4.29 28.45 -52.39
CA ILE B 480 5.68 28.24 -52.81
C ILE B 480 6.43 29.55 -52.83
N LYS B 481 5.79 30.61 -53.39
CA LYS B 481 6.30 31.98 -53.49
C LYS B 481 6.58 32.52 -52.09
N LYS B 482 5.59 32.42 -51.16
CA LYS B 482 5.72 32.83 -49.76
C LYS B 482 6.95 32.19 -49.09
N TRP B 483 7.12 30.86 -49.27
CA TRP B 483 8.22 30.07 -48.72
C TRP B 483 9.53 30.49 -49.35
N GLN B 484 9.53 30.81 -50.66
CA GLN B 484 10.71 31.28 -51.41
C GLN B 484 11.14 32.66 -50.89
N ASN B 485 10.15 33.54 -50.62
CA ASN B 485 10.35 34.92 -50.19
C ASN B 485 10.60 35.11 -48.70
N ALA B 486 10.60 33.99 -47.92
CA ALA B 486 10.81 33.94 -46.47
C ALA B 486 11.78 35.00 -45.95
N ASP B 487 11.32 35.79 -44.94
CA ASP B 487 12.12 36.85 -44.31
C ASP B 487 13.29 36.21 -43.53
N LEU B 488 14.07 37.03 -42.81
CA LEU B 488 15.10 36.47 -41.98
C LEU B 488 14.61 36.59 -40.54
N ASN B 489 14.66 35.47 -39.79
CA ASN B 489 14.21 35.36 -38.40
C ASN B 489 15.39 35.45 -37.43
N GLY B 490 15.26 36.36 -36.46
CA GLY B 490 16.26 36.60 -35.42
C GLY B 490 16.27 35.56 -34.32
N LYS B 491 15.22 34.71 -34.28
CA LYS B 491 15.10 33.63 -33.30
C LYS B 491 16.07 32.51 -33.63
N PHE B 492 16.46 32.34 -34.92
CA PHE B 492 17.42 31.32 -35.38
C PHE B 492 18.85 31.82 -35.39
N LYS B 493 19.71 31.12 -34.66
CA LYS B 493 21.14 31.40 -34.51
C LYS B 493 21.89 30.08 -34.59
N LEU B 494 23.12 30.11 -35.13
CA LEU B 494 23.99 28.93 -35.26
C LEU B 494 24.31 28.37 -33.88
N PRO B 495 24.50 27.05 -33.70
CA PRO B 495 24.85 26.55 -32.37
C PRO B 495 26.23 27.06 -31.97
N THR B 496 26.45 27.26 -30.68
CA THR B 496 27.76 27.66 -30.15
C THR B 496 28.61 26.38 -29.97
N LYS B 497 29.88 26.57 -29.56
CA LYS B 497 30.88 25.53 -29.30
C LYS B 497 30.34 24.56 -28.25
N ASN B 498 30.53 23.26 -28.49
CA ASN B 498 30.02 22.21 -27.61
C ASN B 498 31.01 21.98 -26.47
N GLU B 499 30.68 22.50 -25.28
CA GLU B 499 31.51 22.36 -24.08
C GLU B 499 31.46 20.96 -23.46
N PHE B 500 30.70 20.01 -24.04
CA PHE B 500 30.64 18.64 -23.53
C PHE B 500 31.61 17.71 -24.24
N ILE B 501 32.30 18.23 -25.26
CA ILE B 501 33.30 17.42 -25.95
C ILE B 501 34.32 16.88 -24.92
N PRO B 502 34.45 15.54 -24.78
CA PRO B 502 35.39 15.02 -23.79
C PRO B 502 36.84 15.17 -24.26
N THR B 503 37.76 15.28 -23.26
CA THR B 503 39.21 15.42 -23.45
C THR B 503 39.95 14.50 -22.50
N ASN B 504 39.43 14.28 -21.27
CA ASN B 504 40.08 13.38 -20.32
C ASN B 504 39.74 11.93 -20.60
N PHE B 505 40.63 11.22 -21.30
CA PHE B 505 40.38 9.79 -21.61
C PHE B 505 41.20 8.83 -20.77
N GLU B 506 41.73 9.32 -19.62
CA GLU B 506 42.57 8.48 -18.75
C GLU B 506 41.82 7.32 -18.16
N ILE B 507 42.36 6.12 -18.33
CA ILE B 507 41.78 4.94 -17.70
C ILE B 507 42.43 4.91 -16.34
N LEU B 508 41.61 4.93 -15.30
CA LEU B 508 42.15 4.95 -13.97
C LEU B 508 42.70 3.58 -13.61
N PRO B 509 43.93 3.52 -13.02
CA PRO B 509 44.51 2.22 -12.69
C PRO B 509 43.55 1.43 -11.80
N LEU B 510 43.50 0.11 -12.00
CA LEU B 510 42.65 -0.75 -11.18
C LEU B 510 43.10 -0.62 -9.72
N GLU B 511 42.15 -0.27 -8.83
CA GLU B 511 42.44 -0.07 -7.40
C GLU B 511 42.84 -1.37 -6.73
N LYS B 512 43.68 -1.29 -5.67
CA LYS B 512 44.12 -2.48 -4.94
C LYS B 512 42.94 -3.29 -4.43
N GLU B 513 41.90 -2.59 -3.97
CA GLU B 513 40.69 -3.18 -3.42
C GLU B 513 39.55 -3.34 -4.44
N ALA B 514 39.85 -3.37 -5.78
CA ALA B 514 38.83 -3.54 -6.81
C ALA B 514 38.13 -4.91 -6.69
N THR B 515 36.82 -4.99 -7.01
CA THR B 515 36.06 -6.25 -6.88
C THR B 515 35.55 -6.83 -8.23
N PRO B 516 35.36 -8.17 -8.33
CA PRO B 516 34.86 -8.75 -9.60
C PRO B 516 33.40 -8.41 -9.91
N TYR B 517 32.61 -8.24 -8.84
CA TYR B 517 31.19 -7.92 -8.89
C TYR B 517 30.93 -6.60 -8.15
N PRO B 518 29.75 -5.95 -8.28
CA PRO B 518 29.53 -4.72 -7.50
C PRO B 518 29.49 -4.99 -6.00
N ALA B 519 30.08 -4.10 -5.19
CA ALA B 519 30.08 -4.23 -3.72
C ALA B 519 29.30 -3.07 -3.11
N LEU B 520 28.63 -3.33 -2.00
CA LEU B 520 27.85 -2.35 -1.26
C LEU B 520 28.83 -1.47 -0.46
N ILE B 521 29.07 -0.25 -0.96
CA ILE B 521 30.06 0.63 -0.36
C ILE B 521 29.43 1.74 0.45
N LYS B 522 28.09 1.77 0.49
CA LYS B 522 27.31 2.70 1.29
C LYS B 522 25.96 2.07 1.55
N ASP B 523 25.54 2.06 2.83
CA ASP B 523 24.28 1.50 3.27
C ASP B 523 23.75 2.37 4.37
N THR B 524 23.09 3.45 3.98
CA THR B 524 22.52 4.44 4.90
C THR B 524 21.02 4.48 4.76
N ALA B 525 20.35 5.30 5.58
CA ALA B 525 18.91 5.44 5.52
C ALA B 525 18.48 6.07 4.17
N MET B 526 19.30 7.00 3.66
CA MET B 526 19.05 7.70 2.41
C MET B 526 19.43 6.87 1.19
N SER B 527 20.51 6.06 1.27
CA SER B 527 20.93 5.36 0.06
C SER B 527 21.74 4.07 0.20
N LYS B 528 21.56 3.14 -0.76
CA LYS B 528 22.33 1.89 -0.89
C LYS B 528 23.18 2.07 -2.17
N LEU B 529 24.52 2.06 -2.04
CA LEU B 529 25.41 2.30 -3.17
C LEU B 529 26.19 1.06 -3.59
N TRP B 530 25.91 0.57 -4.82
CA TRP B 530 26.64 -0.56 -5.38
C TRP B 530 27.70 0.00 -6.31
N PHE B 531 28.96 -0.46 -6.15
CA PHE B 531 30.10 0.01 -6.96
C PHE B 531 30.99 -1.13 -7.48
N LYS B 532 31.48 -0.96 -8.71
CA LYS B 532 32.45 -1.83 -9.35
C LYS B 532 33.19 -1.05 -10.38
N GLN B 533 34.50 -0.93 -10.18
CA GLN B 533 35.41 -0.31 -11.14
C GLN B 533 35.47 -1.30 -12.29
N ASP B 534 35.39 -0.83 -13.51
CA ASP B 534 35.48 -1.75 -14.67
C ASP B 534 36.86 -2.41 -14.71
N ASP B 535 36.88 -3.74 -14.81
CA ASP B 535 38.12 -4.56 -14.89
C ASP B 535 38.09 -5.43 -16.19
N LYS B 536 37.42 -4.93 -17.24
CA LYS B 536 37.22 -5.71 -18.46
C LYS B 536 37.37 -4.96 -19.75
N PHE B 537 36.74 -3.79 -19.87
CA PHE B 537 36.65 -3.10 -21.16
C PHE B 537 37.61 -1.97 -21.33
N PHE B 538 37.96 -1.30 -20.22
CA PHE B 538 38.96 -0.25 -20.16
C PHE B 538 38.79 0.84 -21.22
N LEU B 539 37.55 1.27 -21.36
CA LEU B 539 37.19 2.39 -22.24
C LEU B 539 36.88 3.55 -21.29
N PRO B 540 37.09 4.83 -21.66
CA PRO B 540 36.91 5.90 -20.65
C PRO B 540 35.44 6.29 -20.46
N LYS B 541 34.68 5.30 -20.01
CA LYS B 541 33.23 5.44 -19.82
C LYS B 541 32.81 4.92 -18.45
N ALA B 542 31.60 5.27 -18.05
CA ALA B 542 30.97 4.81 -16.81
C ALA B 542 29.42 4.83 -16.93
N ASN B 543 28.76 3.93 -16.22
CA ASN B 543 27.30 3.83 -16.17
C ASN B 543 26.82 4.15 -14.76
N LEU B 544 26.03 5.22 -14.63
CA LEU B 544 25.52 5.67 -13.32
C LEU B 544 23.99 5.50 -13.25
N ASN B 545 23.54 4.42 -12.61
CA ASN B 545 22.16 4.06 -12.44
C ASN B 545 21.67 4.45 -11.08
N PHE B 546 20.54 5.14 -11.02
CA PHE B 546 19.90 5.57 -9.77
C PHE B 546 18.42 5.17 -9.72
N GLU B 547 17.99 4.47 -8.66
CA GLU B 547 16.58 4.17 -8.45
C GLU B 547 16.12 5.02 -7.25
N PHE B 548 15.20 5.97 -7.48
CA PHE B 548 14.64 6.86 -6.45
C PHE B 548 13.33 6.21 -6.00
N PHE B 549 13.15 5.97 -4.70
CA PHE B 549 11.93 5.39 -4.16
C PHE B 549 11.17 6.43 -3.43
N SER B 550 9.86 6.47 -3.70
CA SER B 550 8.89 7.34 -3.05
C SER B 550 7.53 6.71 -3.08
N PRO B 551 6.81 6.71 -1.95
CA PRO B 551 5.42 6.18 -1.92
C PRO B 551 4.43 7.03 -2.69
N PHE B 552 4.82 8.26 -3.06
CA PHE B 552 3.93 9.19 -3.74
C PHE B 552 4.02 9.15 -5.28
N ALA B 553 4.80 8.20 -5.83
CA ALA B 553 4.93 8.09 -7.28
C ALA B 553 3.90 7.17 -7.92
N TYR B 554 3.26 6.32 -7.10
CA TYR B 554 2.30 5.32 -7.58
C TYR B 554 1.15 5.10 -6.62
N VAL B 555 0.98 6.00 -5.63
CA VAL B 555 -0.05 5.89 -4.59
C VAL B 555 -1.46 5.74 -5.22
N ASP B 556 -1.73 6.51 -6.29
CA ASP B 556 -2.99 6.44 -7.00
C ASP B 556 -2.76 6.80 -8.48
N PRO B 557 -3.77 6.65 -9.38
CA PRO B 557 -3.55 7.01 -10.78
C PRO B 557 -3.09 8.46 -11.02
N LEU B 558 -3.68 9.43 -10.31
CA LEU B 558 -3.32 10.85 -10.44
C LEU B 558 -1.82 11.07 -10.21
N HIS B 559 -1.28 10.51 -9.12
CA HIS B 559 0.13 10.65 -8.75
C HIS B 559 1.01 9.97 -9.73
N SER B 560 0.56 8.84 -10.32
CA SER B 560 1.30 8.12 -11.33
C SER B 560 1.44 8.98 -12.58
N ASN B 561 0.34 9.66 -12.98
CA ASN B 561 0.33 10.60 -14.09
C ASN B 561 1.25 11.77 -13.83
N MET B 562 1.21 12.30 -12.58
CA MET B 562 2.00 13.46 -12.15
C MET B 562 3.47 13.15 -12.13
N ALA B 563 3.84 11.90 -11.77
CA ALA B 563 5.23 11.44 -11.79
C ALA B 563 5.72 11.44 -13.25
N TYR B 564 4.87 10.91 -14.17
CA TYR B 564 5.17 10.86 -15.60
C TYR B 564 5.29 12.28 -16.19
N LEU B 565 4.26 13.12 -16.00
CA LEU B 565 4.25 14.50 -16.54
C LEU B 565 5.47 15.26 -16.07
N TYR B 566 5.77 15.17 -14.77
CA TYR B 566 6.95 15.76 -14.14
C TYR B 566 8.24 15.47 -14.89
N LEU B 567 8.58 14.18 -15.07
CA LEU B 567 9.80 13.76 -15.71
C LEU B 567 9.82 14.09 -17.22
N GLU B 568 8.66 14.05 -17.89
CA GLU B 568 8.54 14.42 -19.29
C GLU B 568 8.84 15.92 -19.47
N LEU B 569 8.31 16.74 -18.58
CA LEU B 569 8.55 18.19 -18.60
C LEU B 569 9.98 18.53 -18.19
N LEU B 570 10.54 17.72 -17.30
CA LEU B 570 11.88 17.92 -16.83
C LEU B 570 12.84 17.70 -18.02
N LYS B 571 12.71 16.54 -18.69
CA LYS B 571 13.46 16.18 -19.89
C LYS B 571 13.34 17.20 -21.00
N ASP B 572 12.13 17.76 -21.18
CA ASP B 572 11.80 18.76 -22.18
C ASP B 572 12.54 20.08 -21.98
N SER B 573 12.68 20.48 -20.73
CA SER B 573 13.26 21.74 -20.30
C SER B 573 14.79 21.71 -20.33
N LEU B 574 15.35 20.50 -20.12
CA LEU B 574 16.77 20.18 -20.06
C LEU B 574 17.30 19.82 -21.44
N ASN B 575 16.41 19.60 -22.41
CA ASN B 575 16.72 19.10 -23.75
C ASN B 575 17.78 19.92 -24.48
N GLU B 576 17.57 21.26 -24.61
CA GLU B 576 18.49 22.17 -25.28
C GLU B 576 19.90 22.02 -24.74
N TYR B 577 20.02 21.85 -23.41
CA TYR B 577 21.29 21.68 -22.70
C TYR B 577 21.85 20.29 -22.91
N ALA B 578 21.04 19.25 -22.69
CA ALA B 578 21.43 17.84 -22.79
C ALA B 578 21.77 17.38 -24.21
N TYR B 579 21.22 18.05 -25.24
CA TYR B 579 21.48 17.66 -26.62
C TYR B 579 23.00 17.70 -26.97
N ALA B 580 23.71 18.76 -26.52
CA ALA B 580 25.17 18.90 -26.75
C ALA B 580 25.90 17.75 -26.08
N ALA B 581 25.44 17.34 -24.87
CA ALA B 581 26.03 16.24 -24.15
C ALA B 581 25.86 14.92 -24.92
N GLU B 582 24.67 14.67 -25.50
CA GLU B 582 24.32 13.47 -26.29
C GLU B 582 25.18 13.39 -27.58
N LEU B 583 25.35 14.54 -28.24
CA LEU B 583 26.20 14.63 -29.42
C LEU B 583 27.64 14.25 -29.03
N ALA B 584 28.05 14.64 -27.80
CA ALA B 584 29.37 14.36 -27.22
C ALA B 584 29.48 12.99 -26.53
N GLY B 585 28.57 12.05 -26.85
CA GLY B 585 28.61 10.71 -26.26
C GLY B 585 28.24 10.63 -24.78
N LEU B 586 27.51 11.62 -24.28
CA LEU B 586 27.07 11.59 -22.88
C LEU B 586 25.54 11.60 -22.91
N SER B 587 24.91 10.47 -22.57
CA SER B 587 23.45 10.43 -22.61
C SER B 587 22.79 10.06 -21.27
N TYR B 588 21.49 10.33 -21.14
CA TYR B 588 20.76 9.94 -19.95
C TYR B 588 19.35 9.48 -20.26
N ASP B 589 18.79 8.74 -19.29
CA ASP B 589 17.43 8.27 -19.33
C ASP B 589 16.82 8.56 -17.98
N LEU B 590 15.62 9.13 -18.00
CA LEU B 590 14.91 9.47 -16.79
C LEU B 590 13.43 9.12 -16.99
N GLN B 591 12.93 8.19 -16.17
CA GLN B 591 11.53 7.76 -16.27
C GLN B 591 10.89 7.42 -14.92
N ASN B 592 9.56 7.49 -14.83
CA ASN B 592 8.85 7.12 -13.62
C ASN B 592 8.69 5.61 -13.57
N THR B 593 8.59 5.07 -12.36
CA THR B 593 8.44 3.63 -12.15
C THR B 593 7.25 3.41 -11.23
N ILE B 594 6.95 2.13 -10.93
CA ILE B 594 5.85 1.77 -10.03
C ILE B 594 6.28 2.07 -8.59
N TYR B 595 7.58 2.44 -8.40
CA TYR B 595 8.14 2.74 -7.07
C TYR B 595 8.69 4.17 -6.84
N GLY B 596 8.83 4.95 -7.90
CA GLY B 596 9.44 6.27 -7.81
C GLY B 596 9.95 6.70 -9.16
N MET B 597 11.28 6.83 -9.33
CA MET B 597 11.94 7.30 -10.58
C MET B 597 13.19 6.55 -10.85
N TYR B 598 13.57 6.45 -12.12
CA TYR B 598 14.81 5.79 -12.51
C TYR B 598 15.60 6.77 -13.36
N LEU B 599 16.89 6.93 -13.04
CA LEU B 599 17.78 7.82 -13.76
C LEU B 599 19.02 7.06 -14.13
N SER B 600 19.48 7.19 -15.37
CA SER B 600 20.69 6.54 -15.83
C SER B 600 21.49 7.48 -16.69
N VAL B 601 22.76 7.64 -16.35
CA VAL B 601 23.69 8.49 -17.09
C VAL B 601 24.77 7.56 -17.61
N LYS B 602 24.93 7.51 -18.95
CA LYS B 602 25.88 6.63 -19.61
C LYS B 602 26.76 7.40 -20.59
N GLY B 603 27.98 6.94 -20.75
CA GLY B 603 28.92 7.51 -21.71
C GLY B 603 30.25 7.89 -21.13
N TYR B 604 30.94 8.88 -21.76
CA TYR B 604 32.27 9.34 -21.33
C TYR B 604 32.20 9.94 -19.95
N ASN B 605 32.99 9.40 -19.04
CA ASN B 605 33.01 9.79 -17.63
C ASN B 605 33.44 11.22 -17.38
N ASP B 606 34.24 11.77 -18.31
CA ASP B 606 34.86 13.09 -18.19
C ASP B 606 33.88 14.15 -17.69
N LYS B 607 32.86 14.47 -18.49
CA LYS B 607 31.94 15.55 -18.17
C LYS B 607 30.66 15.06 -17.50
N GLN B 608 30.62 13.75 -17.16
CA GLN B 608 29.51 13.04 -16.56
C GLN B 608 29.00 13.69 -15.29
N PRO B 609 29.87 14.07 -14.30
CA PRO B 609 29.34 14.70 -13.08
C PRO B 609 28.71 16.08 -13.34
N ILE B 610 29.18 16.81 -14.36
CA ILE B 610 28.55 18.10 -14.69
C ILE B 610 27.09 17.85 -15.17
N LEU B 611 26.87 16.83 -16.06
CA LEU B 611 25.53 16.53 -16.55
C LEU B 611 24.64 16.07 -15.41
N LEU B 612 25.10 15.08 -14.61
CA LEU B 612 24.38 14.57 -13.45
C LEU B 612 23.96 15.66 -12.45
N LYS B 613 24.91 16.54 -12.03
CA LYS B 613 24.61 17.65 -11.12
C LYS B 613 23.54 18.57 -11.72
N LYS B 614 23.64 18.89 -13.04
CA LYS B 614 22.61 19.71 -13.71
C LYS B 614 21.25 19.02 -13.62
N ILE B 615 21.21 17.67 -13.79
CA ILE B 615 19.96 16.90 -13.73
C ILE B 615 19.36 16.89 -12.31
N ILE B 616 20.19 16.56 -11.27
CA ILE B 616 19.69 16.53 -9.89
C ILE B 616 19.21 17.94 -9.48
N GLU B 617 19.99 18.99 -9.80
CA GLU B 617 19.62 20.39 -9.56
C GLU B 617 18.27 20.72 -10.18
N LYS B 618 18.11 20.48 -11.51
CA LYS B 618 16.88 20.76 -12.23
C LYS B 618 15.68 19.99 -11.68
N MET B 619 15.86 18.74 -11.21
CA MET B 619 14.77 17.94 -10.61
C MET B 619 14.09 18.72 -9.48
N ALA B 620 14.92 19.38 -8.65
CA ALA B 620 14.56 20.08 -7.42
C ALA B 620 14.19 21.55 -7.54
N THR B 621 14.63 22.23 -8.60
CA THR B 621 14.38 23.67 -8.77
C THR B 621 13.67 23.91 -10.07
N PHE B 622 13.03 22.85 -10.56
CA PHE B 622 12.30 22.81 -11.80
C PHE B 622 11.12 23.76 -11.77
N GLU B 623 11.10 24.66 -12.74
CA GLU B 623 10.02 25.60 -12.93
C GLU B 623 9.35 25.29 -14.26
N ILE B 624 8.08 24.88 -14.18
CA ILE B 624 7.26 24.45 -15.29
C ILE B 624 6.79 25.59 -16.17
N ASP B 625 6.89 25.38 -17.48
CA ASP B 625 6.40 26.26 -18.52
C ASP B 625 4.98 25.78 -18.77
N GLU B 626 3.99 26.64 -18.49
CA GLU B 626 2.58 26.27 -18.68
C GLU B 626 2.25 25.73 -20.08
N LYS B 627 2.73 26.41 -21.13
CA LYS B 627 2.45 26.04 -22.52
C LYS B 627 2.94 24.62 -22.81
N ARG B 628 4.17 24.30 -22.38
CA ARG B 628 4.74 22.96 -22.54
C ARG B 628 3.94 21.91 -21.75
N PHE B 629 3.52 22.24 -20.52
CA PHE B 629 2.71 21.35 -19.69
C PHE B 629 1.42 20.97 -20.42
N GLU B 630 0.69 21.95 -20.97
CA GLU B 630 -0.57 21.64 -21.69
C GLU B 630 -0.37 20.71 -22.90
N ILE B 631 0.72 20.95 -23.66
CA ILE B 631 1.13 20.19 -24.85
C ILE B 631 1.58 18.76 -24.46
N ILE B 632 2.39 18.64 -23.41
CA ILE B 632 2.85 17.32 -22.95
C ILE B 632 1.67 16.50 -22.40
N LYS B 633 0.75 17.15 -21.72
CA LYS B 633 -0.46 16.48 -21.18
C LYS B 633 -1.29 15.89 -22.33
N GLU B 634 -1.50 16.66 -23.40
CA GLU B 634 -2.25 16.24 -24.59
C GLU B 634 -1.54 15.07 -25.28
N ALA B 635 -0.20 15.14 -25.44
CA ALA B 635 0.56 14.04 -26.06
C ALA B 635 0.44 12.77 -25.18
N TYR B 636 0.43 12.93 -23.82
CA TYR B 636 0.30 11.78 -22.91
C TYR B 636 -1.11 11.15 -23.01
N MET B 637 -2.18 11.95 -23.11
CA MET B 637 -3.55 11.44 -23.30
C MET B 637 -3.60 10.57 -24.55
N ARG B 638 -3.08 11.10 -25.71
CA ARG B 638 -3.07 10.33 -26.97
C ARG B 638 -2.26 9.07 -26.84
N SER B 639 -1.10 9.13 -26.18
CA SER B 639 -0.22 7.98 -25.94
C SER B 639 -0.96 6.86 -25.16
N LEU B 640 -1.78 7.23 -24.18
CA LEU B 640 -2.57 6.26 -23.42
C LEU B 640 -3.64 5.61 -24.32
N ASN B 641 -4.26 6.42 -25.21
CA ASN B 641 -5.26 5.96 -26.17
C ASN B 641 -4.66 5.05 -27.21
N ASN B 642 -3.53 5.47 -27.81
CA ASN B 642 -2.78 4.75 -28.83
C ASN B 642 -2.40 3.30 -28.47
N PHE B 643 -2.55 2.92 -27.17
CA PHE B 643 -2.26 1.55 -26.72
C PHE B 643 -3.28 0.57 -27.33
N ARG B 644 -4.52 1.04 -27.61
CA ARG B 644 -5.58 0.29 -28.31
C ARG B 644 -5.10 -0.27 -29.67
N ALA B 645 -4.18 0.45 -30.33
CA ALA B 645 -3.60 0.12 -31.63
C ALA B 645 -2.35 -0.78 -31.51
N GLU B 646 -2.05 -1.27 -30.28
CA GLU B 646 -0.90 -2.18 -30.10
C GLU B 646 -1.33 -3.62 -30.38
N GLN B 647 -0.37 -4.48 -30.75
CA GLN B 647 -0.62 -5.90 -31.09
C GLN B 647 -1.37 -6.69 -30.02
N PRO B 648 -2.27 -7.62 -30.40
CA PRO B 648 -3.04 -8.39 -29.38
C PRO B 648 -2.24 -9.13 -28.32
N HIS B 649 -1.01 -9.62 -28.65
CA HIS B 649 -0.16 -10.30 -27.68
C HIS B 649 0.37 -9.31 -26.65
N GLN B 650 0.65 -8.06 -27.08
CA GLN B 650 1.11 -6.96 -26.23
C GLN B 650 0.01 -6.64 -25.23
N HIS B 651 -1.26 -6.63 -25.72
CA HIS B 651 -2.43 -6.44 -24.87
C HIS B 651 -2.53 -7.59 -23.87
N ALA B 652 -2.37 -8.85 -24.33
CA ALA B 652 -2.44 -10.02 -23.45
C ALA B 652 -1.41 -9.98 -22.34
N MET B 653 -0.20 -9.52 -22.67
CA MET B 653 0.88 -9.46 -21.68
C MET B 653 0.64 -8.32 -20.67
N TYR B 654 -0.07 -7.28 -21.11
CA TYR B 654 -0.40 -6.12 -20.31
C TYR B 654 -1.45 -6.50 -19.29
N TYR B 655 -2.53 -7.16 -19.75
CA TYR B 655 -3.61 -7.63 -18.89
C TYR B 655 -3.15 -8.61 -17.81
N LEU B 656 -2.14 -9.45 -18.10
CA LEU B 656 -1.61 -10.38 -17.10
C LEU B 656 -0.79 -9.67 -16.02
N ARG B 657 0.01 -8.64 -16.38
CA ARG B 657 0.76 -7.86 -15.40
C ARG B 657 -0.23 -7.14 -14.42
N LEU B 658 -1.35 -6.59 -14.94
CA LEU B 658 -2.39 -5.95 -14.11
C LEU B 658 -3.03 -6.95 -13.17
N LEU B 659 -3.29 -8.14 -13.65
CA LEU B 659 -3.96 -9.21 -12.92
C LEU B 659 -3.09 -9.81 -11.84
N MET B 660 -1.80 -9.98 -12.13
CA MET B 660 -0.90 -10.67 -11.22
C MET B 660 -0.09 -9.77 -10.25
N THR B 661 -0.11 -8.45 -10.43
CA THR B 661 0.63 -7.52 -9.56
C THR B 661 -0.32 -6.97 -8.53
N GLU B 662 0.08 -6.97 -7.24
CA GLU B 662 -0.68 -6.47 -6.10
C GLU B 662 -1.41 -5.12 -6.39
N VAL B 663 -0.65 -4.13 -6.84
CA VAL B 663 -1.18 -2.82 -7.23
C VAL B 663 -0.74 -2.57 -8.68
N ALA B 664 -1.69 -2.12 -9.54
CA ALA B 664 -1.44 -1.79 -10.95
C ALA B 664 -2.57 -0.95 -11.54
N TRP B 665 -2.28 0.34 -11.85
CA TRP B 665 -3.28 1.27 -12.39
C TRP B 665 -3.43 1.03 -13.89
N THR B 666 -4.68 0.91 -14.36
CA THR B 666 -4.96 0.63 -15.76
C THR B 666 -4.82 1.89 -16.60
N LYS B 667 -4.61 1.72 -17.93
CA LYS B 667 -4.54 2.81 -18.89
C LYS B 667 -5.83 3.59 -18.78
N ASP B 668 -6.98 2.89 -18.58
CA ASP B 668 -8.28 3.58 -18.40
C ASP B 668 -8.31 4.43 -17.13
N GLU B 669 -7.78 3.91 -16.01
CA GLU B 669 -7.73 4.69 -14.76
C GLU B 669 -6.79 5.88 -14.88
N LEU B 670 -5.67 5.69 -15.60
CA LEU B 670 -4.68 6.73 -15.80
C LEU B 670 -5.24 7.83 -16.66
N LYS B 671 -5.89 7.48 -17.80
CA LYS B 671 -6.46 8.54 -18.66
C LYS B 671 -7.65 9.22 -17.98
N GLU B 672 -8.38 8.50 -17.13
CA GLU B 672 -9.50 9.09 -16.38
C GLU B 672 -9.02 10.14 -15.33
N ALA B 673 -7.88 9.88 -14.63
CA ALA B 673 -7.36 10.82 -13.64
C ALA B 673 -6.60 12.00 -14.27
N LEU B 674 -6.16 11.86 -15.53
CA LEU B 674 -5.34 12.84 -16.26
C LEU B 674 -5.98 14.24 -16.35
N ASP B 675 -7.31 14.30 -16.47
CA ASP B 675 -8.03 15.57 -16.53
C ASP B 675 -7.91 16.35 -15.24
N ASP B 676 -7.67 15.66 -14.12
CA ASP B 676 -7.50 16.29 -12.83
C ASP B 676 -6.06 16.77 -12.59
N VAL B 677 -5.16 16.54 -13.54
CA VAL B 677 -3.82 17.05 -13.38
C VAL B 677 -3.83 18.51 -13.83
N THR B 678 -3.92 19.43 -12.85
CA THR B 678 -3.88 20.84 -13.19
C THR B 678 -2.43 21.23 -12.90
N LEU B 679 -1.99 22.39 -13.41
CA LEU B 679 -0.65 22.90 -13.15
C LEU B 679 -0.38 23.16 -11.64
N PRO B 680 -1.28 23.83 -10.86
CA PRO B 680 -1.02 24.03 -9.41
C PRO B 680 -0.86 22.70 -8.64
N ARG B 681 -1.55 21.64 -9.09
CA ARG B 681 -1.47 20.30 -8.49
C ARG B 681 -0.12 19.67 -8.80
N LEU B 682 0.39 19.88 -10.03
CA LEU B 682 1.70 19.36 -10.40
C LEU B 682 2.79 20.09 -9.60
N LYS B 683 2.73 21.44 -9.56
CA LYS B 683 3.65 22.28 -8.79
C LYS B 683 3.69 21.84 -7.32
N ALA B 684 2.53 21.45 -6.74
CA ALA B 684 2.46 20.96 -5.35
C ALA B 684 3.03 19.55 -5.26
N PHE B 685 2.76 18.68 -6.26
CA PHE B 685 3.26 17.30 -6.26
C PHE B 685 4.79 17.15 -6.18
N ILE B 686 5.53 17.98 -6.92
CA ILE B 686 6.99 17.79 -7.07
C ILE B 686 7.73 17.88 -5.71
N PRO B 687 7.58 18.98 -4.90
CA PRO B 687 8.21 19.00 -3.58
C PRO B 687 7.78 17.82 -2.70
N GLN B 688 6.48 17.42 -2.77
CA GLN B 688 5.95 16.28 -2.00
C GLN B 688 6.68 14.99 -2.43
N LEU B 689 6.81 14.78 -3.76
CA LEU B 689 7.53 13.59 -4.21
C LEU B 689 9.01 13.56 -3.70
N LEU B 690 9.72 14.68 -3.82
CA LEU B 690 11.14 14.72 -3.41
C LEU B 690 11.37 14.97 -1.93
N SER B 691 10.28 15.11 -1.12
CA SER B 691 10.40 15.41 0.31
C SER B 691 11.02 14.31 1.11
N ARG B 692 10.78 13.03 0.73
CA ARG B 692 11.30 11.81 1.40
C ARG B 692 11.68 10.77 0.33
N LEU B 693 12.96 10.45 0.23
CA LEU B 693 13.43 9.50 -0.77
C LEU B 693 14.38 8.52 -0.19
N HIS B 694 14.51 7.40 -0.92
CA HIS B 694 15.54 6.40 -0.73
C HIS B 694 16.15 6.26 -2.15
N ILE B 695 17.48 6.22 -2.24
CA ILE B 695 18.21 6.09 -3.49
C ILE B 695 19.00 4.77 -3.52
N GLU B 696 18.77 3.93 -4.52
CA GLU B 696 19.59 2.73 -4.66
C GLU B 696 20.38 2.91 -5.95
N ALA B 697 21.70 2.87 -5.88
CA ALA B 697 22.48 3.14 -7.09
C ALA B 697 23.46 2.09 -7.45
N LEU B 698 23.84 2.11 -8.74
CA LEU B 698 24.87 1.28 -9.32
C LEU B 698 25.83 2.17 -10.10
N LEU B 699 27.09 2.24 -9.65
CA LEU B 699 28.03 3.07 -10.39
C LEU B 699 29.09 2.11 -10.87
N HIS B 700 29.10 1.86 -12.20
CA HIS B 700 29.98 0.91 -12.83
C HIS B 700 30.79 1.51 -13.98
N GLY B 701 32.12 1.39 -13.89
CA GLY B 701 32.96 1.89 -14.97
C GLY B 701 34.34 2.39 -14.61
N ASN B 702 34.80 3.38 -15.40
CA ASN B 702 36.11 3.98 -15.25
C ASN B 702 36.07 5.01 -14.13
N ILE B 703 35.93 4.50 -12.90
CA ILE B 703 35.82 5.32 -11.69
C ILE B 703 36.38 4.60 -10.50
N THR B 704 36.89 5.36 -9.51
CA THR B 704 37.40 4.77 -8.27
C THR B 704 36.27 4.68 -7.22
N LYS B 705 36.55 3.97 -6.10
CA LYS B 705 35.65 3.83 -4.96
C LYS B 705 35.33 5.20 -4.37
N GLN B 706 36.35 6.08 -4.25
CA GLN B 706 36.20 7.43 -3.72
C GLN B 706 35.35 8.27 -4.64
N ALA B 707 35.61 8.23 -5.96
CA ALA B 707 34.81 9.00 -6.94
C ALA B 707 33.33 8.56 -6.88
N ALA B 708 33.09 7.26 -6.72
CA ALA B 708 31.75 6.72 -6.61
C ALA B 708 31.03 7.32 -5.39
N LEU B 709 31.72 7.35 -4.23
CA LEU B 709 31.17 7.92 -2.99
C LEU B 709 30.87 9.41 -3.16
N GLY B 710 31.77 10.12 -3.85
CA GLY B 710 31.67 11.54 -4.17
C GLY B 710 30.48 11.83 -5.07
N ILE B 711 30.18 10.93 -6.04
CA ILE B 711 29.03 11.07 -6.94
C ILE B 711 27.70 10.95 -6.12
N MET B 712 27.57 9.86 -5.36
CA MET B 712 26.40 9.58 -4.53
C MET B 712 26.08 10.71 -3.55
N GLN B 713 27.14 11.25 -2.91
CA GLN B 713 27.13 12.30 -1.91
C GLN B 713 26.66 13.58 -2.58
N MET B 714 27.12 13.83 -3.78
CA MET B 714 26.69 15.00 -4.57
C MET B 714 25.16 14.90 -4.92
N VAL B 715 24.65 13.70 -5.20
CA VAL B 715 23.23 13.55 -5.56
C VAL B 715 22.39 13.79 -4.28
N GLU B 716 22.81 13.18 -3.14
CA GLU B 716 22.10 13.38 -1.86
C GLU B 716 22.14 14.82 -1.45
N ASP B 717 23.34 15.44 -1.50
CA ASP B 717 23.50 16.82 -1.06
C ASP B 717 22.70 17.79 -1.88
N THR B 718 22.60 17.58 -3.21
CA THR B 718 21.83 18.46 -4.10
C THR B 718 20.35 18.39 -3.81
N LEU B 719 19.85 17.20 -3.48
CA LEU B 719 18.44 16.99 -3.17
C LEU B 719 18.12 17.58 -1.82
N ILE B 720 19.00 17.32 -0.81
CA ILE B 720 18.84 17.83 0.54
C ILE B 720 18.82 19.38 0.50
N GLU B 721 19.74 19.97 -0.23
CA GLU B 721 19.82 21.44 -0.35
C GLU B 721 18.56 22.06 -0.95
N HIS B 722 18.24 21.73 -2.19
CA HIS B 722 17.14 22.29 -2.95
C HIS B 722 15.72 21.74 -2.69
N ALA B 723 15.58 20.45 -2.32
CA ALA B 723 14.26 19.84 -2.11
C ALA B 723 13.99 19.46 -0.64
N HIS B 724 15.00 19.65 0.25
CA HIS B 724 14.92 19.37 1.70
C HIS B 724 14.58 17.90 1.95
N THR B 725 15.08 17.03 1.07
CA THR B 725 14.87 15.59 1.12
C THR B 725 15.33 14.99 2.45
N LYS B 726 14.53 14.10 2.99
CA LYS B 726 14.82 13.37 4.21
C LYS B 726 14.75 11.88 3.87
N PRO B 727 15.40 10.96 4.60
CA PRO B 727 15.28 9.56 4.22
C PRO B 727 13.87 9.02 4.47
N LEU B 728 13.44 7.99 3.74
CA LEU B 728 12.17 7.32 4.03
C LEU B 728 12.47 6.34 5.17
N LEU B 729 11.42 5.80 5.80
CA LEU B 729 11.60 4.78 6.82
C LEU B 729 11.80 3.38 6.14
N PRO B 730 12.57 2.44 6.73
CA PRO B 730 12.70 1.10 6.12
C PRO B 730 11.33 0.45 5.89
N SER B 731 10.38 0.67 6.80
CA SER B 731 9.00 0.15 6.73
C SER B 731 8.22 0.71 5.52
N GLN B 732 8.64 1.88 5.02
CA GLN B 732 8.02 2.48 3.85
C GLN B 732 8.51 1.87 2.54
N LEU B 733 9.63 1.15 2.57
CA LEU B 733 10.22 0.55 1.35
C LEU B 733 9.58 -0.80 1.03
N VAL B 734 8.36 -0.74 0.53
CA VAL B 734 7.54 -1.91 0.19
C VAL B 734 7.54 -2.18 -1.30
N ARG B 735 7.65 -3.43 -1.68
CA ARG B 735 7.62 -3.86 -3.08
C ARG B 735 6.34 -4.67 -3.27
N TYR B 736 5.74 -4.60 -4.47
CA TYR B 736 4.49 -5.33 -4.72
C TYR B 736 4.75 -6.81 -4.87
N ARG B 737 3.77 -7.61 -4.45
CA ARG B 737 3.87 -9.06 -4.45
C ARG B 737 3.10 -9.62 -5.64
N GLU B 738 3.38 -10.91 -5.99
CA GLU B 738 2.61 -11.59 -7.04
C GLU B 738 1.42 -12.29 -6.35
N VAL B 739 0.28 -12.32 -7.08
CA VAL B 739 -0.94 -12.98 -6.67
C VAL B 739 -0.67 -14.49 -6.64
N GLN B 740 -0.95 -15.13 -5.49
CA GLN B 740 -0.75 -16.57 -5.32
C GLN B 740 -1.94 -17.36 -5.80
N LEU B 741 -1.78 -18.09 -6.89
CA LEU B 741 -2.86 -18.89 -7.47
C LEU B 741 -3.13 -20.18 -6.67
N PRO B 742 -4.40 -20.63 -6.62
CA PRO B 742 -4.69 -21.87 -5.88
C PRO B 742 -4.28 -23.12 -6.64
N ASP B 743 -3.95 -24.20 -5.90
CA ASP B 743 -3.58 -25.50 -6.48
C ASP B 743 -4.73 -26.01 -7.34
N ARG B 744 -4.39 -26.50 -8.56
CA ARG B 744 -5.32 -27.08 -9.56
C ARG B 744 -6.34 -26.08 -10.12
N GLY B 745 -6.06 -24.78 -9.94
CA GLY B 745 -6.94 -23.71 -10.40
C GLY B 745 -6.62 -23.20 -11.78
N TRP B 746 -7.65 -22.83 -12.52
CA TRP B 746 -7.50 -22.25 -13.84
C TRP B 746 -8.41 -21.07 -13.97
N PHE B 747 -7.83 -19.93 -14.30
CA PHE B 747 -8.52 -18.66 -14.48
C PHE B 747 -8.24 -18.12 -15.85
N VAL B 748 -9.25 -17.55 -16.44
CA VAL B 748 -9.18 -16.93 -17.75
C VAL B 748 -9.68 -15.50 -17.62
N TYR B 749 -8.96 -14.56 -18.25
CA TYR B 749 -9.41 -13.19 -18.36
C TYR B 749 -9.52 -12.87 -19.86
N GLN B 750 -10.70 -12.48 -20.32
CA GLN B 750 -10.89 -12.22 -21.74
C GLN B 750 -11.20 -10.76 -22.08
N GLN B 751 -10.53 -10.23 -23.11
CA GLN B 751 -10.75 -8.90 -23.68
C GLN B 751 -10.67 -8.97 -25.22
N ARG B 752 -10.98 -7.86 -25.90
CA ARG B 752 -10.94 -7.76 -27.36
C ARG B 752 -9.98 -6.67 -27.84
N ASN B 753 -9.20 -6.95 -28.89
CA ASN B 753 -8.39 -5.93 -29.54
C ASN B 753 -9.28 -5.40 -30.67
N GLU B 754 -9.62 -4.11 -30.61
CA GLU B 754 -10.49 -3.43 -31.57
C GLU B 754 -9.82 -2.99 -32.87
N VAL B 755 -8.48 -3.13 -32.97
CA VAL B 755 -7.73 -2.67 -34.13
C VAL B 755 -7.23 -3.82 -35.03
N HIS B 756 -6.60 -4.84 -34.44
CA HIS B 756 -6.02 -5.95 -35.18
C HIS B 756 -6.95 -7.13 -35.31
N ASN B 757 -6.93 -7.79 -36.48
CA ASN B 757 -7.73 -8.99 -36.72
C ASN B 757 -6.88 -10.25 -36.54
N ASN B 758 -6.24 -10.31 -35.39
CA ASN B 758 -5.42 -11.41 -34.91
C ASN B 758 -5.70 -11.56 -33.40
N SER B 759 -5.57 -12.77 -32.90
CA SER B 759 -5.78 -13.08 -31.50
C SER B 759 -4.45 -12.98 -30.76
N GLY B 760 -4.52 -12.72 -29.46
CA GLY B 760 -3.37 -12.63 -28.57
C GLY B 760 -3.61 -13.45 -27.32
N ILE B 761 -2.61 -14.20 -26.90
CA ILE B 761 -2.74 -15.04 -25.71
C ILE B 761 -1.45 -15.09 -24.91
N GLU B 762 -1.59 -15.18 -23.60
CA GLU B 762 -0.50 -15.44 -22.67
C GLU B 762 -1.03 -16.47 -21.71
N ILE B 763 -0.34 -17.60 -21.62
CA ILE B 763 -0.69 -18.70 -20.71
C ILE B 763 0.43 -18.78 -19.71
N TYR B 764 0.10 -18.66 -18.43
CA TYR B 764 1.06 -18.68 -17.35
C TYR B 764 0.79 -19.83 -16.41
N TYR B 765 1.79 -20.73 -16.28
CA TYR B 765 1.78 -21.85 -15.33
C TYR B 765 2.69 -21.40 -14.23
N GLN B 766 2.11 -20.72 -13.24
CA GLN B 766 2.83 -20.20 -12.09
C GLN B 766 3.43 -21.37 -11.35
N THR B 767 4.74 -21.32 -11.14
CA THR B 767 5.36 -22.41 -10.41
C THR B 767 5.44 -22.07 -8.93
N ASP B 768 6.53 -21.47 -8.52
CA ASP B 768 6.81 -21.14 -7.14
C ASP B 768 7.69 -19.90 -7.07
N MET B 769 8.10 -19.54 -5.86
CA MET B 769 9.02 -18.47 -5.53
C MET B 769 10.41 -18.88 -6.05
N GLN B 770 11.17 -17.92 -6.55
CA GLN B 770 12.53 -18.12 -7.06
C GLN B 770 13.48 -18.61 -5.97
N SER B 771 14.27 -19.63 -6.30
CA SER B 771 15.33 -20.29 -5.52
C SER B 771 16.23 -20.99 -6.55
N THR B 772 17.48 -21.36 -6.18
CA THR B 772 18.42 -21.98 -7.13
C THR B 772 17.81 -23.19 -7.82
N SER B 773 17.18 -24.07 -7.04
CA SER B 773 16.53 -25.29 -7.49
C SER B 773 15.34 -25.02 -8.42
N GLU B 774 14.37 -24.22 -7.94
CA GLU B 774 13.17 -23.88 -8.73
C GLU B 774 13.52 -23.15 -10.02
N ASN B 775 14.56 -22.31 -9.99
CA ASN B 775 15.02 -21.57 -11.17
C ASN B 775 15.52 -22.51 -12.28
N MET B 776 16.40 -23.45 -11.93
CA MET B 776 16.98 -24.35 -12.92
C MET B 776 15.99 -25.47 -13.36
N PHE B 777 15.04 -25.91 -12.50
CA PHE B 777 13.99 -26.85 -12.93
C PHE B 777 13.25 -26.20 -14.10
N LEU B 778 12.79 -24.96 -13.87
CA LEU B 778 12.07 -24.15 -14.86
C LEU B 778 12.92 -23.82 -16.08
N GLU B 779 14.20 -23.44 -15.88
CA GLU B 779 15.09 -23.06 -16.99
C GLU B 779 15.47 -24.25 -17.89
N LEU B 780 15.69 -25.44 -17.26
CA LEU B 780 16.01 -26.65 -18.02
C LEU B 780 14.76 -27.16 -18.75
N PHE B 781 13.57 -27.16 -18.09
CA PHE B 781 12.33 -27.54 -18.77
C PHE B 781 12.09 -26.57 -19.92
N ALA B 782 12.38 -25.26 -19.72
CA ALA B 782 12.23 -24.29 -20.81
C ALA B 782 13.24 -24.58 -21.92
N GLN B 783 14.50 -24.95 -21.58
CA GLN B 783 15.54 -25.31 -22.58
C GLN B 783 15.06 -26.51 -23.41
N ILE B 784 14.66 -27.61 -22.75
CA ILE B 784 14.14 -28.82 -23.41
C ILE B 784 13.00 -28.52 -24.43
N ILE B 785 11.96 -27.81 -23.99
CA ILE B 785 10.79 -27.54 -24.85
C ILE B 785 10.99 -26.34 -25.80
N SER B 786 12.12 -25.61 -25.68
CA SER B 786 12.33 -24.42 -26.49
C SER B 786 12.23 -24.66 -27.99
N GLU B 787 13.21 -25.39 -28.61
CA GLU B 787 13.18 -25.74 -30.05
C GLU B 787 11.86 -26.50 -30.43
N PRO B 788 11.44 -27.57 -29.69
CA PRO B 788 10.20 -28.25 -30.06
C PRO B 788 8.93 -27.40 -30.14
N ALA B 789 8.71 -26.45 -29.19
CA ALA B 789 7.54 -25.56 -29.21
C ALA B 789 7.50 -24.74 -30.48
N PHE B 790 8.67 -24.28 -30.95
CA PHE B 790 8.79 -23.52 -32.18
C PHE B 790 8.51 -24.43 -33.41
N ASN B 791 9.09 -25.64 -33.41
CA ASN B 791 8.95 -26.62 -34.50
C ASN B 791 7.51 -27.17 -34.62
N THR B 792 6.88 -27.50 -33.49
CA THR B 792 5.52 -28.02 -33.44
C THR B 792 4.49 -26.91 -33.66
N LEU B 793 4.35 -25.99 -32.68
CA LEU B 793 3.35 -24.93 -32.69
C LEU B 793 3.49 -23.90 -33.82
N ARG B 794 4.73 -23.60 -34.27
CA ARG B 794 4.91 -22.62 -35.35
C ARG B 794 5.17 -23.25 -36.74
N THR B 795 6.20 -24.12 -36.86
CA THR B 795 6.60 -24.73 -38.12
C THR B 795 5.55 -25.72 -38.64
N LYS B 796 5.14 -26.70 -37.83
CA LYS B 796 4.19 -27.74 -38.20
C LYS B 796 2.72 -27.29 -38.15
N GLU B 797 2.25 -26.84 -36.98
CA GLU B 797 0.86 -26.46 -36.71
C GLU B 797 0.42 -25.12 -37.31
N GLN B 798 1.39 -24.26 -37.70
CA GLN B 798 1.19 -22.94 -38.35
C GLN B 798 0.29 -21.96 -37.57
N LEU B 799 0.24 -22.10 -36.23
CA LEU B 799 -0.62 -21.30 -35.36
C LEU B 799 -0.53 -19.79 -35.64
N GLY B 800 0.69 -19.23 -35.64
CA GLY B 800 0.88 -17.81 -35.93
C GLY B 800 2.33 -17.37 -35.98
N TYR B 801 2.55 -16.09 -36.38
CA TYR B 801 3.87 -15.46 -36.51
C TYR B 801 4.62 -15.40 -35.16
N ILE B 802 3.89 -15.14 -34.06
CA ILE B 802 4.46 -15.09 -32.70
C ILE B 802 4.10 -16.40 -31.96
N VAL B 803 5.12 -17.23 -31.70
CA VAL B 803 5.01 -18.44 -30.90
C VAL B 803 6.19 -18.36 -29.96
N PHE B 804 5.88 -18.09 -28.71
CA PHE B 804 6.91 -17.94 -27.70
C PHE B 804 6.63 -18.80 -26.49
N SER B 805 7.69 -19.34 -25.91
CA SER B 805 7.63 -20.09 -24.69
C SER B 805 8.86 -19.72 -23.89
N GLY B 806 8.79 -19.88 -22.57
CA GLY B 806 9.91 -19.59 -21.70
C GLY B 806 9.52 -19.27 -20.27
N PRO B 807 10.53 -19.08 -19.40
CA PRO B 807 10.23 -18.72 -18.01
C PRO B 807 9.74 -17.27 -17.91
N ARG B 808 8.78 -17.03 -17.01
CA ARG B 808 8.23 -15.72 -16.70
C ARG B 808 8.62 -15.45 -15.26
N ARG B 809 9.22 -14.28 -14.98
CA ARG B 809 9.66 -13.86 -13.65
C ARG B 809 9.11 -12.47 -13.33
N ALA B 810 8.54 -12.35 -12.12
CA ALA B 810 7.99 -11.10 -11.60
C ALA B 810 7.86 -11.18 -10.08
N ASN B 811 8.28 -10.11 -9.41
CA ASN B 811 8.10 -9.88 -7.97
C ASN B 811 8.51 -11.06 -7.11
N GLY B 812 9.60 -11.69 -7.52
CA GLY B 812 10.19 -12.84 -6.83
C GLY B 812 9.59 -14.18 -7.17
N ILE B 813 8.54 -14.16 -7.99
CA ILE B 813 7.80 -15.36 -8.38
C ILE B 813 8.07 -15.72 -9.84
N GLN B 814 7.90 -16.99 -10.16
CA GLN B 814 8.14 -17.48 -11.51
C GLN B 814 7.16 -18.53 -11.95
N GLY B 815 7.29 -18.88 -13.21
CA GLY B 815 6.50 -19.91 -13.85
C GLY B 815 6.86 -20.02 -15.31
N LEU B 816 6.09 -20.83 -16.04
CA LEU B 816 6.30 -21.02 -17.45
C LEU B 816 5.22 -20.31 -18.23
N ARG B 817 5.61 -19.64 -19.29
CA ARG B 817 4.62 -18.99 -20.12
C ARG B 817 4.72 -19.37 -21.58
N PHE B 818 3.60 -19.19 -22.29
CA PHE B 818 3.45 -19.34 -23.72
C PHE B 818 2.78 -18.06 -24.17
N ILE B 819 3.30 -17.41 -25.22
CA ILE B 819 2.71 -16.21 -25.82
C ILE B 819 2.52 -16.47 -27.32
N ILE B 820 1.28 -16.35 -27.79
CA ILE B 820 0.94 -16.60 -29.17
C ILE B 820 0.02 -15.51 -29.73
N GLN B 821 0.32 -15.08 -30.97
CA GLN B 821 -0.48 -14.17 -31.77
C GLN B 821 -0.82 -14.98 -33.04
N SER B 822 -2.10 -15.31 -33.18
CA SER B 822 -2.62 -16.19 -34.23
C SER B 822 -3.92 -15.69 -34.84
N GLU B 823 -4.28 -16.23 -36.02
CA GLU B 823 -5.54 -15.92 -36.69
C GLU B 823 -6.65 -16.73 -36.02
N LYS B 824 -6.28 -17.88 -35.42
CA LYS B 824 -7.14 -18.85 -34.74
C LYS B 824 -7.60 -18.38 -33.36
N PRO B 825 -8.76 -18.89 -32.83
CA PRO B 825 -9.28 -18.41 -31.54
C PRO B 825 -8.45 -18.79 -30.31
N PRO B 826 -8.56 -18.05 -29.18
CA PRO B 826 -7.73 -18.39 -28.00
C PRO B 826 -7.98 -19.76 -27.39
N HIS B 827 -9.26 -20.20 -27.29
CA HIS B 827 -9.59 -21.53 -26.76
C HIS B 827 -8.93 -22.66 -27.57
N TYR B 828 -8.73 -22.44 -28.89
CA TYR B 828 -8.07 -23.40 -29.78
C TYR B 828 -6.58 -23.48 -29.47
N LEU B 829 -5.90 -22.32 -29.32
CA LEU B 829 -4.48 -22.23 -28.98
C LEU B 829 -4.22 -22.89 -27.63
N GLU B 830 -5.21 -22.81 -26.72
CA GLU B 830 -5.16 -23.42 -25.40
C GLU B 830 -4.99 -24.92 -25.51
N SER B 831 -5.83 -25.57 -26.35
CA SER B 831 -5.79 -27.02 -26.56
C SER B 831 -4.50 -27.45 -27.30
N ARG B 832 -4.01 -26.60 -28.22
CA ARG B 832 -2.78 -26.89 -28.96
C ARG B 832 -1.54 -26.85 -28.08
N VAL B 833 -1.46 -25.86 -27.16
CA VAL B 833 -0.35 -25.75 -26.21
C VAL B 833 -0.40 -26.98 -25.27
N GLU B 834 -1.61 -27.36 -24.85
CA GLU B 834 -1.83 -28.49 -23.97
C GLU B 834 -1.47 -29.81 -24.62
N ALA B 835 -1.76 -29.93 -25.93
CA ALA B 835 -1.42 -31.10 -26.77
C ALA B 835 0.11 -31.27 -26.76
N PHE B 836 0.84 -30.15 -26.96
CA PHE B 836 2.31 -30.09 -26.94
C PHE B 836 2.89 -30.50 -25.59
N LEU B 837 2.24 -30.08 -24.48
CA LEU B 837 2.73 -30.40 -23.12
C LEU B 837 2.81 -31.89 -22.89
N ILE B 838 1.80 -32.64 -23.37
CA ILE B 838 1.76 -34.10 -23.30
C ILE B 838 2.82 -34.70 -24.25
N THR B 839 2.93 -34.17 -25.49
CA THR B 839 3.91 -34.52 -26.52
C THR B 839 5.35 -34.42 -25.95
N MET B 840 5.58 -33.51 -24.99
CA MET B 840 6.90 -33.33 -24.35
C MET B 840 7.12 -34.25 -23.18
N GLU B 841 6.03 -34.69 -22.53
CA GLU B 841 6.05 -35.62 -21.40
C GLU B 841 6.67 -36.93 -21.91
N LYS B 842 6.25 -37.34 -23.12
CA LYS B 842 6.73 -38.51 -23.85
C LYS B 842 8.20 -38.28 -24.23
N SER B 843 8.45 -37.19 -25.01
CA SER B 843 9.73 -36.75 -25.56
C SER B 843 10.86 -36.64 -24.51
N ILE B 844 10.50 -36.40 -23.22
CA ILE B 844 11.51 -36.34 -22.16
C ILE B 844 11.83 -37.78 -21.69
N GLU B 845 10.79 -38.62 -21.49
CA GLU B 845 10.96 -40.04 -21.07
C GLU B 845 11.76 -40.87 -22.10
N ASP B 846 11.62 -40.52 -23.40
CA ASP B 846 12.24 -41.19 -24.53
C ASP B 846 13.62 -40.65 -24.94
N MET B 847 14.00 -39.41 -24.57
CA MET B 847 15.31 -38.89 -25.00
C MET B 847 16.47 -39.61 -24.32
N THR B 848 17.62 -39.64 -25.01
CA THR B 848 18.85 -40.29 -24.54
C THR B 848 19.54 -39.39 -23.51
N GLU B 849 20.35 -39.98 -22.59
CA GLU B 849 21.12 -39.23 -21.60
C GLU B 849 22.08 -38.22 -22.29
N GLU B 850 22.61 -38.60 -23.47
CA GLU B 850 23.49 -37.78 -24.30
C GLU B 850 22.72 -36.52 -24.77
N ALA B 851 21.44 -36.71 -25.18
CA ALA B 851 20.56 -35.66 -25.66
C ALA B 851 20.18 -34.74 -24.50
N PHE B 852 19.93 -35.34 -23.33
CA PHE B 852 19.57 -34.62 -22.11
C PHE B 852 20.73 -33.71 -21.69
N GLN B 853 21.95 -34.27 -21.60
CA GLN B 853 23.17 -33.56 -21.25
C GLN B 853 23.50 -32.42 -22.25
N LYS B 854 23.03 -32.54 -23.52
CA LYS B 854 23.22 -31.51 -24.56
C LYS B 854 22.38 -30.26 -24.23
N HIS B 855 21.22 -30.44 -23.56
CA HIS B 855 20.33 -29.35 -23.14
C HIS B 855 20.96 -28.60 -21.98
N ILE B 856 21.49 -29.33 -20.97
CA ILE B 856 22.20 -28.77 -19.81
C ILE B 856 23.37 -27.90 -20.30
N GLN B 857 24.16 -28.42 -21.27
CA GLN B 857 25.31 -27.74 -21.87
C GLN B 857 24.88 -26.49 -22.63
N ALA B 858 23.79 -26.58 -23.43
CA ALA B 858 23.23 -25.47 -24.21
C ALA B 858 22.71 -24.34 -23.31
N LEU B 859 22.18 -24.69 -22.12
CA LEU B 859 21.70 -23.69 -21.17
C LEU B 859 22.86 -23.03 -20.46
N ALA B 860 23.80 -23.85 -19.93
CA ALA B 860 25.02 -23.38 -19.27
C ALA B 860 25.79 -22.39 -20.16
N ILE B 861 25.87 -22.65 -21.48
CA ILE B 861 26.55 -21.78 -22.43
C ILE B 861 25.84 -20.44 -22.57
N ARG B 862 24.50 -20.47 -22.70
CA ARG B 862 23.66 -19.27 -22.81
C ARG B 862 23.82 -18.45 -21.55
N ARG B 863 23.68 -19.10 -20.39
CA ARG B 863 23.78 -18.47 -19.08
C ARG B 863 25.15 -17.86 -18.80
N LEU B 864 26.22 -18.37 -19.45
CA LEU B 864 27.56 -17.86 -19.18
C LEU B 864 28.07 -16.92 -20.27
N ASP B 865 27.19 -16.60 -21.25
CA ASP B 865 27.45 -15.65 -22.33
C ASP B 865 28.02 -14.38 -21.71
N LYS B 866 29.27 -14.07 -22.05
CA LYS B 866 29.99 -12.95 -21.46
C LYS B 866 29.67 -11.60 -22.13
N PRO B 867 29.35 -10.55 -21.34
CA PRO B 867 29.03 -9.24 -21.95
C PRO B 867 30.19 -8.73 -22.81
N LYS B 868 29.89 -8.12 -23.96
CA LYS B 868 30.91 -7.60 -24.88
C LYS B 868 31.18 -6.12 -24.63
N LYS B 869 30.24 -5.42 -23.98
CA LYS B 869 30.35 -4.01 -23.62
C LYS B 869 29.97 -3.77 -22.15
N LEU B 870 30.36 -2.60 -21.59
CA LEU B 870 30.10 -2.20 -20.20
C LEU B 870 28.58 -2.16 -19.93
N SER B 871 27.80 -1.58 -20.85
CA SER B 871 26.34 -1.48 -20.67
C SER B 871 25.68 -2.82 -20.45
N ALA B 872 26.11 -3.84 -21.22
CA ALA B 872 25.57 -5.20 -21.10
C ALA B 872 25.87 -5.81 -19.72
N GLU B 873 27.06 -5.47 -19.13
CA GLU B 873 27.45 -5.96 -17.80
C GLU B 873 26.71 -5.21 -16.71
N SER B 874 26.62 -3.86 -16.84
CA SER B 874 25.91 -3.00 -15.87
C SER B 874 24.44 -3.49 -15.78
N ALA B 875 23.80 -3.80 -16.92
CA ALA B 875 22.39 -4.26 -17.02
C ALA B 875 22.15 -5.55 -16.25
N LYS B 876 23.12 -6.44 -16.29
CA LYS B 876 23.09 -7.70 -15.56
C LYS B 876 23.20 -7.41 -14.08
N TYR B 877 24.07 -6.46 -13.68
CA TYR B 877 24.16 -6.13 -12.27
C TYR B 877 22.89 -5.44 -11.78
N TRP B 878 22.33 -4.53 -12.63
CA TRP B 878 21.13 -3.77 -12.35
C TRP B 878 19.90 -4.65 -12.16
N GLY B 879 19.81 -5.73 -12.93
CA GLY B 879 18.75 -6.73 -12.85
C GLY B 879 18.67 -7.33 -11.47
N GLU B 880 19.85 -7.65 -10.89
CA GLU B 880 20.02 -8.19 -9.53
C GLU B 880 19.65 -7.18 -8.43
N ILE B 881 19.80 -5.90 -8.76
CA ILE B 881 19.52 -4.81 -7.86
C ILE B 881 18.03 -4.47 -7.87
N ILE B 882 17.41 -4.30 -9.07
CA ILE B 882 15.98 -3.98 -9.19
C ILE B 882 15.08 -5.09 -8.65
N SER B 883 15.55 -6.34 -8.61
CA SER B 883 14.74 -7.44 -8.05
C SER B 883 15.02 -7.59 -6.54
N GLN B 884 16.03 -6.86 -6.02
CA GLN B 884 16.53 -6.90 -4.65
C GLN B 884 17.08 -8.27 -4.28
N GLN B 885 17.66 -8.99 -5.27
CA GLN B 885 18.20 -10.33 -5.02
C GLN B 885 19.70 -10.26 -4.80
N TYR B 886 20.40 -9.33 -5.51
CA TYR B 886 21.84 -9.05 -5.37
C TYR B 886 22.73 -10.31 -5.50
N ASN B 887 22.29 -11.27 -6.32
CA ASN B 887 23.03 -12.50 -6.56
C ASN B 887 23.91 -12.27 -7.83
N PHE B 888 25.06 -11.59 -7.64
CA PHE B 888 25.97 -11.24 -8.74
C PHE B 888 26.72 -12.40 -9.33
N ASP B 889 26.93 -13.42 -8.52
CA ASP B 889 27.60 -14.67 -8.90
C ASP B 889 26.57 -15.74 -9.28
N ARG B 890 25.27 -15.36 -9.42
CA ARG B 890 24.15 -16.23 -9.79
C ARG B 890 24.49 -17.25 -10.89
N ASP B 891 24.89 -16.77 -12.09
CA ASP B 891 25.23 -17.58 -13.27
C ASP B 891 26.11 -18.77 -12.92
N ASN B 892 27.23 -18.52 -12.22
CA ASN B 892 28.15 -19.58 -11.80
C ASN B 892 27.48 -20.62 -10.89
N THR B 893 26.84 -20.18 -9.80
CA THR B 893 26.15 -21.06 -8.87
C THR B 893 25.06 -21.91 -9.57
N GLU B 894 24.16 -21.24 -10.29
CA GLU B 894 23.04 -21.88 -10.99
C GLU B 894 23.52 -22.88 -12.07
N VAL B 895 24.59 -22.57 -12.84
CA VAL B 895 25.17 -23.48 -13.86
C VAL B 895 25.68 -24.76 -13.17
N ALA B 896 26.49 -24.58 -12.10
CA ALA B 896 27.01 -25.66 -11.26
C ALA B 896 25.86 -26.55 -10.76
N TYR B 897 24.73 -25.95 -10.32
CA TYR B 897 23.55 -26.69 -9.84
C TYR B 897 22.84 -27.38 -11.02
N LEU B 898 22.71 -26.70 -12.16
CA LEU B 898 22.07 -27.22 -13.37
C LEU B 898 22.70 -28.54 -13.83
N LYS B 899 24.05 -28.66 -13.77
CA LYS B 899 24.80 -29.86 -14.19
C LYS B 899 24.55 -31.10 -13.29
N THR B 900 24.03 -30.89 -12.08
CA THR B 900 23.72 -31.96 -11.13
C THR B 900 22.26 -32.45 -11.31
N LEU B 901 21.53 -31.89 -12.29
CA LEU B 901 20.14 -32.29 -12.53
C LEU B 901 20.04 -33.52 -13.40
N THR B 902 19.06 -34.35 -13.09
CA THR B 902 18.79 -35.58 -13.82
C THR B 902 17.52 -35.38 -14.64
N LYS B 903 17.27 -36.31 -15.56
CA LYS B 903 16.08 -36.32 -16.40
C LYS B 903 14.88 -36.58 -15.50
N GLU B 904 15.08 -37.42 -14.46
CA GLU B 904 14.05 -37.78 -13.47
C GLU B 904 13.54 -36.54 -12.74
N ASP B 905 14.47 -35.67 -12.27
CA ASP B 905 14.20 -34.40 -11.59
C ASP B 905 13.19 -33.55 -12.39
N ILE B 906 13.39 -33.45 -13.71
CA ILE B 906 12.56 -32.69 -14.66
C ILE B 906 11.17 -33.34 -14.81
N ILE B 907 11.13 -34.68 -14.87
CA ILE B 907 9.91 -35.49 -14.94
C ILE B 907 9.08 -35.27 -13.65
N LYS B 908 9.75 -35.34 -12.47
CA LYS B 908 9.16 -35.12 -11.13
C LYS B 908 8.52 -33.73 -11.07
N PHE B 909 9.29 -32.68 -11.45
CA PHE B 909 8.88 -31.28 -11.48
C PHE B 909 7.70 -31.02 -12.41
N TYR B 910 7.76 -31.52 -13.67
CA TYR B 910 6.68 -31.34 -14.66
C TYR B 910 5.39 -31.97 -14.13
N LYS B 911 5.52 -33.13 -13.46
CA LYS B 911 4.41 -33.88 -12.90
C LYS B 911 3.79 -33.16 -11.73
N GLU B 912 4.61 -32.55 -10.85
CA GLU B 912 4.08 -31.84 -9.68
C GLU B 912 3.42 -30.48 -10.01
N MET B 913 4.01 -29.73 -10.95
CA MET B 913 3.63 -28.36 -11.25
C MET B 913 2.97 -28.07 -12.60
N LEU B 914 3.43 -28.69 -13.69
CA LEU B 914 3.00 -28.30 -15.03
C LEU B 914 2.00 -29.20 -15.77
N ALA B 915 1.96 -30.54 -15.51
CA ALA B 915 1.03 -31.44 -16.23
C ALA B 915 -0.43 -31.07 -16.00
N VAL B 916 -1.31 -31.37 -16.97
CA VAL B 916 -2.76 -31.11 -16.88
C VAL B 916 -3.34 -31.63 -15.54
N ASP B 917 -2.84 -32.79 -15.06
CA ASP B 917 -3.28 -33.40 -13.80
C ASP B 917 -2.34 -33.13 -12.62
N ALA B 918 -1.39 -32.16 -12.76
CA ALA B 918 -0.45 -31.80 -11.69
C ALA B 918 -1.17 -31.40 -10.40
N PRO B 919 -0.72 -31.86 -9.21
CA PRO B 919 -1.43 -31.48 -7.97
C PRO B 919 -1.28 -29.99 -7.62
N ARG B 920 -0.17 -29.35 -8.09
CA ARG B 920 0.13 -27.95 -7.83
C ARG B 920 0.10 -27.11 -9.11
N ARG B 921 -0.88 -27.38 -10.00
CA ARG B 921 -1.03 -26.64 -11.23
C ARG B 921 -1.68 -25.28 -10.94
N HIS B 922 -1.04 -24.18 -11.40
CA HIS B 922 -1.48 -22.81 -11.16
C HIS B 922 -1.54 -22.09 -12.50
N LYS B 923 -2.67 -22.28 -13.19
CA LYS B 923 -2.82 -21.75 -14.53
C LYS B 923 -3.65 -20.49 -14.56
N VAL B 924 -3.17 -19.53 -15.36
CA VAL B 924 -3.81 -18.26 -15.60
C VAL B 924 -3.58 -17.89 -17.04
N SER B 925 -4.69 -17.68 -17.75
CA SER B 925 -4.62 -17.34 -19.16
C SER B 925 -5.27 -15.99 -19.41
N VAL B 926 -4.72 -15.25 -20.36
CA VAL B 926 -5.30 -14.01 -20.82
C VAL B 926 -5.58 -14.21 -22.31
N HIS B 927 -6.86 -14.01 -22.71
CA HIS B 927 -7.39 -14.18 -24.07
C HIS B 927 -7.75 -12.84 -24.70
N VAL B 928 -7.05 -12.45 -25.76
CA VAL B 928 -7.33 -11.20 -26.46
C VAL B 928 -7.87 -11.54 -27.85
N LEU B 929 -9.18 -11.31 -28.05
CA LEU B 929 -9.89 -11.62 -29.29
C LEU B 929 -9.57 -10.66 -30.43
N ALA B 930 -9.64 -11.17 -31.67
CA ALA B 930 -9.42 -10.36 -32.88
C ALA B 930 -10.62 -9.43 -33.07
N ARG B 931 -10.40 -8.30 -33.78
CA ARG B 931 -11.35 -7.22 -34.10
C ARG B 931 -12.76 -7.71 -34.49
N GLU B 932 -12.84 -8.77 -35.33
CA GLU B 932 -14.08 -9.33 -35.85
C GLU B 932 -14.47 -10.67 -35.21
N MET B 933 -13.60 -11.24 -34.34
CA MET B 933 -13.75 -12.53 -33.64
C MET B 933 -14.96 -12.61 -32.72
N ASP B 934 -15.65 -13.77 -32.73
CA ASP B 934 -16.84 -14.06 -31.94
C ASP B 934 -16.51 -14.32 -30.46
N SER B 935 -17.23 -13.62 -29.55
CA SER B 935 -17.09 -13.73 -28.10
C SER B 935 -17.92 -14.88 -27.53
N LEU B 950 -3.36 -34.37 -36.23
CA LEU B 950 -2.88 -33.59 -35.09
C LEU B 950 -2.83 -34.42 -33.82
N SER B 951 -1.89 -34.09 -32.91
CA SER B 951 -1.72 -34.75 -31.62
C SER B 951 -2.96 -34.50 -30.74
N GLN B 952 -3.35 -35.50 -29.93
CA GLN B 952 -4.54 -35.44 -29.09
C GLN B 952 -4.39 -34.50 -27.86
N ALA B 953 -5.25 -33.45 -27.82
CA ALA B 953 -5.31 -32.47 -26.73
C ALA B 953 -5.96 -33.10 -25.48
N PRO B 954 -5.38 -32.93 -24.26
CA PRO B 954 -6.00 -33.55 -23.07
C PRO B 954 -7.33 -32.88 -22.69
N ALA B 955 -8.04 -33.47 -21.69
CA ALA B 955 -9.31 -32.93 -21.21
C ALA B 955 -9.05 -31.76 -20.27
N LEU B 956 -9.49 -30.56 -20.69
CA LEU B 956 -9.32 -29.33 -19.93
C LEU B 956 -10.55 -28.98 -19.11
N PRO B 957 -10.35 -28.62 -17.81
CA PRO B 957 -11.49 -28.27 -16.97
C PRO B 957 -12.14 -26.95 -17.37
N GLN B 958 -13.32 -26.66 -16.79
CA GLN B 958 -14.01 -25.40 -17.03
C GLN B 958 -13.25 -24.27 -16.32
N PRO B 959 -12.87 -23.20 -17.04
CA PRO B 959 -12.09 -22.15 -16.37
C PRO B 959 -12.92 -21.19 -15.53
N GLU B 960 -12.31 -20.65 -14.46
CA GLU B 960 -12.99 -19.62 -13.67
C GLU B 960 -12.75 -18.31 -14.42
N VAL B 961 -13.82 -17.69 -14.92
CA VAL B 961 -13.63 -16.47 -15.69
C VAL B 961 -13.59 -15.25 -14.73
N ILE B 962 -12.59 -14.36 -14.97
CA ILE B 962 -12.34 -13.14 -14.20
C ILE B 962 -13.10 -11.99 -14.85
N GLN B 963 -14.07 -11.42 -14.11
CA GLN B 963 -14.86 -10.30 -14.60
C GLN B 963 -14.30 -9.01 -14.06
N ASN B 964 -13.87 -9.04 -12.80
CA ASN B 964 -13.36 -7.90 -12.04
C ASN B 964 -12.00 -8.26 -11.43
N MET B 965 -10.94 -7.53 -11.83
CA MET B 965 -9.58 -7.75 -11.35
C MET B 965 -9.41 -7.53 -9.84
N THR B 966 -10.07 -6.50 -9.29
CA THR B 966 -10.02 -6.15 -7.86
C THR B 966 -10.48 -7.33 -7.01
N GLU B 967 -11.71 -7.83 -7.28
CA GLU B 967 -12.31 -8.98 -6.61
C GLU B 967 -11.43 -10.26 -6.76
N PHE B 968 -10.92 -10.55 -7.97
CA PHE B 968 -10.01 -11.67 -8.20
C PHE B 968 -8.82 -11.59 -7.20
N LYS B 969 -8.12 -10.44 -7.20
CA LYS B 969 -6.98 -10.14 -6.32
C LYS B 969 -7.34 -10.25 -4.84
N ARG B 970 -8.49 -9.66 -4.42
CA ARG B 970 -8.97 -9.69 -3.02
C ARG B 970 -9.19 -11.10 -2.50
N GLY B 971 -9.67 -11.98 -3.39
CA GLY B 971 -10.03 -13.36 -3.06
C GLY B 971 -8.90 -14.34 -2.94
N LEU B 972 -7.66 -13.90 -3.24
CA LEU B 972 -6.47 -14.75 -3.19
C LEU B 972 -5.38 -14.25 -2.24
N PRO B 973 -4.47 -15.15 -1.77
CA PRO B 973 -3.36 -14.68 -0.94
C PRO B 973 -2.29 -14.04 -1.83
N LEU B 974 -1.30 -13.42 -1.19
CA LEU B 974 -0.21 -12.79 -1.91
C LEU B 974 1.02 -13.49 -1.43
N PHE B 975 1.90 -13.80 -2.35
CA PHE B 975 3.15 -14.48 -2.02
C PHE B 975 4.08 -13.66 -1.13
N PRO B 976 5.09 -14.28 -0.46
CA PRO B 976 6.12 -13.47 0.22
C PRO B 976 7.00 -12.84 -0.86
N LEU B 977 7.94 -11.97 -0.43
CA LEU B 977 8.92 -11.35 -1.31
C LEU B 977 10.22 -12.07 -1.08
N VAL B 978 10.98 -12.32 -2.16
CA VAL B 978 12.26 -13.06 -2.12
C VAL B 978 13.26 -12.41 -1.15
N LYS B 979 13.91 -13.25 -0.34
CA LYS B 979 14.93 -12.81 0.61
C LYS B 979 16.22 -12.46 -0.14
N PRO B 980 16.76 -11.24 0.07
CA PRO B 980 17.97 -10.83 -0.67
C PRO B 980 19.22 -11.62 -0.28
N HIS B 981 20.08 -11.89 -1.28
CA HIS B 981 21.36 -12.57 -1.11
C HIS B 981 22.30 -11.59 -0.39
N ILE B 982 22.80 -11.96 0.80
CA ILE B 982 23.68 -11.09 1.58
C ILE B 982 25.11 -11.68 1.69
N ASN B 983 26.14 -10.79 1.62
CA ASN B 983 27.58 -11.09 1.68
C ASN B 983 27.99 -11.66 3.04
O1 2QX C . -17.43 20.41 33.77
C7 2QX C . -6.48 16.32 43.64
O2 2QX C . -10.61 13.21 44.36
C6 2QX C . -7.25 17.50 44.04
C1 2QX C . -4.00 18.77 47.30
N1 2QX C . -18.68 17.95 36.50
C5 2QX C . -5.66 18.10 45.67
C4 2QX C . -4.84 16.94 45.35
C3 2QX C . -3.59 16.73 46.05
C2 2QX C . -3.19 17.63 46.98
C42 2QX C . -10.24 12.37 43.56
O3 2QX C . -11.18 11.38 43.26
C43 2QX C . -12.50 11.28 43.83
N4 2QX C . -8.97 12.37 42.97
C41 2QX C . -8.00 13.40 43.30
C10 2QX C . -8.17 14.76 42.53
C9 2QX C . -6.85 15.52 42.42
C8 2QX C . -5.30 16.04 44.31
N 2QX C . -6.87 18.37 45.01
C 2QX C . -5.20 19.01 46.67
C11 2QX C . -8.94 14.54 41.25
C16 2QX C . -10.29 14.91 41.20
C15 2QX C . -11.07 14.57 40.09
C14 2QX C . -10.50 13.95 38.96
C13 2QX C . -9.15 13.60 38.93
C12 2QX C . -8.36 13.86 40.07
F 2QX C . -7.10 13.43 40.04
C17 2QX C . -12.55 14.72 40.20
C18 2QX C . -13.20 13.43 40.65
C19 2QX C . -14.60 13.57 41.19
C20 2QX C . -15.69 13.60 40.14
C21 2QX C . -16.94 14.35 40.56
C22 2QX C . -17.41 15.28 39.51
C27 2QX C . -17.40 16.65 39.71
C26 2QX C . -17.80 17.53 38.68
C25 2QX C . -18.20 17.02 37.43
C24 2QX C . -18.21 15.61 37.20
C23 2QX C . -17.84 14.76 38.24
C28 2QX C . -19.17 17.74 35.21
O 2QX C . -19.15 16.65 34.62
C29 2QX C . -19.77 18.97 34.46
C30 2QX C . -21.32 18.90 34.53
C35 2QX C . -21.99 20.03 33.74
C34 2QX C . -23.50 19.89 33.78
C33 2QX C . -24.02 19.91 35.22
C32 2QX C . -23.33 18.85 36.08
C31 2QX C . -21.81 18.95 35.99
N2 2QX C . -19.16 19.02 33.10
C40 2QX C . -19.58 18.17 31.97
C39 2QX C . -18.39 17.62 31.16
C38 2QX C . -17.37 18.72 30.80
C37 2QX C . -17.75 20.08 31.38
N3 2QX C . -16.68 21.06 31.24
C36 2QX C . -18.10 19.90 32.87
ZN ZN D . -11.01 -5.73 46.04
O1 2QX E . 17.58 15.43 -36.43
C7 2QX E . 7.20 10.21 -46.06
O2 2QX E . 10.10 6.76 -45.92
C6 2QX E . 7.70 11.40 -46.71
C1 2QX E . 4.10 11.28 -49.85
N1 2QX E . 18.97 12.67 -38.61
C5 2QX E . 5.91 11.33 -48.23
C4 2QX E . 5.39 10.12 -47.68
C3 2QX E . 4.19 9.51 -48.23
C2 2QX E . 3.58 10.10 -49.31
C42 2QX E . 9.72 6.09 -45.00
O3 2QX E . 10.59 5.14 -44.59
C43 2QX E . 11.97 5.10 -44.98
N4 2QX E . 8.42 6.17 -44.53
C41 2QX E . 7.66 7.34 -44.97
C10 2QX E . 8.48 8.63 -44.55
C9 2QX E . 7.70 9.89 -44.71
C8 2QX E . 6.10 9.57 -46.59
N 2QX E . 7.09 11.97 -47.75
C 2QX E . 5.21 11.91 -49.34
C11 2QX E . 9.11 8.50 -43.14
C16 2QX E . 10.44 8.93 -42.98
C15 2QX E . 11.16 8.68 -41.84
C14 2QX E . 10.54 8.02 -40.75
C13 2QX E . 9.20 7.62 -40.82
C12 2QX E . 8.48 7.85 -42.00
F 2QX E . 7.20 7.43 -42.03
C17 2QX E . 12.61 9.01 -41.80
C18 2QX E . 13.40 7.73 -41.82
C19 2QX E . 14.80 7.89 -42.33
C20 2QX E . 15.79 8.11 -41.25
C21 2QX E . 17.14 8.49 -41.81
C22 2QX E . 17.71 9.59 -41.03
C27 2QX E . 17.54 10.91 -41.44
C26 2QX E . 17.94 11.96 -40.62
C25 2QX E . 18.54 11.64 -39.38
C24 2QX E . 18.72 10.32 -38.99
C23 2QX E . 18.32 9.31 -39.81
C28 2QX E . 19.49 12.64 -37.36
O 2QX E . 19.55 11.64 -36.67
C29 2QX E . 19.99 13.96 -36.80
C30 2QX E . 21.53 13.97 -36.78
C35 2QX E . 22.09 15.31 -36.32
C34 2QX E . 23.62 15.26 -36.25
C33 2QX E . 24.23 14.87 -37.60
C32 2QX E . 23.63 13.58 -38.15
C31 2QX E . 22.10 13.64 -38.17
N2 2QX E . 19.29 14.13 -35.54
C40 2QX E . 19.70 13.42 -34.32
C39 2QX E . 18.51 12.95 -33.50
C38 2QX E . 17.59 14.12 -33.15
C37 2QX E . 17.89 15.36 -34.01
N3 2QX E . 16.84 16.35 -33.91
C36 2QX E . 18.23 15.00 -35.45
ZN ZN F . 11.51 -12.67 -44.90
#